data_6PP5
#
_entry.id   6PP5
#
_cell.length_a   1.00
_cell.length_b   1.00
_cell.length_c   1.00
_cell.angle_alpha   90.00
_cell.angle_beta   90.00
_cell.angle_gamma   90.00
#
_symmetry.space_group_name_H-M   'P 1'
#
loop_
_entity.id
_entity.type
_entity.pdbx_description
1 polymer 'ATP-dependent Clp protease ATP-binding subunit ClpX'
2 polymer 'substrate peptide'
3 non-polymer 'PHOSPHOTHIOPHOSPHORIC ACID-ADENYLATE ESTER'
4 non-polymer "ADENOSINE-5'-DIPHOSPHATE"
#
loop_
_entity_poly.entity_id
_entity_poly.type
_entity_poly.pdbx_seq_one_letter_code
_entity_poly.pdbx_strand_id
1 'polypeptide(L)'
;SALPTPHEIRNHLDDYVIGQEQAKKVLAVAVYNHYKRLRNGDTSNGVELGKSNILLIGPTGSGKTLLAETLARLLDVPFT
MADATTLTEAGYVGEDVENIIQKLLQKSDYDVQKAQRGIVYIDQIDKISRKSDNPSITRDVSGEGVQQALLKLIEGTVAA
VPPQGGRKHPQQEFLQVDTSKILFICGGAFAGLDKVISHRVETGSGIGFGATVKAKSDKASEGELLAQVEPEDLIKFGLI
PEFIGRLPVVATLNELSEEALIQILKEPKNALTKQYQALFNLEGVDLEFRDEALDAIAKKAMARKTGARGLRSIVEAALL
DTMYDLPSMEDVEKVVIDESVIDGQSEPLLIYGKPEAQQASGEGGGTSG
;
A,B,C,D,E,F
2 'polypeptide(L)' (UNK)(UNK)(UNK)(UNK)(UNK)(UNK)(UNK)(UNK)(UNK)(UNK)(UNK)(UNK) S
#
loop_
_chem_comp.id
_chem_comp.type
_chem_comp.name
_chem_comp.formula
ADP non-polymer ADENOSINE-5'-DIPHOSPHATE 'C10 H15 N5 O10 P2'
AGS non-polymer 'PHOSPHOTHIOPHOSPHORIC ACID-ADENYLATE ESTER' 'C10 H16 N5 O12 P3 S'
#
# COMPACT_ATOMS: atom_id res chain seq x y z
N ALA A 2 -23.33 10.62 49.51
CA ALA A 2 -22.54 9.50 50.03
C ALA A 2 -23.14 8.16 49.59
N LEU A 3 -23.74 8.15 48.41
CA LEU A 3 -24.37 6.95 47.87
C LEU A 3 -23.38 5.83 47.55
N PRO A 4 -22.21 6.11 46.94
CA PRO A 4 -21.30 5.00 46.65
C PRO A 4 -20.34 4.67 47.80
N THR A 5 -20.11 3.37 47.96
CA THR A 5 -19.21 2.85 48.99
C THR A 5 -18.26 1.86 48.31
N PRO A 6 -16.94 2.04 48.38
CA PRO A 6 -16.05 1.07 47.74
C PRO A 6 -16.14 -0.33 48.32
N HIS A 7 -16.47 -0.44 49.61
CA HIS A 7 -16.60 -1.77 50.21
C HIS A 7 -17.86 -2.46 49.74
N GLU A 8 -18.91 -1.70 49.44
CA GLU A 8 -20.19 -2.24 48.98
C GLU A 8 -20.22 -2.44 47.48
N ILE A 9 -19.59 -1.53 46.72
CA ILE A 9 -19.60 -1.65 45.26
C ILE A 9 -18.91 -2.93 44.82
N ARG A 10 -17.90 -3.39 45.59
CA ARG A 10 -17.22 -4.62 45.25
C ARG A 10 -18.11 -5.82 45.57
N ASN A 11 -18.95 -5.70 46.59
CA ASN A 11 -19.86 -6.79 46.95
C ASN A 11 -20.93 -6.98 45.90
N HIS A 12 -21.40 -5.88 45.30
CA HIS A 12 -22.46 -5.97 44.30
C HIS A 12 -21.94 -6.57 42.99
N LEU A 13 -20.74 -6.17 42.57
CA LEU A 13 -20.18 -6.74 41.34
C LEU A 13 -19.90 -8.23 41.50
N ASP A 14 -19.66 -8.69 42.73
CA ASP A 14 -19.41 -10.10 42.96
C ASP A 14 -20.62 -10.95 42.60
N ASP A 15 -21.82 -10.37 42.68
CA ASP A 15 -23.03 -11.12 42.37
C ASP A 15 -23.11 -11.44 40.88
N TYR A 16 -22.72 -10.50 40.03
CA TYR A 16 -22.79 -10.67 38.58
C TYR A 16 -21.45 -11.03 37.93
N VAL A 17 -20.33 -10.81 38.60
CA VAL A 17 -19.01 -11.08 38.04
C VAL A 17 -18.21 -11.92 39.03
N ILE A 18 -17.46 -12.88 38.49
CA ILE A 18 -16.65 -13.80 39.29
C ILE A 18 -15.31 -14.00 38.62
N GLY A 19 -14.27 -14.20 39.44
CA GLY A 19 -12.94 -14.51 38.95
C GLY A 19 -11.97 -13.35 38.84
N GLN A 20 -12.40 -12.11 39.07
CA GLN A 20 -11.52 -10.95 38.96
C GLN A 20 -11.65 -10.12 40.24
N GLU A 21 -10.82 -10.45 41.23
CA GLU A 21 -10.84 -9.73 42.50
C GLU A 21 -9.98 -8.47 42.47
N GLN A 22 -8.80 -8.54 41.87
CA GLN A 22 -7.92 -7.38 41.81
C GLN A 22 -8.53 -6.25 40.98
N ALA A 23 -9.14 -6.59 39.85
CA ALA A 23 -9.72 -5.56 38.99
C ALA A 23 -10.89 -4.85 39.67
N LYS A 24 -11.67 -5.56 40.48
CA LYS A 24 -12.81 -4.94 41.14
C LYS A 24 -12.36 -3.88 42.14
N LYS A 25 -11.22 -4.10 42.80
CA LYS A 25 -10.72 -3.12 43.75
C LYS A 25 -10.28 -1.84 43.04
N VAL A 26 -9.71 -1.97 41.86
CA VAL A 26 -9.23 -0.81 41.12
C VAL A 26 -10.39 0.08 40.68
N LEU A 27 -11.47 -0.52 40.20
CA LEU A 27 -12.61 0.27 39.75
C LEU A 27 -13.28 1.00 40.91
N ALA A 28 -13.34 0.37 42.08
CA ALA A 28 -13.96 1.01 43.23
C ALA A 28 -13.19 2.24 43.67
N VAL A 29 -11.87 2.21 43.55
CA VAL A 29 -11.05 3.36 43.96
C VAL A 29 -11.21 4.50 42.95
N ALA A 30 -11.07 4.20 41.67
CA ALA A 30 -11.18 5.24 40.64
C ALA A 30 -12.58 5.82 40.60
N VAL A 31 -13.60 4.96 40.71
CA VAL A 31 -14.98 5.45 40.66
C VAL A 31 -15.27 6.33 41.87
N TYR A 32 -14.82 5.91 43.05
CA TYR A 32 -15.05 6.71 44.25
C TYR A 32 -14.27 8.02 44.18
N ASN A 33 -13.05 7.98 43.63
CA ASN A 33 -12.25 9.19 43.50
C ASN A 33 -12.85 10.16 42.49
N HIS A 34 -13.58 9.65 41.50
CA HIS A 34 -14.18 10.51 40.50
C HIS A 34 -15.24 11.42 41.13
N TYR A 35 -16.16 10.84 41.89
CA TYR A 35 -17.20 11.66 42.52
C TYR A 35 -16.67 12.41 43.73
N LYS A 36 -15.66 11.86 44.40
CA LYS A 36 -15.06 12.58 45.52
C LYS A 36 -14.45 13.88 45.04
N ARG A 37 -13.89 13.87 43.83
CA ARG A 37 -13.31 15.07 43.24
C ARG A 37 -14.40 16.07 42.88
N LEU A 38 -15.43 15.62 42.15
CA LEU A 38 -16.50 16.52 41.74
C LEU A 38 -17.33 17.04 42.89
N ARG A 39 -17.24 16.43 44.08
CA ARG A 39 -17.97 16.95 45.22
C ARG A 39 -17.47 18.35 45.57
N ASN A 40 -16.15 18.53 45.51
CA ASN A 40 -15.48 19.81 45.75
C ASN A 40 -14.49 19.95 44.59
N GLY A 41 -14.94 20.55 43.49
CA GLY A 41 -14.09 20.68 42.32
C GLY A 41 -12.98 21.71 42.34
N ASP A 42 -11.74 21.23 42.38
CA ASP A 42 -10.54 22.08 42.33
C ASP A 42 -10.53 23.14 43.43
N THR A 43 -11.16 22.86 44.58
CA THR A 43 -11.19 23.79 45.70
C THR A 43 -10.17 23.47 46.77
N SER A 44 -9.64 22.25 46.78
CA SER A 44 -8.65 21.87 47.78
C SER A 44 -7.34 22.62 47.55
N ASN A 45 -6.43 22.47 48.50
CA ASN A 45 -5.14 23.15 48.40
C ASN A 45 -4.26 22.51 47.33
N GLY A 46 -4.38 21.20 47.11
CA GLY A 46 -3.57 20.53 46.11
C GLY A 46 -3.99 20.94 44.71
N VAL A 47 -3.09 21.62 44.00
CA VAL A 47 -3.34 22.09 42.64
C VAL A 47 -2.73 21.08 41.67
N GLU A 48 -3.27 21.05 40.45
CA GLU A 48 -2.82 20.14 39.39
C GLU A 48 -2.99 18.68 39.81
N LEU A 49 -4.20 18.34 40.23
CA LEU A 49 -4.49 16.97 40.65
C LEU A 49 -4.51 16.04 39.45
N GLY A 50 -4.01 14.82 39.64
CA GLY A 50 -3.99 13.84 38.57
C GLY A 50 -5.40 13.40 38.19
N LYS A 51 -5.65 13.34 36.89
CA LYS A 51 -6.96 12.93 36.41
C LYS A 51 -7.17 11.44 36.63
N SER A 52 -8.41 11.06 36.93
CA SER A 52 -8.78 9.69 37.20
C SER A 52 -9.54 9.10 36.02
N ASN A 53 -8.94 8.09 35.38
CA ASN A 53 -9.52 7.38 34.25
C ASN A 53 -9.30 5.90 34.50
N ILE A 54 -9.74 5.06 33.56
CA ILE A 54 -9.60 3.61 33.67
C ILE A 54 -9.18 3.05 32.32
N LEU A 55 -8.33 2.03 32.36
CA LEU A 55 -7.83 1.34 31.16
C LEU A 55 -7.95 -0.16 31.41
N LEU A 56 -9.02 -0.77 30.89
CA LEU A 56 -9.25 -2.20 31.06
C LEU A 56 -8.51 -2.98 30.01
N ILE A 57 -7.69 -3.94 30.45
CA ILE A 57 -6.90 -4.80 29.58
C ILE A 57 -7.08 -6.22 30.07
N GLY A 58 -7.61 -7.08 29.21
CA GLY A 58 -7.80 -8.47 29.55
C GLY A 58 -8.08 -9.33 28.33
N PRO A 59 -8.05 -10.64 28.49
CA PRO A 59 -8.31 -11.53 27.35
C PRO A 59 -9.79 -11.58 27.03
N THR A 60 -10.13 -12.41 26.05
CA THR A 60 -11.51 -12.58 25.63
C THR A 60 -12.31 -13.30 26.72
N GLY A 61 -13.58 -12.93 26.83
CA GLY A 61 -14.46 -13.56 27.80
C GLY A 61 -14.08 -13.38 29.24
N SER A 62 -13.23 -12.39 29.54
CA SER A 62 -12.80 -12.16 30.91
C SER A 62 -13.79 -11.31 31.70
N GLY A 63 -14.77 -10.71 31.04
CA GLY A 63 -15.77 -9.89 31.70
C GLY A 63 -15.58 -8.39 31.59
N LYS A 64 -14.82 -7.92 30.59
CA LYS A 64 -14.63 -6.49 30.42
C LYS A 64 -15.95 -5.80 30.11
N THR A 65 -16.67 -6.31 29.12
CA THR A 65 -17.96 -5.74 28.75
C THR A 65 -18.99 -5.94 29.85
N LEU A 66 -18.83 -6.98 30.67
CA LEU A 66 -19.78 -7.25 31.73
C LEU A 66 -19.69 -6.21 32.84
N LEU A 67 -18.48 -5.81 33.20
CA LEU A 67 -18.32 -4.81 34.26
C LEU A 67 -18.96 -3.48 33.86
N ALA A 68 -18.89 -3.14 32.57
CA ALA A 68 -19.47 -1.89 32.11
C ALA A 68 -20.99 -1.90 32.24
N GLU A 69 -21.62 -3.05 31.98
CA GLU A 69 -23.07 -3.13 32.04
C GLU A 69 -23.57 -3.31 33.48
N THR A 70 -22.92 -4.19 34.24
CA THR A 70 -23.33 -4.40 35.63
C THR A 70 -23.12 -3.15 36.47
N LEU A 71 -22.09 -2.38 36.15
CA LEU A 71 -21.82 -1.16 36.91
C LEU A 71 -22.91 -0.13 36.69
N ALA A 72 -23.37 0.03 35.45
CA ALA A 72 -24.39 1.01 35.15
C ALA A 72 -25.72 0.69 35.83
N ARG A 73 -26.05 -0.59 35.96
CA ARG A 73 -27.30 -0.96 36.63
C ARG A 73 -27.26 -0.54 38.10
N LEU A 74 -26.16 -0.86 38.78
CA LEU A 74 -26.01 -0.48 40.17
C LEU A 74 -25.89 1.03 40.32
N LEU A 75 -25.28 1.70 39.35
CA LEU A 75 -25.07 3.14 39.39
C LEU A 75 -26.33 3.90 38.98
N ASP A 76 -26.39 5.16 39.43
CA ASP A 76 -27.52 6.06 39.18
C ASP A 76 -27.31 6.92 37.93
N VAL A 77 -26.12 7.47 37.75
CA VAL A 77 -25.82 8.34 36.61
C VAL A 77 -25.95 7.52 35.33
N PRO A 78 -26.21 8.13 34.18
CA PRO A 78 -26.38 7.33 32.96
C PRO A 78 -25.08 6.69 32.51
N PHE A 79 -25.22 5.80 31.53
CA PHE A 79 -24.11 5.06 30.98
C PHE A 79 -24.32 4.84 29.49
N THR A 80 -23.21 4.81 28.75
CA THR A 80 -23.24 4.60 27.31
C THR A 80 -22.24 3.50 26.98
N MET A 81 -22.51 2.80 25.88
CA MET A 81 -21.67 1.70 25.40
C MET A 81 -21.43 1.95 23.91
N ALA A 82 -20.27 2.51 23.60
CA ALA A 82 -19.90 2.83 22.23
C ALA A 82 -18.92 1.79 21.71
N ASP A 83 -18.44 2.02 20.49
CA ASP A 83 -17.51 1.13 19.83
C ASP A 83 -16.62 1.97 18.91
N ALA A 84 -15.35 1.62 18.86
CA ALA A 84 -14.38 2.33 18.04
C ALA A 84 -14.29 1.79 16.62
N THR A 85 -15.06 0.76 16.29
CA THR A 85 -15.00 0.19 14.95
C THR A 85 -15.76 1.02 13.93
N THR A 86 -16.90 1.60 14.32
CA THR A 86 -17.71 2.40 13.43
C THR A 86 -17.33 3.89 13.42
N LEU A 87 -16.32 4.29 14.19
CA LEU A 87 -15.94 5.70 14.23
C LEU A 87 -15.05 6.08 13.06
N THR A 88 -15.35 7.21 12.44
CA THR A 88 -14.61 7.76 11.32
C THR A 88 -14.24 9.21 11.65
N GLU A 89 -13.53 9.86 10.74
CA GLU A 89 -13.08 11.23 10.90
C GLU A 89 -13.50 12.09 9.72
N ALA A 90 -13.51 13.39 9.97
CA ALA A 90 -13.86 14.40 8.96
C ALA A 90 -15.30 14.27 8.49
N GLY A 91 -16.20 13.87 9.38
CA GLY A 91 -17.61 13.77 9.02
C GLY A 91 -17.93 12.81 7.90
N TYR A 92 -17.23 11.69 7.82
CA TYR A 92 -17.50 10.74 6.75
C TYR A 92 -18.82 10.02 7.03
N VAL A 93 -19.18 9.11 6.12
CA VAL A 93 -20.44 8.39 6.20
C VAL A 93 -20.54 7.45 7.39
N GLY A 94 -19.41 6.96 7.91
CA GLY A 94 -19.51 6.00 9.00
C GLY A 94 -20.07 6.50 10.32
N GLU A 95 -19.36 7.41 10.99
CA GLU A 95 -19.82 7.94 12.26
C GLU A 95 -18.89 9.06 12.69
N ASP A 96 -19.38 9.90 13.60
CA ASP A 96 -18.61 11.00 14.17
C ASP A 96 -18.46 10.78 15.67
N VAL A 97 -17.44 11.43 16.24
CA VAL A 97 -17.19 11.28 17.67
C VAL A 97 -18.28 11.96 18.50
N GLU A 98 -18.90 13.01 17.95
CA GLU A 98 -19.94 13.72 18.68
C GLU A 98 -21.17 12.87 18.93
N ASN A 99 -21.33 11.76 18.21
CA ASN A 99 -22.49 10.89 18.42
C ASN A 99 -22.48 10.30 19.82
N ILE A 100 -21.30 10.11 20.41
CA ILE A 100 -21.22 9.55 21.77
C ILE A 100 -21.86 10.52 22.76
N ILE A 101 -21.70 11.82 22.51
CA ILE A 101 -22.29 12.81 23.40
C ILE A 101 -23.79 12.89 23.16
N GLN A 102 -24.23 12.70 21.92
CA GLN A 102 -25.65 12.76 21.62
C GLN A 102 -26.39 11.61 22.30
N LYS A 103 -25.84 10.40 22.23
CA LYS A 103 -26.49 9.26 22.87
C LYS A 103 -26.53 9.42 24.38
N LEU A 104 -25.55 10.10 24.95
CA LEU A 104 -25.51 10.31 26.39
C LEU A 104 -26.69 11.16 26.85
N LEU A 105 -27.04 12.19 26.08
CA LEU A 105 -28.14 13.06 26.45
C LEU A 105 -29.47 12.33 26.37
N GLN A 106 -29.63 11.42 25.39
CA GLN A 106 -30.86 10.65 25.30
C GLN A 106 -31.10 9.85 26.56
N LYS A 107 -30.02 9.32 27.15
CA LYS A 107 -30.13 8.57 28.39
C LYS A 107 -30.41 9.49 29.56
N SER A 108 -29.88 10.72 29.51
CA SER A 108 -30.06 11.71 30.56
C SER A 108 -31.22 12.66 30.30
N ASP A 109 -31.88 12.56 29.14
CA ASP A 109 -33.02 13.41 28.78
C ASP A 109 -32.61 14.88 28.68
N TYR A 110 -31.42 15.11 28.12
CA TYR A 110 -30.90 16.46 27.89
C TYR A 110 -30.70 17.24 29.19
N ASP A 111 -30.00 16.61 30.13
CA ASP A 111 -29.67 17.22 31.43
C ASP A 111 -28.15 17.37 31.46
N VAL A 112 -27.68 18.59 31.16
CA VAL A 112 -26.24 18.85 31.13
C VAL A 112 -25.62 18.67 32.51
N GLN A 113 -26.31 19.16 33.55
CA GLN A 113 -25.77 19.02 34.90
C GLN A 113 -25.65 17.55 35.30
N LYS A 114 -26.56 16.71 34.82
CA LYS A 114 -26.52 15.28 35.11
C LYS A 114 -25.65 14.51 34.12
N ALA A 115 -25.45 15.07 32.92
CA ALA A 115 -24.65 14.39 31.90
C ALA A 115 -23.16 14.53 32.16
N GLN A 116 -22.72 15.65 32.73
CA GLN A 116 -21.29 15.83 33.00
C GLN A 116 -20.79 14.81 34.01
N ARG A 117 -21.67 14.30 34.88
CA ARG A 117 -21.32 13.28 35.85
C ARG A 117 -21.55 11.87 35.31
N GLY A 118 -21.64 11.72 33.99
CA GLY A 118 -21.87 10.42 33.39
C GLY A 118 -20.60 9.63 33.19
N ILE A 119 -20.79 8.38 32.78
CA ILE A 119 -19.72 7.44 32.53
C ILE A 119 -19.69 7.11 31.05
N VAL A 120 -18.50 6.82 30.54
CA VAL A 120 -18.29 6.49 29.14
C VAL A 120 -17.48 5.20 29.06
N TYR A 121 -17.85 4.33 28.13
CA TYR A 121 -17.18 3.06 27.91
C TYR A 121 -17.02 2.84 26.42
N ILE A 122 -15.86 2.34 26.04
CA ILE A 122 -15.52 2.06 24.64
C ILE A 122 -14.95 0.66 24.55
N ASP A 123 -15.32 -0.05 23.47
CA ASP A 123 -14.88 -1.41 23.23
C ASP A 123 -14.05 -1.47 21.96
N GLN A 124 -13.16 -2.47 21.91
CA GLN A 124 -12.29 -2.71 20.77
C GLN A 124 -11.37 -1.53 20.47
N ILE A 125 -10.72 -1.03 21.52
CA ILE A 125 -9.77 0.07 21.36
C ILE A 125 -8.56 -0.33 20.52
N ASP A 126 -8.30 -1.62 20.37
CA ASP A 126 -7.16 -2.05 19.56
C ASP A 126 -7.34 -1.74 18.08
N LYS A 127 -8.58 -1.60 17.62
CA LYS A 127 -8.84 -1.34 16.21
C LYS A 127 -8.26 0.01 15.76
N ILE A 128 -8.21 0.98 16.66
CA ILE A 128 -7.71 2.31 16.32
C ILE A 128 -6.19 2.39 16.46
N SER A 129 -5.53 1.26 16.70
CA SER A 129 -4.09 1.25 16.85
C SER A 129 -3.43 1.66 15.54
N ARG A 130 -2.35 2.44 15.66
CA ARG A 130 -1.63 2.93 14.49
C ARG A 130 -1.10 1.78 13.64
N LYS A 131 -1.19 1.96 12.32
CA LYS A 131 -0.72 0.99 11.34
C LYS A 131 0.09 1.73 10.29
N SER A 132 0.97 1.00 9.61
CA SER A 132 1.78 1.60 8.57
C SER A 132 0.92 1.95 7.37
N ASP A 133 1.33 2.97 6.64
CA ASP A 133 0.58 3.43 5.48
C ASP A 133 0.51 2.34 4.41
N ASN A 134 -0.68 2.17 3.85
CA ASN A 134 -0.92 1.16 2.82
C ASN A 134 -0.84 1.80 1.44
N ARG A 139 -6.49 6.38 2.00
CA ARG A 139 -6.06 6.99 3.25
C ARG A 139 -6.56 6.19 4.44
N ASP A 140 -5.83 6.28 5.55
CA ASP A 140 -6.16 5.58 6.79
C ASP A 140 -6.92 6.53 7.69
N VAL A 141 -8.24 6.42 7.70
CA VAL A 141 -9.08 7.27 8.53
C VAL A 141 -9.33 6.65 9.90
N SER A 142 -9.47 5.33 9.96
CA SER A 142 -9.69 4.62 11.22
C SER A 142 -8.33 4.37 11.86
N GLY A 143 -7.83 5.40 12.54
CA GLY A 143 -6.52 5.34 13.16
C GLY A 143 -6.23 6.57 13.98
N GLU A 144 -4.99 7.07 13.88
CA GLU A 144 -4.50 8.26 14.57
C GLU A 144 -5.52 9.39 14.63
N GLY A 145 -6.17 9.68 13.50
CA GLY A 145 -7.16 10.74 13.47
C GLY A 145 -8.25 10.58 14.52
N VAL A 146 -8.77 9.35 14.67
CA VAL A 146 -9.81 9.12 15.66
C VAL A 146 -9.23 9.33 17.07
N GLN A 147 -8.00 8.89 17.29
CA GLN A 147 -7.38 9.04 18.60
C GLN A 147 -7.24 10.52 18.97
N GLN A 148 -6.96 11.37 17.98
CA GLN A 148 -6.80 12.80 18.26
C GLN A 148 -8.12 13.39 18.74
N ALA A 149 -9.23 13.01 18.12
CA ALA A 149 -10.53 13.53 18.55
C ALA A 149 -10.84 13.11 19.98
N LEU A 150 -10.57 11.84 20.30
CA LEU A 150 -10.81 11.36 21.66
C LEU A 150 -9.83 11.98 22.65
N LEU A 151 -8.60 12.26 22.20
CA LEU A 151 -7.61 12.84 23.09
C LEU A 151 -8.01 14.25 23.51
N LYS A 152 -8.40 15.08 22.55
CA LYS A 152 -8.83 16.43 22.90
C LYS A 152 -10.15 16.38 23.67
N LEU A 153 -10.94 15.33 23.44
CA LEU A 153 -12.21 15.17 24.15
C LEU A 153 -11.98 14.71 25.59
N ILE A 154 -10.95 13.88 25.80
CA ILE A 154 -10.64 13.39 27.14
C ILE A 154 -9.96 14.47 27.96
N GLU A 155 -9.00 15.18 27.37
CA GLU A 155 -8.28 16.25 28.06
C GLU A 155 -9.18 17.38 28.56
N GLY A 156 -10.44 17.42 28.13
CA GLY A 156 -11.39 18.44 28.54
C GLY A 156 -11.53 19.52 27.51
N THR A 157 -12.75 19.66 26.99
CA THR A 157 -13.10 20.64 25.98
C THR A 157 -14.61 20.71 25.93
N VAL A 158 -15.15 21.45 24.96
CA VAL A 158 -16.58 21.59 24.76
C VAL A 158 -16.89 21.28 23.30
N ALA A 159 -17.98 20.55 23.08
CA ALA A 159 -18.39 20.12 21.75
C ALA A 159 -19.79 20.60 21.44
N ALA A 160 -20.00 21.05 20.21
CA ALA A 160 -21.31 21.51 19.77
C ALA A 160 -22.25 20.31 19.67
N VAL A 161 -23.44 20.46 20.23
CA VAL A 161 -24.45 19.39 20.21
C VAL A 161 -25.81 19.99 19.88
N PRO A 162 -26.44 19.67 18.75
CA PRO A 162 -27.77 20.23 18.47
C PRO A 162 -28.78 19.77 19.50
N PRO A 163 -29.38 20.67 20.29
CA PRO A 163 -30.34 20.20 21.29
C PRO A 163 -31.64 19.77 20.64
N GLN A 164 -32.02 18.51 20.88
CA GLN A 164 -33.24 17.87 20.37
C GLN A 164 -33.20 17.59 18.87
N GLY A 165 -32.13 17.96 18.17
CA GLY A 165 -32.06 17.71 16.74
C GLY A 165 -32.98 18.61 15.95
N GLU A 173 -28.65 26.46 16.44
CA GLU A 173 -27.91 26.63 17.69
C GLU A 173 -27.39 25.29 18.19
N PHE A 174 -26.35 25.35 19.02
CA PHE A 174 -25.74 24.16 19.60
C PHE A 174 -25.36 24.44 21.05
N LEU A 175 -25.37 23.39 21.86
CA LEU A 175 -25.04 23.48 23.28
C LEU A 175 -23.60 23.06 23.52
N GLN A 176 -22.94 23.75 24.45
CA GLN A 176 -21.58 23.45 24.85
C GLN A 176 -21.65 22.60 26.11
N VAL A 177 -20.90 21.50 26.12
CA VAL A 177 -20.88 20.55 27.23
C VAL A 177 -19.44 20.22 27.57
N ASP A 178 -18.95 20.78 28.68
CA ASP A 178 -17.60 20.49 29.15
C ASP A 178 -17.43 18.98 29.33
N THR A 179 -16.17 18.52 29.24
CA THR A 179 -15.85 17.11 29.37
C THR A 179 -14.69 16.82 30.31
N SER A 180 -14.08 17.84 30.91
CA SER A 180 -13.00 17.59 31.87
C SER A 180 -13.51 16.87 33.11
N LYS A 181 -14.81 16.91 33.37
CA LYS A 181 -15.43 16.26 34.53
C LYS A 181 -16.04 14.90 34.20
N ILE A 182 -16.12 14.53 32.93
CA ILE A 182 -16.71 13.26 32.52
C ILE A 182 -15.65 12.18 32.53
N LEU A 183 -16.03 11.00 33.01
CA LEU A 183 -15.12 9.86 33.08
C LEU A 183 -15.14 9.10 31.77
N PHE A 184 -14.03 8.42 31.48
CA PHE A 184 -13.87 7.62 30.28
C PHE A 184 -13.25 6.29 30.65
N ILE A 185 -13.77 5.21 30.05
CA ILE A 185 -13.28 3.86 30.29
C ILE A 185 -12.92 3.27 28.94
N CYS A 186 -11.64 3.39 28.56
CA CYS A 186 -11.16 2.79 27.32
C CYS A 186 -10.73 1.37 27.66
N GLY A 187 -11.40 0.40 27.06
CA GLY A 187 -11.12 -0.99 27.36
C GLY A 187 -11.36 -1.90 26.18
N GLY A 188 -10.54 -2.94 26.08
CA GLY A 188 -10.68 -3.90 25.02
C GLY A 188 -9.71 -5.05 25.20
N ALA A 189 -9.56 -5.83 24.15
CA ALA A 189 -8.69 -7.00 24.13
C ALA A 189 -7.51 -6.73 23.21
N PHE A 190 -6.32 -6.65 23.78
CA PHE A 190 -5.11 -6.42 23.00
C PHE A 190 -4.56 -7.78 22.56
N ALA A 191 -4.19 -7.87 21.28
CA ALA A 191 -3.67 -9.10 20.70
C ALA A 191 -2.18 -8.95 20.47
N GLY A 192 -1.41 -9.96 20.88
CA GLY A 192 0.02 -9.94 20.71
C GLY A 192 0.76 -9.09 21.73
N LEU A 193 0.08 -8.53 22.72
CA LEU A 193 0.75 -7.73 23.72
C LEU A 193 1.68 -8.57 24.57
N ASP A 194 1.31 -9.84 24.79
CA ASP A 194 2.16 -10.72 25.59
C ASP A 194 3.52 -10.93 24.94
N LYS A 195 3.55 -10.97 23.61
CA LYS A 195 4.81 -11.17 22.90
C LYS A 195 5.74 -9.97 23.08
N VAL A 196 5.18 -8.76 23.10
CA VAL A 196 6.00 -7.57 23.24
C VAL A 196 6.64 -7.53 24.63
N ILE A 197 5.87 -7.89 25.66
CA ILE A 197 6.39 -7.88 27.01
C ILE A 197 7.43 -9.00 27.19
N SER A 198 7.26 -10.11 26.47
CA SER A 198 8.19 -11.22 26.61
C SER A 198 9.59 -10.84 26.19
N HIS A 199 9.72 -10.07 25.11
CA HIS A 199 11.05 -9.66 24.64
C HIS A 199 11.78 -8.84 25.69
N ARG A 200 11.08 -7.91 26.33
CA ARG A 200 11.69 -7.05 27.34
C ARG A 200 12.08 -7.80 28.60
N VAL A 201 11.18 -8.66 29.09
CA VAL A 201 11.41 -9.35 30.37
C VAL A 201 12.27 -10.60 30.22
N GLU A 202 12.13 -11.35 29.12
CA GLU A 202 12.88 -12.60 28.98
C GLU A 202 14.39 -12.39 29.00
N THR A 203 14.88 -11.45 28.19
CA THR A 203 16.31 -11.12 28.13
C THR A 203 17.17 -12.36 27.83
N GLY A 204 16.65 -13.28 27.02
CA GLY A 204 17.38 -14.48 26.66
C GLY A 204 17.38 -15.54 27.74
N SER A 205 18.06 -16.65 27.41
CA SER A 205 18.19 -17.80 28.31
C SER A 205 19.57 -18.42 28.18
N GLY A 206 20.15 -18.85 29.31
CA GLY A 206 21.45 -19.48 29.30
C GLY A 206 21.41 -20.91 28.77
N ILE A 207 22.58 -21.38 28.34
CA ILE A 207 22.73 -22.71 27.77
C ILE A 207 23.58 -23.65 28.63
N GLY A 208 24.38 -23.14 29.55
CA GLY A 208 25.27 -23.98 30.34
C GLY A 208 24.56 -24.75 31.44
N PHE A 209 25.38 -25.47 32.23
CA PHE A 209 24.85 -26.30 33.31
C PHE A 209 24.15 -25.44 34.37
N GLY A 210 24.85 -24.42 34.88
CA GLY A 210 24.29 -23.55 35.90
C GLY A 210 23.17 -22.66 35.42
N ALA A 211 22.99 -22.53 34.11
CA ALA A 211 21.95 -21.66 33.58
C ALA A 211 20.56 -22.19 33.96
N THR A 212 19.58 -21.29 33.89
CA THR A 212 18.19 -21.60 34.20
C THR A 212 17.58 -22.34 33.02
N VAL A 213 17.47 -23.66 33.13
CA VAL A 213 16.86 -24.44 32.06
C VAL A 213 15.42 -24.01 31.88
N LYS A 214 15.01 -23.80 30.63
CA LYS A 214 13.68 -23.36 30.29
C LYS A 214 12.84 -24.49 29.71
N ALA A 215 11.59 -24.57 30.15
CA ALA A 215 10.65 -25.56 29.65
C ALA A 215 9.99 -24.98 28.41
N LYS A 216 8.94 -25.64 27.90
CA LYS A 216 8.26 -25.12 26.72
C LYS A 216 7.70 -23.72 26.98
N SER A 217 6.93 -23.55 28.06
CA SER A 217 6.38 -22.23 28.39
C SER A 217 6.12 -22.19 29.90
N ASP A 218 7.01 -21.52 30.63
CA ASP A 218 6.86 -21.34 32.07
C ASP A 218 6.26 -19.98 32.42
N LYS A 219 6.20 -19.05 31.48
CA LYS A 219 5.66 -17.72 31.69
C LYS A 219 4.53 -17.36 30.74
N ALA A 220 4.12 -18.26 29.84
CA ALA A 220 3.04 -17.97 28.90
C ALA A 220 1.70 -18.03 29.64
N SER A 221 1.49 -17.03 30.48
CA SER A 221 0.29 -16.89 31.28
C SER A 221 0.03 -15.40 31.43
N GLU A 222 -1.17 -14.96 31.06
CA GLU A 222 -1.52 -13.55 31.18
C GLU A 222 -1.29 -13.06 32.61
N GLY A 223 -1.64 -13.88 33.59
CA GLY A 223 -1.34 -13.55 34.97
C GLY A 223 0.15 -13.69 35.18
N GLU A 224 0.73 -12.73 35.89
CA GLU A 224 2.16 -12.60 36.19
C GLU A 224 2.91 -12.06 34.97
N LEU A 225 2.23 -11.77 33.86
CA LEU A 225 2.83 -11.22 32.65
C LEU A 225 2.28 -9.85 32.29
N LEU A 226 1.00 -9.61 32.54
CA LEU A 226 0.38 -8.32 32.26
C LEU A 226 0.52 -7.36 33.43
N ALA A 227 0.68 -7.86 34.65
CA ALA A 227 0.85 -6.99 35.81
C ALA A 227 2.12 -6.17 35.69
N GLN A 228 3.14 -6.71 35.02
CA GLN A 228 4.42 -6.03 34.84
C GLN A 228 4.42 -5.13 33.60
N VAL A 229 3.25 -4.81 33.05
CA VAL A 229 3.19 -3.96 31.87
C VAL A 229 3.53 -2.52 32.25
N GLU A 230 3.82 -1.72 31.23
CA GLU A 230 4.18 -0.32 31.39
C GLU A 230 3.58 0.47 30.25
N PRO A 231 3.49 1.80 30.38
CA PRO A 231 2.93 2.60 29.28
C PRO A 231 3.76 2.55 28.01
N GLU A 232 5.08 2.42 28.13
CA GLU A 232 5.94 2.37 26.96
C GLU A 232 5.66 1.13 26.12
N ASP A 233 5.17 0.06 26.74
CA ASP A 233 4.88 -1.17 26.00
C ASP A 233 3.73 -0.95 25.02
N LEU A 234 2.74 -0.16 25.42
CA LEU A 234 1.59 0.10 24.55
C LEU A 234 1.96 0.97 23.35
N ILE A 235 3.05 1.73 23.43
CA ILE A 235 3.45 2.59 22.32
C ILE A 235 3.81 1.74 21.12
N LYS A 236 4.48 0.61 21.35
CA LYS A 236 4.85 -0.28 20.25
C LYS A 236 3.62 -0.91 19.62
N PHE A 237 2.50 -0.99 20.37
CA PHE A 237 1.29 -1.58 19.82
C PHE A 237 0.67 -0.69 18.75
N GLY A 238 0.75 0.62 18.92
CA GLY A 238 0.19 1.56 17.96
C GLY A 238 -0.46 2.78 18.59
N LEU A 239 -0.74 2.72 19.89
CA LEU A 239 -1.37 3.86 20.55
C LEU A 239 -0.42 5.03 20.68
N ILE A 240 -0.99 6.21 20.89
CA ILE A 240 -0.26 7.45 21.03
C ILE A 240 0.20 7.60 22.47
N PRO A 241 1.43 8.06 22.75
CA PRO A 241 1.82 8.20 24.17
C PRO A 241 1.00 9.23 24.92
N GLU A 242 0.63 10.33 24.25
CA GLU A 242 -0.17 11.37 24.90
C GLU A 242 -1.53 10.82 25.32
N PHE A 243 -2.08 9.89 24.54
CA PHE A 243 -3.37 9.30 24.88
C PHE A 243 -3.25 8.45 26.13
N ILE A 244 -2.15 7.71 26.25
CA ILE A 244 -1.95 6.85 27.42
C ILE A 244 -1.59 7.69 28.64
N GLY A 245 -0.94 8.84 28.43
CA GLY A 245 -0.57 9.68 29.55
C GLY A 245 -1.77 10.17 30.33
N ARG A 246 -2.91 10.34 29.65
CA ARG A 246 -4.14 10.78 30.29
C ARG A 246 -4.86 9.66 31.03
N LEU A 247 -4.35 8.43 31.00
CA LEU A 247 -4.95 7.27 31.67
C LEU A 247 -3.88 6.60 32.52
N PRO A 248 -3.56 7.15 33.69
CA PRO A 248 -2.54 6.51 34.53
C PRO A 248 -3.00 5.20 35.12
N VAL A 249 -4.30 4.96 35.21
CA VAL A 249 -4.83 3.74 35.80
C VAL A 249 -4.83 2.62 34.75
N VAL A 250 -4.62 1.41 35.23
CA VAL A 250 -4.62 0.21 34.40
C VAL A 250 -5.25 -0.91 35.20
N ALA A 251 -5.97 -1.79 34.50
CA ALA A 251 -6.65 -2.93 35.12
C ALA A 251 -6.24 -4.17 34.33
N THR A 252 -5.51 -5.06 35.00
CA THR A 252 -5.02 -6.29 34.41
C THR A 252 -5.88 -7.46 34.88
N LEU A 253 -6.46 -8.18 33.92
CA LEU A 253 -7.29 -9.34 34.21
C LEU A 253 -6.54 -10.62 33.87
N ASN A 254 -6.87 -11.67 34.61
CA ASN A 254 -6.26 -12.99 34.42
C ASN A 254 -7.27 -13.94 33.78
N GLU A 255 -6.74 -14.99 33.17
CA GLU A 255 -7.61 -16.00 32.57
C GLU A 255 -8.44 -16.65 33.66
N LEU A 256 -9.72 -16.89 33.37
CA LEU A 256 -10.62 -17.49 34.35
C LEU A 256 -10.10 -18.83 34.84
N SER A 257 -10.23 -19.05 36.14
CA SER A 257 -9.81 -20.29 36.77
C SER A 257 -10.83 -21.38 36.48
N GLU A 258 -10.34 -22.63 36.46
CA GLU A 258 -11.22 -23.76 36.21
C GLU A 258 -12.31 -23.85 37.27
N GLU A 259 -11.94 -23.64 38.54
CA GLU A 259 -12.94 -23.66 39.60
C GLU A 259 -13.92 -22.51 39.44
N ALA A 260 -13.44 -21.35 39.00
CA ALA A 260 -14.30 -20.18 38.82
C ALA A 260 -15.38 -20.45 37.78
N LEU A 261 -15.03 -21.15 36.70
CA LEU A 261 -16.00 -21.46 35.65
C LEU A 261 -17.18 -22.24 36.20
N ILE A 262 -16.92 -23.19 37.09
CA ILE A 262 -17.98 -23.97 37.71
C ILE A 262 -19.02 -23.05 38.34
N GLN A 263 -18.55 -22.10 39.15
CA GLN A 263 -19.44 -21.14 39.80
C GLN A 263 -20.30 -20.40 38.79
N ILE A 264 -19.75 -20.10 37.61
CA ILE A 264 -20.50 -19.36 36.60
C ILE A 264 -21.71 -20.17 36.12
N LEU A 265 -21.60 -21.49 36.16
CA LEU A 265 -22.67 -22.36 35.70
C LEU A 265 -23.72 -22.69 36.75
N LYS A 266 -23.48 -22.36 38.03
CA LYS A 266 -24.39 -22.68 39.11
C LYS A 266 -25.02 -21.47 39.78
N GLU A 267 -24.23 -20.49 40.20
CA GLU A 267 -24.77 -19.34 40.93
C GLU A 267 -25.49 -18.32 40.05
N PRO A 268 -24.92 -17.89 38.92
CA PRO A 268 -25.62 -16.91 38.08
C PRO A 268 -26.94 -17.47 37.54
N LYS A 269 -27.96 -16.61 37.54
CA LYS A 269 -29.27 -17.01 37.03
C LYS A 269 -29.23 -17.27 35.53
N ASN A 270 -28.33 -16.59 34.80
CA ASN A 270 -28.20 -16.75 33.37
C ASN A 270 -27.16 -17.81 33.00
N ALA A 271 -26.91 -18.76 33.89
CA ALA A 271 -25.96 -19.82 33.62
C ALA A 271 -26.44 -20.70 32.46
N LEU A 272 -25.49 -21.28 31.73
CA LEU A 272 -25.84 -22.13 30.60
C LEU A 272 -26.65 -23.34 31.06
N THR A 273 -26.33 -23.87 32.25
CA THR A 273 -27.09 -25.00 32.77
C THR A 273 -28.54 -24.62 32.98
N LYS A 274 -28.77 -23.44 33.59
CA LYS A 274 -30.14 -22.99 33.81
C LYS A 274 -30.83 -22.67 32.49
N GLN A 275 -30.08 -22.25 31.49
CA GLN A 275 -30.68 -21.95 30.18
C GLN A 275 -31.24 -23.21 29.54
N TYR A 276 -30.39 -24.24 29.42
CA TYR A 276 -30.86 -25.49 28.82
C TYR A 276 -31.85 -26.22 29.73
N GLN A 277 -31.77 -25.98 31.04
CA GLN A 277 -32.73 -26.62 31.95
C GLN A 277 -34.14 -26.17 31.62
N ALA A 278 -34.34 -24.85 31.45
CA ALA A 278 -35.64 -24.33 31.07
C ALA A 278 -36.00 -24.73 29.64
N LEU A 279 -34.99 -24.96 28.80
CA LEU A 279 -35.26 -25.34 27.42
C LEU A 279 -35.95 -26.69 27.33
N PHE A 280 -35.69 -27.58 28.29
CA PHE A 280 -36.31 -28.90 28.31
C PHE A 280 -37.52 -28.95 29.22
N ASN A 281 -37.62 -28.06 30.21
CA ASN A 281 -38.79 -28.04 31.07
C ASN A 281 -40.03 -27.68 30.29
N LEU A 282 -39.92 -26.76 29.33
CA LEU A 282 -41.06 -26.40 28.50
C LEU A 282 -41.45 -27.58 27.62
N GLU A 283 -40.49 -28.43 27.28
CA GLU A 283 -40.72 -29.62 26.47
C GLU A 283 -41.33 -30.75 27.28
N GLY A 284 -41.44 -30.61 28.60
CA GLY A 284 -41.98 -31.65 29.44
C GLY A 284 -40.98 -32.67 29.88
N VAL A 285 -39.70 -32.29 30.00
CA VAL A 285 -38.64 -33.19 30.42
C VAL A 285 -37.76 -32.46 31.42
N ASP A 286 -37.22 -33.21 32.38
CA ASP A 286 -36.34 -32.67 33.39
C ASP A 286 -34.89 -32.81 32.95
N LEU A 287 -34.01 -32.06 33.61
CA LEU A 287 -32.59 -32.07 33.31
C LEU A 287 -31.80 -32.01 34.61
N GLU A 288 -30.59 -32.57 34.57
CA GLU A 288 -29.71 -32.59 35.73
C GLU A 288 -28.27 -32.53 35.27
N PHE A 289 -27.41 -31.96 36.11
CA PHE A 289 -25.98 -31.83 35.84
C PHE A 289 -25.25 -32.08 37.15
N ARG A 290 -24.51 -33.19 37.22
CA ARG A 290 -23.76 -33.51 38.42
C ARG A 290 -22.46 -32.72 38.48
N ASP A 291 -21.90 -32.63 39.69
CA ASP A 291 -20.66 -31.87 39.88
C ASP A 291 -19.49 -32.53 39.16
N GLU A 292 -19.50 -33.85 39.00
CA GLU A 292 -18.40 -34.52 38.31
C GLU A 292 -18.30 -34.12 36.85
N ALA A 293 -19.41 -33.65 36.25
CA ALA A 293 -19.40 -33.22 34.87
C ALA A 293 -18.97 -31.77 34.70
N LEU A 294 -19.14 -30.94 35.74
CA LEU A 294 -18.79 -29.53 35.64
C LEU A 294 -17.28 -29.33 35.59
N ASP A 295 -16.54 -29.93 36.53
CA ASP A 295 -15.09 -29.77 36.54
C ASP A 295 -14.47 -30.35 35.27
N ALA A 296 -15.06 -31.41 34.72
CA ALA A 296 -14.54 -31.98 33.49
C ALA A 296 -14.68 -30.99 32.34
N ILE A 297 -15.76 -30.22 32.32
CA ILE A 297 -15.97 -29.23 31.28
C ILE A 297 -14.93 -28.13 31.40
N ALA A 298 -14.52 -27.79 32.62
CA ALA A 298 -13.52 -26.74 32.81
C ALA A 298 -12.19 -27.13 32.20
N LYS A 299 -11.83 -28.42 32.26
CA LYS A 299 -10.57 -28.86 31.68
C LYS A 299 -10.58 -28.66 30.17
N LYS A 300 -11.72 -28.92 29.53
CA LYS A 300 -11.84 -28.75 28.08
C LYS A 300 -11.95 -27.28 27.70
N ALA A 301 -12.50 -26.45 28.59
CA ALA A 301 -12.67 -25.04 28.28
C ALA A 301 -11.32 -24.32 28.20
N MET A 302 -10.44 -24.58 29.16
CA MET A 302 -9.13 -23.91 29.15
C MET A 302 -8.31 -24.32 27.94
N ALA A 303 -8.52 -25.53 27.43
CA ALA A 303 -7.78 -25.97 26.26
C ALA A 303 -8.17 -25.18 25.02
N ARG A 304 -9.42 -24.72 24.95
CA ARG A 304 -9.87 -23.94 23.80
C ARG A 304 -9.25 -22.56 23.77
N LYS A 305 -8.88 -22.01 24.93
CA LYS A 305 -8.28 -20.69 25.04
C LYS A 305 -9.20 -19.61 24.45
N THR A 306 -10.44 -19.61 24.93
CA THR A 306 -11.45 -18.65 24.50
C THR A 306 -12.18 -17.98 25.66
N GLY A 307 -12.14 -18.52 26.86
CA GLY A 307 -12.83 -17.94 27.98
C GLY A 307 -14.23 -18.48 28.14
N ALA A 308 -15.02 -17.80 28.97
CA ALA A 308 -16.39 -18.22 29.21
C ALA A 308 -17.22 -18.16 27.94
N ARG A 309 -16.86 -17.29 27.00
CA ARG A 309 -17.61 -17.19 25.75
C ARG A 309 -17.54 -18.49 24.95
N GLY A 310 -16.41 -19.20 25.03
CA GLY A 310 -16.26 -20.45 24.32
C GLY A 310 -16.63 -21.66 25.15
N LEU A 311 -17.43 -21.45 26.20
CA LEU A 311 -17.86 -22.54 27.05
C LEU A 311 -19.07 -23.25 26.48
N ARG A 312 -19.92 -22.52 25.76
CA ARG A 312 -21.12 -23.11 25.18
C ARG A 312 -20.81 -24.18 24.14
N SER A 313 -19.61 -24.14 23.54
CA SER A 313 -19.25 -25.14 22.54
C SER A 313 -19.19 -26.54 23.14
N ILE A 314 -18.61 -26.67 24.32
CA ILE A 314 -18.48 -27.98 24.96
C ILE A 314 -19.84 -28.54 25.33
N VAL A 315 -20.78 -27.68 25.70
CA VAL A 315 -22.10 -28.16 26.11
C VAL A 315 -22.89 -28.66 24.91
N GLU A 316 -23.10 -27.80 23.92
CA GLU A 316 -23.90 -28.19 22.76
C GLU A 316 -23.25 -29.31 21.96
N ALA A 317 -21.92 -29.42 22.01
CA ALA A 317 -21.26 -30.51 21.31
C ALA A 317 -21.63 -31.86 21.91
N ALA A 318 -21.92 -31.90 23.21
CA ALA A 318 -22.28 -33.13 23.89
C ALA A 318 -23.77 -33.44 23.73
N LEU A 319 -24.62 -32.46 24.02
CA LEU A 319 -26.07 -32.63 23.94
C LEU A 319 -26.61 -32.59 22.51
N LEU A 320 -25.76 -32.62 21.50
CA LEU A 320 -26.22 -32.58 20.12
C LEU A 320 -27.07 -33.80 19.79
N ASP A 321 -26.58 -34.99 20.13
CA ASP A 321 -27.34 -36.21 19.86
C ASP A 321 -28.58 -36.30 20.73
N THR A 322 -28.47 -35.88 22.00
CA THR A 322 -29.60 -35.96 22.91
C THR A 322 -30.76 -35.11 22.41
N MET A 323 -30.50 -33.86 22.05
CA MET A 323 -31.56 -32.97 21.58
C MET A 323 -32.14 -33.44 20.26
N TYR A 324 -31.32 -34.08 19.43
CA TYR A 324 -31.78 -34.54 18.12
C TYR A 324 -32.91 -35.55 18.24
N ASP A 325 -32.83 -36.45 19.22
CA ASP A 325 -33.83 -37.50 19.39
C ASP A 325 -34.73 -37.31 20.61
N LEU A 326 -34.62 -36.17 21.31
CA LEU A 326 -35.50 -35.97 22.45
C LEU A 326 -36.94 -35.67 22.04
N PRO A 327 -37.21 -34.80 21.06
CA PRO A 327 -38.62 -34.56 20.68
C PRO A 327 -39.32 -35.81 20.21
N SER A 328 -38.63 -36.66 19.44
CA SER A 328 -39.24 -37.88 18.96
C SER A 328 -39.45 -38.87 20.10
N MET A 329 -38.50 -38.95 21.02
CA MET A 329 -38.63 -39.84 22.16
C MET A 329 -39.81 -39.43 23.03
N GLU A 330 -40.58 -40.42 23.47
CA GLU A 330 -41.76 -40.22 24.30
C GLU A 330 -41.60 -40.95 25.61
N ASP A 331 -42.35 -40.49 26.62
CA ASP A 331 -42.37 -41.05 27.96
C ASP A 331 -41.06 -40.80 28.72
N VAL A 332 -40.28 -39.82 28.30
CA VAL A 332 -39.01 -39.47 28.95
C VAL A 332 -39.27 -38.26 29.83
N GLU A 333 -39.03 -38.40 31.13
CA GLU A 333 -39.26 -37.31 32.09
C GLU A 333 -38.00 -36.69 32.66
N LYS A 334 -36.86 -37.38 32.64
CA LYS A 334 -35.63 -36.83 33.19
C LYS A 334 -34.43 -37.34 32.40
N VAL A 335 -33.40 -36.50 32.33
CA VAL A 335 -32.15 -36.79 31.64
C VAL A 335 -31.00 -36.52 32.60
N VAL A 336 -30.08 -37.48 32.70
CA VAL A 336 -28.91 -37.39 33.56
C VAL A 336 -27.67 -37.45 32.69
N ILE A 337 -26.73 -36.54 32.92
CA ILE A 337 -25.49 -36.44 32.16
C ILE A 337 -24.33 -36.80 33.07
N ASP A 338 -23.60 -37.85 32.70
CA ASP A 338 -22.47 -38.33 33.47
C ASP A 338 -21.18 -37.67 32.95
N GLU A 339 -20.10 -37.83 33.73
CA GLU A 339 -18.81 -37.26 33.33
C GLU A 339 -18.29 -37.91 32.05
N SER A 340 -18.55 -39.20 31.86
CA SER A 340 -18.07 -39.90 30.68
C SER A 340 -18.61 -39.29 29.39
N VAL A 341 -19.86 -38.79 29.44
CA VAL A 341 -20.47 -38.19 28.26
C VAL A 341 -19.64 -37.01 27.74
N ILE A 342 -19.02 -36.26 28.64
CA ILE A 342 -18.22 -35.12 28.22
C ILE A 342 -16.87 -35.60 27.69
N ASP A 343 -16.24 -36.54 28.39
CA ASP A 343 -14.98 -37.09 27.92
C ASP A 343 -15.15 -37.85 26.61
N GLY A 344 -16.30 -38.51 26.44
CA GLY A 344 -16.61 -39.28 25.26
C GLY A 344 -16.70 -40.77 25.58
N GLN A 345 -17.05 -41.53 24.55
CA GLN A 345 -17.17 -42.98 24.64
C GLN A 345 -18.31 -43.39 25.58
N SER A 346 -19.34 -42.56 25.68
CA SER A 346 -20.47 -42.87 26.55
C SER A 346 -21.69 -42.12 26.05
N GLU A 347 -22.86 -42.52 26.58
CA GLU A 347 -24.15 -41.96 26.23
C GLU A 347 -24.86 -41.48 27.50
N PRO A 348 -25.50 -40.31 27.48
CA PRO A 348 -26.19 -39.85 28.69
C PRO A 348 -27.36 -40.76 29.06
N LEU A 349 -27.56 -40.94 30.36
CA LEU A 349 -28.63 -41.79 30.85
C LEU A 349 -29.97 -41.06 30.70
N LEU A 350 -31.00 -41.83 30.36
CA LEU A 350 -32.35 -41.33 30.17
C LEU A 350 -33.29 -42.05 31.12
N ILE A 351 -34.25 -41.29 31.66
CA ILE A 351 -35.24 -41.80 32.60
C ILE A 351 -36.59 -41.86 31.88
N TYR A 352 -37.28 -42.98 32.03
CA TYR A 352 -38.57 -43.20 31.39
C TYR A 352 -39.67 -43.28 32.44
N GLY A 353 -40.89 -42.92 32.03
CA GLY A 353 -42.04 -42.93 32.90
C GLY A 353 -42.26 -41.59 33.59
N ALA B 2 -48.33 -27.16 16.47
CA ALA B 2 -47.25 -28.14 16.36
C ALA B 2 -46.13 -27.58 15.50
N LEU B 3 -44.89 -27.90 15.86
CA LEU B 3 -43.70 -27.47 15.18
C LEU B 3 -42.98 -28.66 14.54
N PRO B 4 -41.99 -28.41 13.66
CA PRO B 4 -41.24 -29.53 13.08
C PRO B 4 -40.41 -30.25 14.13
N THR B 5 -39.74 -31.32 13.73
CA THR B 5 -38.89 -32.10 14.61
C THR B 5 -37.55 -32.32 13.94
N PRO B 6 -36.51 -32.69 14.69
CA PRO B 6 -35.21 -32.93 14.06
C PRO B 6 -35.25 -34.07 13.06
N HIS B 7 -36.06 -35.10 13.32
CA HIS B 7 -36.18 -36.22 12.40
C HIS B 7 -37.00 -35.83 11.18
N GLU B 8 -38.04 -35.02 11.39
CA GLU B 8 -38.89 -34.59 10.29
C GLU B 8 -38.18 -33.58 9.41
N ILE B 9 -37.46 -32.64 10.01
CA ILE B 9 -36.75 -31.63 9.23
C ILE B 9 -35.57 -32.24 8.50
N ARG B 10 -34.93 -33.25 9.09
CA ARG B 10 -33.79 -33.89 8.43
C ARG B 10 -34.23 -34.64 7.19
N ASN B 11 -35.34 -35.40 7.29
CA ASN B 11 -35.85 -36.16 6.16
C ASN B 11 -36.05 -35.31 4.93
N HIS B 12 -36.38 -34.03 5.10
CA HIS B 12 -36.53 -33.15 3.94
C HIS B 12 -35.18 -32.83 3.33
N LEU B 13 -34.18 -32.61 4.18
CA LEU B 13 -32.83 -32.32 3.70
C LEU B 13 -32.21 -33.55 3.04
N ASP B 14 -32.59 -34.75 3.49
CA ASP B 14 -32.04 -35.97 2.92
C ASP B 14 -32.39 -36.10 1.44
N ASP B 15 -33.52 -35.54 1.03
CA ASP B 15 -33.92 -35.62 -0.37
C ASP B 15 -32.98 -34.82 -1.26
N TYR B 16 -32.38 -33.75 -0.72
CA TYR B 16 -31.48 -32.89 -1.46
C TYR B 16 -30.01 -33.05 -1.07
N VAL B 17 -29.71 -33.70 0.05
CA VAL B 17 -28.35 -33.86 0.53
C VAL B 17 -28.13 -35.30 0.98
N ILE B 18 -26.92 -35.79 0.77
CA ILE B 18 -26.55 -37.16 1.12
C ILE B 18 -25.14 -37.16 1.72
N GLY B 19 -24.93 -38.04 2.70
CA GLY B 19 -23.63 -38.22 3.33
C GLY B 19 -23.16 -37.09 4.21
N GLN B 20 -24.07 -36.37 4.86
CA GLN B 20 -23.73 -35.27 5.76
C GLN B 20 -24.54 -35.37 7.05
N GLU B 21 -24.60 -36.58 7.60
CA GLU B 21 -25.37 -36.82 8.81
C GLU B 21 -24.92 -35.96 9.98
N GLN B 22 -23.61 -35.71 10.09
CA GLN B 22 -23.12 -34.92 11.21
C GLN B 22 -23.54 -33.46 11.10
N ALA B 23 -23.45 -32.88 9.90
CA ALA B 23 -23.83 -31.48 9.73
C ALA B 23 -25.34 -31.29 9.78
N LYS B 24 -26.10 -32.29 9.33
CA LYS B 24 -27.56 -32.16 9.32
C LYS B 24 -28.12 -32.08 10.74
N LYS B 25 -27.53 -32.83 11.67
CA LYS B 25 -28.02 -32.83 13.04
C LYS B 25 -27.80 -31.48 13.71
N VAL B 26 -26.72 -30.78 13.34
CA VAL B 26 -26.42 -29.49 13.97
C VAL B 26 -27.46 -28.45 13.57
N LEU B 27 -27.75 -28.34 12.27
CA LEU B 27 -28.72 -27.35 11.82
C LEU B 27 -30.13 -27.68 12.30
N ALA B 28 -30.45 -28.97 12.46
CA ALA B 28 -31.77 -29.34 12.93
C ALA B 28 -31.97 -28.90 14.38
N VAL B 29 -30.95 -29.10 15.22
CA VAL B 29 -31.05 -28.70 16.62
C VAL B 29 -31.11 -27.18 16.73
N ALA B 30 -30.38 -26.48 15.87
CA ALA B 30 -30.37 -25.02 15.92
C ALA B 30 -31.74 -24.46 15.54
N VAL B 31 -32.28 -24.90 14.40
CA VAL B 31 -33.58 -24.39 13.97
C VAL B 31 -34.66 -24.82 14.95
N TYR B 32 -34.55 -26.04 15.48
CA TYR B 32 -35.54 -26.51 16.46
C TYR B 32 -35.49 -25.65 17.71
N ASN B 33 -34.29 -25.44 18.26
CA ASN B 33 -34.14 -24.61 19.44
C ASN B 33 -34.53 -23.18 19.15
N HIS B 34 -34.40 -22.74 17.90
CA HIS B 34 -34.79 -21.38 17.53
C HIS B 34 -36.28 -21.19 17.71
N TYR B 35 -37.07 -22.18 17.29
CA TYR B 35 -38.52 -22.08 17.44
C TYR B 35 -38.91 -22.09 18.91
N LYS B 36 -38.29 -22.96 19.70
CA LYS B 36 -38.58 -22.97 21.13
C LYS B 36 -38.14 -21.66 21.76
N ARG B 37 -36.99 -21.15 21.32
CA ARG B 37 -36.51 -19.86 21.80
C ARG B 37 -37.44 -18.74 21.33
N LEU B 38 -38.10 -18.95 20.19
CA LEU B 38 -39.02 -17.97 19.63
C LEU B 38 -40.41 -18.10 20.23
N ARG B 39 -40.78 -19.30 20.69
CA ARG B 39 -42.10 -19.51 21.27
C ARG B 39 -42.30 -18.63 22.51
N ASN B 40 -41.22 -18.34 23.23
CA ASN B 40 -41.28 -17.51 24.42
C ASN B 40 -41.10 -16.05 24.03
N GLY B 41 -42.13 -15.24 24.27
CA GLY B 41 -42.07 -13.84 23.93
C GLY B 41 -41.23 -13.04 24.91
N ASP B 42 -39.93 -13.32 24.93
CA ASP B 42 -38.97 -12.64 25.79
C ASP B 42 -39.31 -12.84 27.28
N THR B 43 -39.84 -14.01 27.63
CA THR B 43 -40.16 -14.30 29.03
C THR B 43 -40.24 -15.80 29.22
N SER B 44 -39.47 -16.33 30.16
CA SER B 44 -39.46 -17.75 30.48
C SER B 44 -38.94 -17.92 31.90
N ASN B 45 -38.76 -19.17 32.32
CA ASN B 45 -38.20 -19.42 33.64
C ASN B 45 -36.75 -18.97 33.67
N GLY B 46 -35.97 -19.37 32.67
CA GLY B 46 -34.59 -18.96 32.54
C GLY B 46 -34.54 -17.67 31.76
N VAL B 47 -34.40 -16.55 32.46
CA VAL B 47 -34.38 -15.25 31.82
C VAL B 47 -33.09 -15.09 31.02
N GLU B 48 -33.18 -14.31 29.94
CA GLU B 48 -32.04 -14.04 29.06
C GLU B 48 -31.45 -15.34 28.49
N LEU B 49 -32.29 -16.05 27.74
CA LEU B 49 -31.86 -17.29 27.10
C LEU B 49 -30.64 -17.04 26.23
N GLY B 50 -29.71 -17.99 26.24
CA GLY B 50 -28.50 -17.85 25.47
C GLY B 50 -28.68 -18.21 24.01
N LYS B 51 -27.72 -17.75 23.20
CA LYS B 51 -27.69 -17.98 21.78
C LYS B 51 -26.46 -18.81 21.42
N SER B 52 -26.56 -19.56 20.33
CA SER B 52 -25.47 -20.41 19.87
C SER B 52 -25.40 -20.35 18.35
N ASN B 53 -24.41 -19.63 17.83
CA ASN B 53 -24.22 -19.53 16.39
C ASN B 53 -23.61 -20.83 15.88
N ILE B 54 -23.43 -20.92 14.56
CA ILE B 54 -22.90 -22.11 13.91
C ILE B 54 -21.79 -21.70 12.96
N LEU B 55 -20.74 -22.52 12.89
CA LEU B 55 -19.61 -22.30 12.00
C LEU B 55 -19.43 -23.55 11.15
N LEU B 56 -19.95 -23.52 9.93
CA LEU B 56 -19.82 -24.65 9.03
C LEU B 56 -18.44 -24.66 8.39
N ILE B 57 -17.74 -25.77 8.50
CA ILE B 57 -16.42 -25.94 7.91
C ILE B 57 -16.42 -27.22 7.12
N GLY B 58 -15.96 -27.16 5.88
CA GLY B 58 -15.89 -28.34 5.06
C GLY B 58 -15.03 -28.13 3.83
N PRO B 59 -14.78 -29.20 3.08
CA PRO B 59 -13.99 -29.04 1.85
C PRO B 59 -14.77 -28.33 0.76
N THR B 60 -14.15 -28.17 -0.40
CA THR B 60 -14.79 -27.51 -1.52
C THR B 60 -15.89 -28.40 -2.10
N GLY B 61 -17.03 -27.78 -2.40
CA GLY B 61 -18.14 -28.51 -3.00
C GLY B 61 -18.72 -29.61 -2.14
N SER B 62 -18.59 -29.49 -0.82
CA SER B 62 -19.12 -30.52 0.07
C SER B 62 -20.62 -30.44 0.25
N GLY B 63 -21.23 -29.27 0.02
CA GLY B 63 -22.66 -29.10 0.14
C GLY B 63 -23.08 -28.05 1.16
N LYS B 64 -22.20 -27.10 1.46
CA LYS B 64 -22.55 -26.06 2.42
C LYS B 64 -23.60 -25.11 1.85
N THR B 65 -23.35 -24.56 0.66
CA THR B 65 -24.30 -23.64 0.05
C THR B 65 -25.63 -24.31 -0.25
N LEU B 66 -25.61 -25.63 -0.47
CA LEU B 66 -26.84 -26.35 -0.76
C LEU B 66 -27.77 -26.40 0.44
N LEU B 67 -27.20 -26.53 1.64
CA LEU B 67 -28.03 -26.62 2.84
C LEU B 67 -28.76 -25.31 3.09
N ALA B 68 -28.07 -24.18 2.90
CA ALA B 68 -28.72 -22.89 3.12
C ALA B 68 -29.85 -22.65 2.14
N GLU B 69 -29.72 -23.17 0.92
CA GLU B 69 -30.78 -22.99 -0.07
C GLU B 69 -31.98 -23.87 0.26
N THR B 70 -31.75 -25.14 0.57
CA THR B 70 -32.84 -26.04 0.91
C THR B 70 -33.50 -25.64 2.22
N LEU B 71 -32.73 -25.07 3.14
CA LEU B 71 -33.28 -24.67 4.44
C LEU B 71 -34.33 -23.58 4.27
N ALA B 72 -34.07 -22.60 3.39
CA ALA B 72 -35.00 -21.51 3.21
C ALA B 72 -36.33 -21.97 2.66
N ARG B 73 -36.34 -23.06 1.90
CA ARG B 73 -37.59 -23.55 1.33
C ARG B 73 -38.52 -24.07 2.42
N LEU B 74 -38.00 -24.89 3.34
CA LEU B 74 -38.79 -25.44 4.43
C LEU B 74 -38.92 -24.49 5.61
N LEU B 75 -38.03 -23.50 5.72
CA LEU B 75 -38.06 -22.57 6.83
C LEU B 75 -39.16 -21.53 6.65
N ASP B 76 -39.96 -21.33 7.69
CA ASP B 76 -41.04 -20.36 7.62
C ASP B 76 -40.55 -18.95 7.94
N VAL B 77 -39.74 -18.81 8.98
CA VAL B 77 -39.17 -17.52 9.37
C VAL B 77 -38.31 -17.03 8.22
N PRO B 78 -38.05 -15.72 8.10
CA PRO B 78 -37.27 -15.24 6.96
C PRO B 78 -35.84 -15.76 6.95
N PHE B 79 -35.27 -15.81 5.75
CA PHE B 79 -33.92 -16.29 5.52
C PHE B 79 -33.28 -15.42 4.46
N THR B 80 -31.96 -15.27 4.56
CA THR B 80 -31.18 -14.49 3.62
C THR B 80 -29.91 -15.25 3.29
N MET B 81 -29.38 -15.00 2.10
CA MET B 81 -28.16 -15.64 1.62
C MET B 81 -27.20 -14.51 1.25
N ALA B 82 -26.43 -14.08 2.24
CA ALA B 82 -25.47 -13.00 2.08
C ALA B 82 -24.08 -13.57 1.75
N ASP B 83 -23.11 -12.67 1.61
CA ASP B 83 -21.74 -13.05 1.32
C ASP B 83 -20.81 -12.03 1.96
N ALA B 84 -19.68 -12.50 2.48
CA ALA B 84 -18.70 -11.64 3.13
C ALA B 84 -17.64 -11.13 2.18
N THR B 85 -17.91 -11.13 0.88
CA THR B 85 -16.94 -10.65 -0.09
C THR B 85 -17.01 -9.14 -0.31
N THR B 86 -18.20 -8.57 -0.25
CA THR B 86 -18.39 -7.14 -0.51
C THR B 86 -18.33 -6.26 0.72
N LEU B 87 -18.06 -6.82 1.91
CA LEU B 87 -18.07 -6.01 3.11
C LEU B 87 -16.77 -5.22 3.31
N THR B 88 -16.95 -3.97 3.75
CA THR B 88 -15.85 -3.06 4.04
C THR B 88 -16.23 -2.26 5.28
N GLU B 89 -15.28 -2.08 6.18
CA GLU B 89 -15.53 -1.37 7.43
C GLU B 89 -15.39 0.14 7.27
N ALA B 90 -15.97 0.85 8.23
CA ALA B 90 -15.91 2.31 8.32
C ALA B 90 -16.63 3.01 7.17
N GLY B 91 -17.70 2.40 6.65
CA GLY B 91 -18.46 3.05 5.59
C GLY B 91 -17.71 3.30 4.30
N TYR B 92 -16.85 2.37 3.91
CA TYR B 92 -16.10 2.55 2.68
C TYR B 92 -17.04 2.39 1.47
N VAL B 93 -16.47 2.55 0.28
CA VAL B 93 -17.26 2.52 -0.94
C VAL B 93 -17.80 1.14 -1.30
N GLY B 94 -17.16 0.06 -0.85
CA GLY B 94 -17.65 -1.25 -1.22
C GLY B 94 -19.02 -1.61 -0.69
N GLU B 95 -19.15 -1.75 0.63
CA GLU B 95 -20.40 -2.10 1.28
C GLU B 95 -20.15 -2.05 2.78
N ASP B 96 -21.24 -1.97 3.54
CA ASP B 96 -21.19 -1.94 4.99
C ASP B 96 -21.85 -3.19 5.56
N VAL B 97 -21.61 -3.40 6.86
CA VAL B 97 -22.17 -4.57 7.53
C VAL B 97 -23.68 -4.47 7.66
N GLU B 98 -24.21 -3.24 7.77
CA GLU B 98 -25.64 -3.04 7.91
C GLU B 98 -26.43 -3.49 6.68
N ASN B 99 -25.76 -3.68 5.54
CA ASN B 99 -26.46 -4.13 4.34
C ASN B 99 -27.11 -5.49 4.55
N ILE B 100 -26.54 -6.31 5.43
CA ILE B 100 -27.11 -7.61 5.72
C ILE B 100 -28.49 -7.45 6.35
N ILE B 101 -28.65 -6.45 7.20
CA ILE B 101 -29.92 -6.25 7.89
C ILE B 101 -30.97 -5.72 6.94
N GLN B 102 -30.63 -4.70 6.15
CA GLN B 102 -31.62 -4.17 5.21
C GLN B 102 -32.01 -5.21 4.17
N LYS B 103 -31.08 -6.10 3.81
CA LYS B 103 -31.40 -7.16 2.87
C LYS B 103 -32.38 -8.15 3.48
N LEU B 104 -32.31 -8.34 4.80
CA LEU B 104 -33.21 -9.24 5.49
C LEU B 104 -34.65 -8.71 5.48
N LEU B 105 -34.81 -7.39 5.55
CA LEU B 105 -36.14 -6.79 5.56
C LEU B 105 -36.84 -6.97 4.22
N GLN B 106 -36.08 -7.09 3.13
CA GLN B 106 -36.70 -7.29 1.82
C GLN B 106 -37.52 -8.56 1.81
N LYS B 107 -37.04 -9.60 2.50
CA LYS B 107 -37.76 -10.86 2.59
C LYS B 107 -38.93 -10.76 3.56
N SER B 108 -38.80 -9.91 4.58
CA SER B 108 -39.81 -9.72 5.62
C SER B 108 -40.77 -8.58 5.30
N ASP B 109 -40.56 -7.84 4.21
CA ASP B 109 -41.41 -6.71 3.83
C ASP B 109 -41.43 -5.63 4.90
N TYR B 110 -40.27 -5.38 5.49
CA TYR B 110 -40.09 -4.35 6.51
C TYR B 110 -40.97 -4.60 7.74
N ASP B 111 -40.83 -5.80 8.30
CA ASP B 111 -41.55 -6.23 9.50
C ASP B 111 -40.46 -6.53 10.54
N VAL B 112 -40.28 -5.61 11.48
CA VAL B 112 -39.23 -5.77 12.49
C VAL B 112 -39.51 -6.95 13.40
N GLN B 113 -40.74 -7.07 13.89
CA GLN B 113 -41.06 -8.18 14.79
C GLN B 113 -40.91 -9.53 14.09
N LYS B 114 -41.11 -9.57 12.77
CA LYS B 114 -40.94 -10.77 11.99
C LYS B 114 -39.52 -10.94 11.47
N ALA B 115 -38.70 -9.88 11.56
CA ALA B 115 -37.33 -9.92 11.07
C ALA B 115 -36.33 -10.25 12.16
N GLN B 116 -36.58 -9.85 13.41
CA GLN B 116 -35.65 -10.17 14.48
C GLN B 116 -35.58 -11.68 14.72
N ARG B 117 -36.63 -12.41 14.36
CA ARG B 117 -36.67 -13.86 14.48
C ARG B 117 -36.18 -14.55 13.21
N GLY B 118 -35.40 -13.85 12.39
CA GLY B 118 -34.89 -14.40 11.16
C GLY B 118 -33.57 -15.11 11.32
N ILE B 119 -33.16 -15.78 10.25
CA ILE B 119 -31.92 -16.53 10.19
C ILE B 119 -31.03 -15.87 9.15
N VAL B 120 -29.72 -15.91 9.39
CA VAL B 120 -28.73 -15.30 8.52
C VAL B 120 -27.66 -16.33 8.16
N TYR B 121 -27.22 -16.29 6.91
CA TYR B 121 -26.19 -17.17 6.39
C TYR B 121 -25.15 -16.31 5.68
N ILE B 122 -23.89 -16.64 5.90
CA ILE B 122 -22.77 -15.93 5.30
C ILE B 122 -21.81 -16.97 4.73
N ASP B 123 -21.35 -16.72 3.51
CA ASP B 123 -20.43 -17.61 2.81
C ASP B 123 -19.09 -16.92 2.63
N GLN B 124 -18.05 -17.73 2.42
CA GLN B 124 -16.70 -17.24 2.19
C GLN B 124 -16.18 -16.47 3.41
N ILE B 125 -16.46 -17.00 4.60
CA ILE B 125 -16.00 -16.33 5.82
C ILE B 125 -14.49 -16.37 5.93
N ASP B 126 -13.83 -17.34 5.30
CA ASP B 126 -12.37 -17.39 5.34
C ASP B 126 -11.72 -16.24 4.59
N LYS B 127 -12.45 -15.59 3.69
CA LYS B 127 -11.91 -14.49 2.89
C LYS B 127 -11.50 -13.29 3.73
N ILE B 128 -12.08 -13.11 4.92
CA ILE B 128 -11.80 -11.96 5.76
C ILE B 128 -10.84 -12.31 6.90
N SER B 129 -10.08 -13.39 6.75
CA SER B 129 -9.15 -13.82 7.79
C SER B 129 -7.76 -13.25 7.51
N ARG B 130 -6.98 -13.10 8.59
CA ARG B 130 -5.63 -12.59 8.47
C ARG B 130 -4.73 -13.68 7.88
N LYS B 131 -3.55 -13.26 7.44
CA LYS B 131 -2.59 -14.18 6.86
C LYS B 131 -1.67 -14.83 7.89
N SER B 132 -1.40 -14.15 9.01
CA SER B 132 -0.52 -14.68 10.04
C SER B 132 -1.07 -14.32 11.41
N ASP B 133 -0.43 -14.88 12.44
CA ASP B 133 -0.84 -14.63 13.82
C ASP B 133 -0.63 -13.17 14.21
N ASN B 134 0.32 -12.48 13.59
CA ASN B 134 0.58 -11.08 13.90
C ASN B 134 -0.70 -10.27 13.75
N PRO B 135 -0.87 -9.18 14.53
CA PRO B 135 -2.11 -8.40 14.41
C PRO B 135 -2.34 -7.87 13.01
N SER B 136 -1.39 -7.09 12.48
CA SER B 136 -1.49 -6.57 11.12
C SER B 136 -0.22 -5.78 10.81
N ILE B 137 -0.11 -5.38 9.54
CA ILE B 137 0.96 -4.51 9.08
C ILE B 137 0.41 -3.28 8.37
N THR B 138 -0.82 -3.33 7.86
CA THR B 138 -1.48 -2.22 7.18
C THR B 138 -2.97 -2.36 7.48
N ARG B 139 -3.72 -1.31 7.19
CA ARG B 139 -5.16 -1.33 7.42
C ARG B 139 -5.79 -2.35 6.47
N ASP B 140 -6.23 -3.48 7.02
CA ASP B 140 -6.83 -4.56 6.24
C ASP B 140 -8.34 -4.37 6.24
N VAL B 141 -8.82 -3.58 5.27
CA VAL B 141 -10.26 -3.33 5.14
C VAL B 141 -11.02 -4.64 5.01
N SER B 142 -10.70 -5.42 3.99
CA SER B 142 -11.34 -6.72 3.76
C SER B 142 -10.52 -7.77 4.51
N GLY B 143 -10.70 -7.77 5.83
CA GLY B 143 -9.97 -8.68 6.69
C GLY B 143 -10.38 -8.53 8.13
N GLU B 144 -9.40 -8.51 9.04
CA GLU B 144 -9.67 -8.36 10.47
C GLU B 144 -10.63 -7.23 10.78
N GLY B 145 -10.61 -6.15 10.00
CA GLY B 145 -11.51 -5.04 10.25
C GLY B 145 -12.98 -5.45 10.13
N VAL B 146 -13.28 -6.36 9.22
CA VAL B 146 -14.66 -6.82 9.08
C VAL B 146 -15.07 -7.64 10.28
N GLN B 147 -14.15 -8.44 10.81
CA GLN B 147 -14.45 -9.25 11.98
C GLN B 147 -14.72 -8.36 13.18
N GLN B 148 -13.94 -7.30 13.33
CA GLN B 148 -14.11 -6.39 14.45
C GLN B 148 -15.49 -5.74 14.41
N ALA B 149 -16.00 -5.45 13.22
CA ALA B 149 -17.32 -4.85 13.10
C ALA B 149 -18.42 -5.85 13.41
N LEU B 150 -18.21 -7.12 13.05
CA LEU B 150 -19.21 -8.15 13.29
C LEU B 150 -19.32 -8.54 14.76
N LEU B 151 -18.29 -8.28 15.56
CA LEU B 151 -18.30 -8.65 16.99
C LEU B 151 -19.55 -8.14 17.69
N LYS B 152 -19.81 -6.84 17.58
CA LYS B 152 -20.99 -6.27 18.23
C LYS B 152 -22.28 -6.82 17.63
N LEU B 153 -22.29 -7.09 16.33
CA LEU B 153 -23.51 -7.57 15.66
C LEU B 153 -23.91 -8.96 16.14
N ILE B 154 -22.94 -9.85 16.39
CA ILE B 154 -23.28 -11.19 16.82
C ILE B 154 -23.59 -11.27 18.31
N GLU B 155 -23.20 -10.27 19.09
CA GLU B 155 -23.48 -10.26 20.52
C GLU B 155 -24.84 -9.63 20.82
N GLY B 156 -25.17 -8.57 20.08
CA GLY B 156 -26.44 -7.86 20.23
C GLY B 156 -26.23 -6.37 20.28
N THR B 157 -26.94 -5.67 19.41
CA THR B 157 -26.88 -4.21 19.32
C THR B 157 -28.04 -3.78 18.43
N VAL B 158 -28.10 -2.49 18.14
CA VAL B 158 -29.12 -1.91 17.28
C VAL B 158 -28.42 -1.09 16.22
N ALA B 159 -28.66 -1.45 14.95
CA ALA B 159 -28.02 -0.80 13.81
C ALA B 159 -29.04 0.04 13.04
N ALA B 160 -28.60 1.22 12.62
CA ALA B 160 -29.43 2.11 11.83
C ALA B 160 -29.66 1.51 10.45
N VAL B 161 -30.92 1.52 10.00
CA VAL B 161 -31.29 0.96 8.70
C VAL B 161 -32.26 1.90 7.99
N PRO B 162 -31.92 2.50 6.85
CA PRO B 162 -32.88 3.37 6.15
C PRO B 162 -34.06 2.56 5.64
N PRO B 163 -35.28 2.80 6.10
CA PRO B 163 -36.41 1.99 5.61
C PRO B 163 -36.76 2.36 4.17
N GLN B 164 -36.71 1.36 3.29
CA GLN B 164 -37.03 1.48 1.87
C GLN B 164 -36.04 2.33 1.08
N GLY B 165 -34.97 2.83 1.72
CA GLY B 165 -34.01 3.69 1.07
C GLY B 165 -34.35 5.15 1.13
N GLY B 166 -35.64 5.48 1.36
CA GLY B 166 -36.08 6.84 1.46
C GLY B 166 -36.38 7.45 0.10
N ARG B 167 -37.41 8.29 0.03
CA ARG B 167 -37.74 8.92 -1.24
C ARG B 167 -36.69 9.97 -1.61
N LYS B 168 -36.24 10.75 -0.63
CA LYS B 168 -35.23 11.78 -0.84
C LYS B 168 -34.58 12.08 0.51
N HIS B 169 -33.79 13.15 0.55
CA HIS B 169 -33.09 13.59 1.76
C HIS B 169 -33.98 14.07 2.91
N PRO B 170 -35.19 14.63 2.67
CA PRO B 170 -36.03 15.05 3.80
C PRO B 170 -36.31 14.01 4.89
N GLN B 171 -36.51 12.74 4.54
CA GLN B 171 -36.78 11.74 5.58
C GLN B 171 -35.65 11.70 6.61
N GLN B 172 -34.42 11.45 6.15
CA GLN B 172 -33.21 11.41 6.98
C GLN B 172 -33.38 10.67 8.31
N GLU B 173 -34.04 9.52 8.29
CA GLU B 173 -34.26 8.74 9.50
C GLU B 173 -33.82 7.29 9.26
N PHE B 174 -33.66 6.56 10.36
CA PHE B 174 -33.24 5.17 10.33
C PHE B 174 -34.01 4.37 11.36
N LEU B 175 -34.18 3.08 11.07
CA LEU B 175 -34.89 2.16 11.95
C LEU B 175 -33.88 1.36 12.77
N GLN B 176 -34.22 1.10 14.02
CA GLN B 176 -33.39 0.32 14.93
C GLN B 176 -33.89 -1.12 14.92
N VAL B 177 -32.97 -2.06 14.74
CA VAL B 177 -33.30 -3.48 14.69
C VAL B 177 -32.33 -4.24 15.57
N ASP B 178 -32.85 -4.79 16.69
CA ASP B 178 -32.03 -5.58 17.59
C ASP B 178 -31.45 -6.78 16.84
N THR B 179 -30.34 -7.31 17.38
CA THR B 179 -29.68 -8.46 16.77
C THR B 179 -29.24 -9.50 17.81
N SER B 180 -29.63 -9.35 19.07
CA SER B 180 -29.24 -10.33 20.08
C SER B 180 -29.94 -11.65 19.86
N LYS B 181 -31.14 -11.63 19.28
CA LYS B 181 -31.94 -12.82 19.04
C LYS B 181 -31.75 -13.40 17.64
N ILE B 182 -31.04 -12.71 16.75
CA ILE B 182 -30.88 -13.19 15.38
C ILE B 182 -29.78 -14.26 15.34
N LEU B 183 -30.06 -15.33 14.60
CA LEU B 183 -29.10 -16.41 14.41
C LEU B 183 -28.20 -16.09 13.22
N PHE B 184 -26.97 -16.61 13.27
CA PHE B 184 -26.01 -16.40 12.21
C PHE B 184 -25.30 -17.71 11.91
N ILE B 185 -25.23 -18.05 10.63
CA ILE B 185 -24.56 -19.25 10.15
C ILE B 185 -23.46 -18.77 9.22
N CYS B 186 -22.25 -18.62 9.76
CA CYS B 186 -21.11 -18.14 8.99
C CYS B 186 -20.20 -19.34 8.72
N GLY B 187 -20.13 -19.74 7.46
CA GLY B 187 -19.33 -20.88 7.09
C GLY B 187 -18.75 -20.81 5.69
N GLY B 188 -17.49 -21.23 5.55
CA GLY B 188 -16.83 -21.21 4.26
C GLY B 188 -15.68 -22.17 4.26
N ALA B 189 -15.40 -22.74 3.09
CA ALA B 189 -14.32 -23.71 2.94
C ALA B 189 -12.98 -23.01 3.17
N PHE B 190 -12.32 -23.34 4.27
CA PHE B 190 -11.03 -22.76 4.56
C PHE B 190 -9.95 -23.45 3.73
N ALA B 191 -9.01 -22.65 3.24
CA ALA B 191 -7.91 -23.14 2.41
C ALA B 191 -6.63 -23.16 3.23
N GLY B 192 -5.91 -24.28 3.17
CA GLY B 192 -4.66 -24.43 3.90
C GLY B 192 -4.80 -24.74 5.36
N LEU B 193 -6.03 -24.94 5.86
CA LEU B 193 -6.19 -25.24 7.27
C LEU B 193 -5.62 -26.61 7.64
N ASP B 194 -5.61 -27.55 6.69
CA ASP B 194 -5.13 -28.88 6.98
C ASP B 194 -3.65 -28.88 7.40
N LYS B 195 -2.83 -28.09 6.71
CA LYS B 195 -1.41 -28.06 7.06
C LYS B 195 -1.19 -27.48 8.45
N VAL B 196 -1.94 -26.42 8.80
CA VAL B 196 -1.81 -25.81 10.11
C VAL B 196 -2.12 -26.82 11.21
N ILE B 197 -3.19 -27.60 11.02
CA ILE B 197 -3.55 -28.61 12.01
C ILE B 197 -2.53 -29.73 12.03
N SER B 198 -1.91 -30.02 10.88
CA SER B 198 -0.93 -31.10 10.83
C SER B 198 0.27 -30.79 11.71
N HIS B 199 0.74 -29.54 11.69
CA HIS B 199 1.89 -29.17 12.51
C HIS B 199 1.60 -29.36 13.99
N ARG B 200 0.36 -29.12 14.40
CA ARG B 200 -0.01 -29.26 15.80
C ARG B 200 -0.07 -30.72 16.24
N VAL B 201 -0.71 -31.57 15.44
CA VAL B 201 -0.87 -32.98 15.82
C VAL B 201 0.23 -33.90 15.32
N GLU B 202 0.92 -33.56 14.22
CA GLU B 202 1.97 -34.44 13.72
C GLU B 202 3.14 -34.56 14.69
N THR B 203 3.46 -33.48 15.41
CA THR B 203 4.58 -33.43 16.35
C THR B 203 5.93 -33.40 15.64
N GLY B 204 5.93 -32.94 14.40
CA GLY B 204 7.14 -32.86 13.60
C GLY B 204 7.43 -34.17 12.88
N SER B 205 8.43 -34.11 12.01
CA SER B 205 8.86 -35.25 11.19
C SER B 205 10.38 -35.43 11.32
N GLY B 206 10.79 -36.20 12.33
CA GLY B 206 12.22 -36.44 12.50
C GLY B 206 12.76 -37.31 11.38
N ILE B 207 13.99 -37.02 10.97
CA ILE B 207 14.62 -37.77 9.87
C ILE B 207 15.25 -39.07 10.33
N GLY B 208 15.41 -39.28 11.63
CA GLY B 208 16.01 -40.51 12.11
C GLY B 208 15.08 -41.70 12.05
N PHE B 209 15.58 -42.83 12.57
CA PHE B 209 14.81 -44.06 12.58
C PHE B 209 13.63 -44.01 13.54
N GLY B 210 13.88 -43.59 14.77
CA GLY B 210 12.83 -43.57 15.78
C GLY B 210 11.64 -42.69 15.42
N ALA B 211 11.87 -41.58 14.74
CA ALA B 211 10.77 -40.71 14.37
C ALA B 211 9.87 -41.39 13.35
N THR B 212 8.61 -40.98 13.33
CA THR B 212 7.60 -41.53 12.42
C THR B 212 7.50 -40.62 11.19
N VAL B 213 7.91 -41.13 10.04
CA VAL B 213 7.84 -40.39 8.80
C VAL B 213 6.46 -40.57 8.18
N LYS B 214 6.13 -39.70 7.23
CA LYS B 214 4.85 -39.77 6.54
C LYS B 214 4.80 -41.10 5.79
N ALA B 215 3.92 -42.00 6.21
CA ALA B 215 3.80 -43.33 5.62
C ALA B 215 3.66 -43.27 4.10
N LYS B 216 2.61 -42.59 3.62
CA LYS B 216 2.36 -42.44 2.20
C LYS B 216 2.03 -41.00 1.88
N SER B 217 1.94 -40.70 0.58
CA SER B 217 1.57 -39.35 0.17
C SER B 217 0.17 -39.01 0.65
N ASP B 218 -0.75 -39.98 0.59
CA ASP B 218 -2.12 -39.80 1.03
C ASP B 218 -2.22 -40.32 2.46
N LYS B 219 -2.15 -39.41 3.42
CA LYS B 219 -2.27 -39.74 4.83
C LYS B 219 -2.88 -38.53 5.53
N ALA B 220 -3.61 -38.78 6.61
CA ALA B 220 -4.27 -37.72 7.37
C ALA B 220 -5.21 -36.93 6.45
N SER B 221 -6.21 -37.64 5.92
CA SER B 221 -7.17 -37.09 5.00
C SER B 221 -7.81 -35.82 5.54
N GLU B 222 -8.24 -34.96 4.61
CA GLU B 222 -8.86 -33.68 4.93
C GLU B 222 -10.02 -33.82 5.91
N GLY B 223 -10.83 -34.86 5.75
CA GLY B 223 -11.99 -35.00 6.62
C GLY B 223 -11.61 -35.46 8.02
N GLU B 224 -10.80 -36.51 8.11
CA GLU B 224 -10.38 -37.00 9.42
C GLU B 224 -9.58 -35.95 10.17
N LEU B 225 -8.79 -35.16 9.44
CA LEU B 225 -7.96 -34.13 10.06
C LEU B 225 -8.81 -32.98 10.60
N LEU B 226 -9.80 -32.52 9.85
CA LEU B 226 -10.62 -31.40 10.29
C LEU B 226 -11.39 -31.74 11.55
N ALA B 227 -11.68 -33.02 11.78
CA ALA B 227 -12.42 -33.42 12.98
C ALA B 227 -11.66 -33.05 14.24
N GLN B 228 -10.33 -32.99 14.17
CA GLN B 228 -9.47 -32.65 15.29
C GLN B 228 -9.26 -31.14 15.42
N VAL B 229 -10.10 -30.33 14.78
CA VAL B 229 -9.96 -28.89 14.83
C VAL B 229 -10.41 -28.34 16.17
N GLU B 230 -9.75 -27.28 16.61
CA GLU B 230 -10.05 -26.57 17.84
C GLU B 230 -9.97 -25.09 17.57
N PRO B 231 -10.51 -24.25 18.47
CA PRO B 231 -10.42 -22.80 18.22
C PRO B 231 -9.01 -22.27 18.18
N GLU B 232 -8.09 -22.85 18.95
CA GLU B 232 -6.72 -22.37 18.97
C GLU B 232 -6.06 -22.52 17.60
N ASP B 233 -6.48 -23.52 16.82
CA ASP B 233 -5.89 -23.71 15.50
C ASP B 233 -6.28 -22.58 14.55
N LEU B 234 -7.51 -22.07 14.68
CA LEU B 234 -7.97 -20.98 13.82
C LEU B 234 -7.25 -19.67 14.10
N ILE B 235 -6.65 -19.52 15.30
CA ILE B 235 -5.95 -18.29 15.61
C ILE B 235 -4.73 -18.15 14.72
N LYS B 236 -3.98 -19.24 14.53
CA LYS B 236 -2.83 -19.20 13.65
C LYS B 236 -3.25 -18.98 12.20
N PHE B 237 -4.48 -19.37 11.86
CA PHE B 237 -4.98 -19.14 10.51
C PHE B 237 -5.15 -17.65 10.25
N GLY B 238 -5.60 -16.91 11.25
CA GLY B 238 -5.79 -15.48 11.15
C GLY B 238 -7.01 -14.94 11.85
N LEU B 239 -7.99 -15.80 12.15
CA LEU B 239 -9.18 -15.34 12.85
C LEU B 239 -8.84 -14.90 14.26
N ILE B 240 -9.56 -13.89 14.74
CA ILE B 240 -9.36 -13.34 16.08
C ILE B 240 -10.16 -14.20 17.05
N PRO B 241 -9.68 -14.45 18.28
CA PRO B 241 -10.48 -15.29 19.19
C PRO B 241 -11.80 -14.66 19.58
N GLU B 242 -11.88 -13.32 19.57
CA GLU B 242 -13.13 -12.65 19.90
C GLU B 242 -14.23 -13.05 18.94
N PHE B 243 -13.93 -13.06 17.64
CA PHE B 243 -14.92 -13.46 16.65
C PHE B 243 -15.23 -14.95 16.78
N ILE B 244 -14.23 -15.76 17.08
CA ILE B 244 -14.45 -17.19 17.21
C ILE B 244 -15.25 -17.49 18.47
N GLY B 245 -15.09 -16.66 19.51
CA GLY B 245 -15.87 -16.86 20.71
C GLY B 245 -17.35 -16.73 20.46
N ARG B 246 -17.73 -15.90 19.49
CA ARG B 246 -19.12 -15.72 19.13
C ARG B 246 -19.70 -16.91 18.40
N LEU B 247 -18.86 -17.85 17.94
CA LEU B 247 -19.29 -19.05 17.22
C LEU B 247 -18.78 -20.27 17.97
N PRO B 248 -19.46 -20.67 19.06
CA PRO B 248 -18.98 -21.85 19.79
C PRO B 248 -19.17 -23.14 19.02
N VAL B 249 -20.32 -23.32 18.38
CA VAL B 249 -20.58 -24.56 17.65
C VAL B 249 -19.75 -24.61 16.39
N VAL B 250 -19.32 -25.83 16.04
CA VAL B 250 -18.49 -26.07 14.86
C VAL B 250 -18.95 -27.38 14.23
N ALA B 251 -19.14 -27.37 12.91
CA ALA B 251 -19.57 -28.53 12.15
C ALA B 251 -18.49 -28.88 11.15
N THR B 252 -18.01 -30.11 11.22
CA THR B 252 -16.94 -30.62 10.36
C THR B 252 -17.54 -31.54 9.31
N LEU B 253 -17.65 -31.06 8.07
CA LEU B 253 -18.17 -31.86 6.98
C LEU B 253 -17.05 -32.70 6.39
N ASN B 254 -17.40 -33.91 5.97
CA ASN B 254 -16.43 -34.84 5.40
C ASN B 254 -16.36 -34.69 3.88
N GLU B 255 -15.27 -35.22 3.31
CA GLU B 255 -15.09 -35.21 1.88
C GLU B 255 -15.98 -36.27 1.25
N LEU B 256 -16.38 -36.02 0.00
CA LEU B 256 -17.25 -36.95 -0.70
C LEU B 256 -16.52 -38.26 -0.99
N SER B 257 -17.19 -39.37 -0.69
CA SER B 257 -16.64 -40.70 -0.92
C SER B 257 -17.04 -41.20 -2.30
N GLU B 258 -16.52 -42.36 -2.67
CA GLU B 258 -16.82 -42.93 -3.98
C GLU B 258 -18.29 -43.32 -4.07
N GLU B 259 -18.77 -44.09 -3.10
CA GLU B 259 -20.17 -44.52 -3.12
C GLU B 259 -21.11 -43.33 -2.92
N ALA B 260 -20.64 -42.28 -2.23
CA ALA B 260 -21.49 -41.12 -2.00
C ALA B 260 -21.81 -40.41 -3.31
N LEU B 261 -20.84 -40.34 -4.22
CA LEU B 261 -21.09 -39.67 -5.50
C LEU B 261 -22.09 -40.45 -6.35
N ILE B 262 -22.09 -41.77 -6.25
CA ILE B 262 -23.04 -42.56 -7.03
C ILE B 262 -24.46 -42.27 -6.58
N GLN B 263 -24.66 -42.12 -5.27
CA GLN B 263 -25.99 -41.84 -4.76
C GLN B 263 -26.45 -40.44 -5.14
N ILE B 264 -25.52 -39.48 -5.23
CA ILE B 264 -25.86 -38.11 -5.56
C ILE B 264 -26.37 -38.00 -6.99
N LEU B 265 -25.97 -38.91 -7.88
CA LEU B 265 -26.40 -38.81 -9.27
C LEU B 265 -27.77 -39.41 -9.52
N LYS B 266 -28.30 -40.23 -8.61
CA LYS B 266 -29.61 -40.86 -8.79
C LYS B 266 -30.65 -40.45 -7.76
N GLU B 267 -30.33 -40.53 -6.47
CA GLU B 267 -31.33 -40.24 -5.43
C GLU B 267 -31.78 -38.79 -5.40
N PRO B 268 -30.89 -37.78 -5.42
CA PRO B 268 -31.37 -36.39 -5.34
C PRO B 268 -32.29 -35.99 -6.49
N LYS B 269 -33.19 -35.06 -6.18
CA LYS B 269 -34.12 -34.55 -7.18
C LYS B 269 -33.40 -33.75 -8.26
N ASN B 270 -32.41 -32.95 -7.86
CA ASN B 270 -31.66 -32.09 -8.77
C ASN B 270 -30.37 -32.74 -9.26
N ALA B 271 -30.30 -34.07 -9.28
CA ALA B 271 -29.10 -34.75 -9.74
C ALA B 271 -28.86 -34.50 -11.22
N LEU B 272 -27.60 -34.59 -11.62
CA LEU B 272 -27.24 -34.33 -13.02
C LEU B 272 -27.89 -35.32 -13.97
N THR B 273 -28.06 -36.57 -13.53
CA THR B 273 -28.73 -37.56 -14.39
C THR B 273 -30.14 -37.12 -14.71
N LYS B 274 -30.86 -36.60 -13.71
CA LYS B 274 -32.21 -36.13 -13.95
C LYS B 274 -32.21 -34.83 -14.74
N GLN B 275 -31.14 -34.03 -14.62
CA GLN B 275 -31.06 -32.79 -15.36
C GLN B 275 -30.95 -33.05 -16.85
N TYR B 276 -29.95 -33.83 -17.25
CA TYR B 276 -29.78 -34.15 -18.66
C TYR B 276 -30.94 -34.98 -19.19
N GLN B 277 -31.56 -35.79 -18.32
CA GLN B 277 -32.72 -36.56 -18.75
C GLN B 277 -33.84 -35.62 -19.17
N ALA B 278 -33.99 -34.50 -18.45
CA ALA B 278 -34.99 -33.51 -18.80
C ALA B 278 -34.54 -32.67 -19.98
N LEU B 279 -33.22 -32.52 -20.16
CA LEU B 279 -32.71 -31.75 -21.28
C LEU B 279 -33.07 -32.42 -22.60
N PHE B 280 -33.03 -33.75 -22.63
CA PHE B 280 -33.42 -34.50 -23.82
C PHE B 280 -34.90 -34.84 -23.85
N ASN B 281 -35.58 -34.75 -22.70
CA ASN B 281 -37.01 -35.06 -22.68
C ASN B 281 -37.79 -34.08 -23.54
N LEU B 282 -37.42 -32.80 -23.51
CA LEU B 282 -38.09 -31.82 -24.35
C LEU B 282 -37.81 -32.08 -25.83
N GLU B 283 -36.65 -32.65 -26.13
CA GLU B 283 -36.26 -32.99 -27.49
C GLU B 283 -36.87 -34.30 -27.97
N GLY B 284 -37.72 -34.93 -27.16
CA GLY B 284 -38.31 -36.19 -27.57
C GLY B 284 -37.32 -37.33 -27.60
N VAL B 285 -36.30 -37.30 -26.74
CA VAL B 285 -35.27 -38.32 -26.69
C VAL B 285 -35.03 -38.68 -25.23
N ASP B 286 -34.89 -39.98 -24.97
CA ASP B 286 -34.67 -40.47 -23.62
C ASP B 286 -33.17 -40.66 -23.37
N LEU B 287 -32.83 -41.02 -22.14
CA LEU B 287 -31.45 -41.21 -21.75
C LEU B 287 -31.37 -42.31 -20.70
N GLU B 288 -30.20 -42.94 -20.63
CA GLU B 288 -29.94 -44.02 -19.69
C GLU B 288 -28.51 -43.91 -19.19
N PHE B 289 -28.30 -44.34 -17.94
CA PHE B 289 -26.99 -44.31 -17.30
C PHE B 289 -26.89 -45.57 -16.44
N ARG B 290 -26.19 -46.57 -16.95
CA ARG B 290 -26.04 -47.83 -16.21
C ARG B 290 -25.11 -47.66 -15.03
N ASP B 291 -25.21 -48.59 -14.09
CA ASP B 291 -24.37 -48.55 -12.90
C ASP B 291 -22.90 -48.74 -13.24
N GLU B 292 -22.61 -49.52 -14.29
CA GLU B 292 -21.22 -49.74 -14.67
C GLU B 292 -20.54 -48.46 -15.12
N ALA B 293 -21.30 -47.49 -15.61
CA ALA B 293 -20.73 -46.22 -16.03
C ALA B 293 -20.48 -45.29 -14.85
N LEU B 294 -21.32 -45.34 -13.81
CA LEU B 294 -21.19 -44.42 -12.68
C LEU B 294 -20.00 -44.73 -11.79
N ASP B 295 -19.61 -46.00 -11.65
CA ASP B 295 -18.48 -46.31 -10.78
C ASP B 295 -17.20 -45.69 -11.32
N ALA B 296 -17.04 -45.69 -12.64
CA ALA B 296 -15.86 -45.10 -13.25
C ALA B 296 -15.87 -43.59 -13.13
N ILE B 297 -17.05 -42.98 -13.20
CA ILE B 297 -17.17 -41.53 -13.08
C ILE B 297 -16.79 -41.10 -11.68
N ALA B 298 -17.11 -41.90 -10.67
CA ALA B 298 -16.77 -41.55 -9.30
C ALA B 298 -15.27 -41.51 -9.09
N LYS B 299 -14.55 -42.48 -9.68
CA LYS B 299 -13.11 -42.51 -9.55
C LYS B 299 -12.46 -41.31 -10.24
N LYS B 300 -13.08 -40.82 -11.32
CA LYS B 300 -12.54 -39.69 -12.05
C LYS B 300 -12.75 -38.37 -11.33
N ALA B 301 -13.86 -38.22 -10.61
CA ALA B 301 -14.13 -36.97 -9.91
C ALA B 301 -13.16 -36.75 -8.76
N MET B 302 -12.91 -37.79 -7.97
CA MET B 302 -12.00 -37.65 -6.84
C MET B 302 -10.59 -37.32 -7.31
N ALA B 303 -10.22 -37.78 -8.52
CA ALA B 303 -8.90 -37.47 -9.05
C ALA B 303 -8.73 -35.98 -9.29
N ARG B 304 -9.82 -35.29 -9.62
CA ARG B 304 -9.76 -33.85 -9.86
C ARG B 304 -9.57 -33.05 -8.57
N LYS B 305 -9.92 -33.62 -7.42
CA LYS B 305 -9.79 -32.94 -6.13
C LYS B 305 -10.58 -31.65 -6.10
N THR B 306 -11.84 -31.72 -6.54
CA THR B 306 -12.74 -30.57 -6.59
C THR B 306 -14.11 -30.83 -5.98
N GLY B 307 -14.51 -32.08 -5.82
CA GLY B 307 -15.80 -32.40 -5.24
C GLY B 307 -16.87 -32.64 -6.30
N ALA B 308 -18.12 -32.61 -5.83
CA ALA B 308 -19.24 -32.85 -6.72
C ALA B 308 -19.38 -31.76 -7.76
N ARG B 309 -18.94 -30.54 -7.47
CA ARG B 309 -19.07 -29.45 -8.43
C ARG B 309 -18.20 -29.68 -9.66
N GLY B 310 -17.14 -30.47 -9.54
CA GLY B 310 -16.27 -30.76 -10.67
C GLY B 310 -16.68 -32.03 -11.39
N LEU B 311 -17.92 -32.47 -11.17
CA LEU B 311 -18.41 -33.69 -11.81
C LEU B 311 -18.91 -33.42 -13.22
N ARG B 312 -19.42 -32.22 -13.49
CA ARG B 312 -19.93 -31.91 -14.82
C ARG B 312 -18.84 -31.98 -15.88
N SER B 313 -17.58 -31.75 -15.49
CA SER B 313 -16.49 -31.80 -16.46
C SER B 313 -16.38 -33.17 -17.11
N ILE B 314 -16.67 -34.23 -16.35
CA ILE B 314 -16.58 -35.59 -16.88
C ILE B 314 -17.76 -35.87 -17.80
N VAL B 315 -18.97 -35.65 -17.30
CA VAL B 315 -20.18 -35.91 -18.08
C VAL B 315 -20.22 -35.06 -19.35
N GLU B 316 -19.82 -33.79 -19.24
CA GLU B 316 -19.91 -32.91 -20.40
C GLU B 316 -18.90 -33.30 -21.48
N ALA B 317 -17.77 -33.88 -21.11
CA ALA B 317 -16.78 -34.27 -22.12
C ALA B 317 -17.32 -35.38 -23.02
N ALA B 318 -17.92 -36.41 -22.42
CA ALA B 318 -18.45 -37.52 -23.21
C ALA B 318 -19.68 -37.13 -23.99
N LEU B 319 -20.63 -36.45 -23.33
CA LEU B 319 -21.87 -36.07 -23.97
C LEU B 319 -21.67 -35.08 -25.12
N LEU B 320 -20.62 -34.26 -25.04
CA LEU B 320 -20.31 -33.27 -26.07
C LEU B 320 -20.49 -33.77 -27.49
N ASP B 321 -19.87 -34.90 -27.83
CA ASP B 321 -20.00 -35.46 -29.17
C ASP B 321 -21.45 -35.79 -29.49
N THR B 322 -22.16 -36.37 -28.53
CA THR B 322 -23.56 -36.73 -28.75
C THR B 322 -24.44 -35.51 -28.94
N MET B 323 -24.30 -34.52 -28.05
CA MET B 323 -25.13 -33.33 -28.13
C MET B 323 -24.86 -32.52 -29.40
N TYR B 324 -23.64 -32.58 -29.92
CA TYR B 324 -23.31 -31.80 -31.10
C TYR B 324 -24.07 -32.29 -32.34
N ASP B 325 -24.11 -33.61 -32.54
CA ASP B 325 -24.75 -34.19 -33.72
C ASP B 325 -26.15 -34.74 -33.45
N LEU B 326 -26.66 -34.65 -32.21
CA LEU B 326 -27.98 -35.20 -31.95
C LEU B 326 -29.10 -34.39 -32.62
N PRO B 327 -29.12 -33.05 -32.57
CA PRO B 327 -30.21 -32.33 -33.25
C PRO B 327 -30.23 -32.55 -34.75
N SER B 328 -29.06 -32.58 -35.38
CA SER B 328 -29.01 -32.82 -36.82
C SER B 328 -29.51 -34.22 -37.13
N MET B 329 -29.22 -35.18 -36.26
CA MET B 329 -29.67 -36.55 -36.44
C MET B 329 -31.18 -36.64 -36.20
N GLU B 330 -31.82 -37.52 -36.96
CA GLU B 330 -33.25 -37.73 -36.89
C GLU B 330 -33.54 -39.21 -36.66
N ASP B 331 -34.77 -39.47 -36.23
CA ASP B 331 -35.22 -40.84 -35.94
C ASP B 331 -34.37 -41.44 -34.83
N VAL B 332 -34.03 -40.63 -33.82
CA VAL B 332 -33.25 -41.04 -32.66
C VAL B 332 -34.13 -40.85 -31.44
N GLU B 333 -34.44 -41.96 -30.75
CA GLU B 333 -35.31 -41.92 -29.58
C GLU B 333 -34.64 -42.27 -28.26
N LYS B 334 -33.53 -43.00 -28.25
CA LYS B 334 -32.89 -43.38 -27.01
C LYS B 334 -31.38 -43.43 -27.16
N VAL B 335 -30.69 -43.04 -26.09
CA VAL B 335 -29.23 -43.02 -26.03
C VAL B 335 -28.79 -43.83 -24.82
N VAL B 336 -27.80 -44.69 -25.02
CA VAL B 336 -27.24 -45.53 -23.97
C VAL B 336 -25.76 -45.22 -23.84
N ILE B 337 -25.30 -45.01 -22.61
CA ILE B 337 -23.92 -44.68 -22.31
C ILE B 337 -23.28 -45.86 -21.59
N ASP B 338 -22.17 -46.35 -22.14
CA ASP B 338 -21.44 -47.49 -21.59
C ASP B 338 -20.25 -46.98 -20.78
N GLU B 339 -19.64 -47.88 -20.01
CA GLU B 339 -18.48 -47.52 -19.21
C GLU B 339 -17.31 -47.07 -20.09
N SER B 340 -17.14 -47.72 -21.25
CA SER B 340 -16.06 -47.37 -22.17
C SER B 340 -16.21 -45.94 -22.68
N VAL B 341 -17.45 -45.46 -22.83
CA VAL B 341 -17.69 -44.12 -23.34
C VAL B 341 -17.03 -43.07 -22.45
N ILE B 342 -17.06 -43.28 -21.14
CA ILE B 342 -16.44 -42.32 -20.22
C ILE B 342 -14.94 -42.27 -20.44
N ASP B 343 -14.32 -43.43 -20.63
CA ASP B 343 -12.88 -43.46 -20.89
C ASP B 343 -12.55 -42.79 -22.22
N GLY B 344 -13.46 -42.88 -23.18
CA GLY B 344 -13.27 -42.30 -24.50
C GLY B 344 -12.85 -43.29 -25.57
N GLN B 345 -12.59 -44.54 -25.20
CA GLN B 345 -12.19 -45.55 -26.19
C GLN B 345 -13.35 -45.87 -27.13
N SER B 346 -14.57 -45.94 -26.60
CA SER B 346 -15.76 -46.27 -27.35
C SER B 346 -16.63 -45.04 -27.57
N GLU B 347 -17.68 -45.23 -28.37
CA GLU B 347 -18.67 -44.22 -28.74
C GLU B 347 -20.03 -44.59 -28.17
N PRO B 348 -20.81 -43.64 -27.65
CA PRO B 348 -22.11 -44.00 -27.07
C PRO B 348 -23.06 -44.63 -28.09
N LEU B 349 -23.63 -45.76 -27.70
CA LEU B 349 -24.59 -46.45 -28.56
C LEU B 349 -25.85 -45.63 -28.72
N LEU B 350 -26.39 -45.65 -29.94
CA LEU B 350 -27.60 -44.92 -30.29
C LEU B 350 -28.68 -45.89 -30.75
N ILE B 351 -29.93 -45.52 -30.50
CA ILE B 351 -31.09 -46.31 -30.86
C ILE B 351 -31.91 -45.53 -31.87
N TYR B 352 -32.32 -46.20 -32.95
CA TYR B 352 -33.09 -45.60 -34.02
C TYR B 352 -34.50 -46.17 -34.04
N GLY B 353 -35.49 -45.29 -34.22
CA GLY B 353 -36.88 -45.70 -34.27
C GLY B 353 -37.82 -44.64 -33.71
N ALA C 2 -37.80 -22.26 -35.53
CA ALA C 2 -37.03 -23.13 -34.65
C ALA C 2 -35.72 -22.47 -34.26
N LEU C 3 -35.05 -23.05 -33.27
CA LEU C 3 -33.78 -22.53 -32.80
C LEU C 3 -32.65 -23.00 -33.70
N PRO C 4 -31.45 -22.40 -33.58
CA PRO C 4 -30.33 -22.86 -34.40
C PRO C 4 -29.89 -24.26 -34.03
N THR C 5 -28.92 -24.80 -34.74
CA THR C 5 -28.37 -26.12 -34.50
C THR C 5 -26.86 -26.01 -34.33
N PRO C 6 -26.22 -27.02 -33.72
CA PRO C 6 -24.77 -26.96 -33.56
C PRO C 6 -24.04 -26.95 -34.90
N HIS C 7 -24.55 -27.67 -35.89
CA HIS C 7 -23.92 -27.69 -37.20
C HIS C 7 -24.07 -26.34 -37.88
N GLU C 8 -25.22 -25.69 -37.69
CA GLU C 8 -25.46 -24.39 -38.32
C GLU C 8 -24.66 -23.29 -37.62
N ILE C 9 -24.66 -23.28 -36.29
CA ILE C 9 -23.91 -22.27 -35.57
C ILE C 9 -22.42 -22.46 -35.79
N ARG C 10 -21.97 -23.71 -35.94
CA ARG C 10 -20.55 -23.96 -36.19
C ARG C 10 -20.19 -23.55 -37.61
N ASN C 11 -21.11 -23.75 -38.56
CA ASN C 11 -20.84 -23.36 -39.94
C ASN C 11 -20.65 -21.85 -40.04
N HIS C 12 -21.33 -21.09 -39.17
CA HIS C 12 -21.18 -19.64 -39.18
C HIS C 12 -19.83 -19.23 -38.62
N LEU C 13 -19.42 -19.83 -37.50
CA LEU C 13 -18.14 -19.49 -36.90
C LEU C 13 -16.98 -19.93 -37.78
N ASP C 14 -17.17 -20.97 -38.59
CA ASP C 14 -16.11 -21.43 -39.48
C ASP C 14 -15.75 -20.36 -40.50
N ASP C 15 -16.70 -19.51 -40.86
CA ASP C 15 -16.44 -18.45 -41.82
C ASP C 15 -15.45 -17.43 -41.27
N TYR C 16 -15.45 -17.24 -39.95
CA TYR C 16 -14.57 -16.28 -39.30
C TYR C 16 -13.42 -16.91 -38.53
N VAL C 17 -13.47 -18.22 -38.25
CA VAL C 17 -12.43 -18.92 -37.50
C VAL C 17 -12.07 -20.20 -38.23
N ILE C 18 -10.77 -20.52 -38.22
CA ILE C 18 -10.24 -21.70 -38.91
C ILE C 18 -9.28 -22.45 -38.00
N GLY C 19 -9.28 -23.77 -38.16
CA GLY C 19 -8.36 -24.65 -37.44
C GLY C 19 -8.61 -24.88 -35.97
N GLN C 20 -9.85 -24.80 -35.51
CA GLN C 20 -10.19 -25.07 -34.11
C GLN C 20 -11.47 -25.90 -34.12
N GLU C 21 -11.32 -27.23 -34.10
CA GLU C 21 -12.46 -28.12 -34.16
C GLU C 21 -13.10 -28.34 -32.80
N GLN C 22 -12.30 -28.79 -31.82
CA GLN C 22 -12.85 -29.07 -30.50
C GLN C 22 -13.35 -27.82 -29.79
N ALA C 23 -12.69 -26.68 -30.02
CA ALA C 23 -13.11 -25.45 -29.35
C ALA C 23 -14.48 -25.00 -29.82
N LYS C 24 -14.74 -25.09 -31.13
CA LYS C 24 -16.03 -24.66 -31.66
C LYS C 24 -17.16 -25.56 -31.18
N LYS C 25 -16.89 -26.84 -30.94
CA LYS C 25 -17.93 -27.75 -30.47
C LYS C 25 -18.42 -27.37 -29.09
N VAL C 26 -17.51 -26.97 -28.21
CA VAL C 26 -17.88 -26.63 -26.83
C VAL C 26 -18.81 -25.42 -26.80
N LEU C 27 -18.47 -24.39 -27.58
CA LEU C 27 -19.31 -23.19 -27.60
C LEU C 27 -20.68 -23.46 -28.21
N ALA C 28 -20.75 -24.32 -29.21
CA ALA C 28 -22.04 -24.60 -29.85
C ALA C 28 -22.99 -25.30 -28.91
N VAL C 29 -22.49 -26.29 -28.16
CA VAL C 29 -23.36 -27.02 -27.25
C VAL C 29 -23.84 -26.12 -26.12
N ALA C 30 -22.98 -25.25 -25.62
CA ALA C 30 -23.37 -24.35 -24.54
C ALA C 30 -24.45 -23.38 -25.01
N VAL C 31 -24.21 -22.74 -26.16
CA VAL C 31 -25.17 -21.79 -26.70
C VAL C 31 -26.47 -22.50 -27.07
N TYR C 32 -26.36 -23.67 -27.71
CA TYR C 32 -27.55 -24.43 -28.09
C TYR C 32 -28.30 -24.90 -26.85
N ASN C 33 -27.59 -25.16 -25.76
CA ASN C 33 -28.24 -25.59 -24.53
C ASN C 33 -28.73 -24.41 -23.70
N HIS C 34 -28.15 -23.23 -23.88
CA HIS C 34 -28.59 -22.07 -23.11
C HIS C 34 -30.01 -21.67 -23.49
N TYR C 35 -30.34 -21.75 -24.79
CA TYR C 35 -31.68 -21.40 -25.22
C TYR C 35 -32.71 -22.37 -24.64
N LYS C 36 -32.31 -23.63 -24.43
CA LYS C 36 -33.24 -24.61 -23.88
C LYS C 36 -33.55 -24.30 -22.42
N ARG C 37 -32.52 -24.08 -21.61
CA ARG C 37 -32.73 -23.75 -20.21
C ARG C 37 -33.46 -22.42 -20.08
N LEU C 38 -33.24 -21.50 -21.03
CA LEU C 38 -33.91 -20.21 -20.99
C LEU C 38 -35.38 -20.35 -21.39
N ARG C 39 -35.67 -21.18 -22.38
CA ARG C 39 -37.04 -21.33 -22.85
C ARG C 39 -37.94 -21.95 -21.79
N ASN C 40 -37.46 -22.98 -21.10
CA ASN C 40 -38.24 -23.69 -20.08
C ASN C 40 -37.58 -23.54 -18.72
N GLY C 41 -37.95 -22.48 -18.01
CA GLY C 41 -37.46 -22.25 -16.67
C GLY C 41 -38.43 -22.80 -15.64
N ASP C 42 -38.13 -23.99 -15.10
CA ASP C 42 -38.99 -24.63 -14.10
C ASP C 42 -40.39 -24.87 -14.67
N THR C 43 -40.46 -25.28 -15.93
CA THR C 43 -41.71 -25.54 -16.65
C THR C 43 -41.62 -26.88 -17.38
N SER C 44 -41.12 -27.88 -16.66
CA SER C 44 -40.96 -29.23 -17.20
C SER C 44 -40.98 -30.19 -16.02
N ASN C 45 -40.93 -31.50 -16.34
CA ASN C 45 -40.92 -32.50 -15.27
C ASN C 45 -39.69 -32.32 -14.39
N GLY C 46 -38.52 -32.18 -15.01
CA GLY C 46 -37.32 -31.93 -14.26
C GLY C 46 -37.29 -30.51 -13.72
N VAL C 47 -36.48 -30.30 -12.69
CA VAL C 47 -36.35 -29.00 -12.05
C VAL C 47 -34.92 -28.85 -11.56
N GLU C 48 -34.58 -27.62 -11.16
CA GLU C 48 -33.23 -27.31 -10.68
C GLU C 48 -32.21 -27.56 -11.79
N LEU C 49 -32.47 -26.96 -12.96
CA LEU C 49 -31.59 -27.14 -14.10
C LEU C 49 -30.23 -26.54 -13.80
N GLY C 50 -29.20 -27.34 -14.03
CA GLY C 50 -27.84 -26.92 -13.74
C GLY C 50 -27.33 -25.88 -14.72
N LYS C 51 -26.01 -25.72 -14.68
CA LYS C 51 -25.31 -24.75 -15.51
C LYS C 51 -23.89 -25.26 -15.72
N SER C 52 -23.30 -24.90 -16.85
CA SER C 52 -21.95 -25.34 -17.20
C SER C 52 -21.23 -24.22 -17.92
N ASN C 53 -20.34 -23.54 -17.21
CA ASN C 53 -19.55 -22.46 -17.78
C ASN C 53 -18.44 -23.06 -18.63
N ILE C 54 -17.64 -22.19 -19.24
CA ILE C 54 -16.56 -22.62 -20.13
C ILE C 54 -15.26 -21.91 -19.73
N LEU C 55 -14.15 -22.63 -19.83
CA LEU C 55 -12.81 -22.11 -19.55
C LEU C 55 -11.96 -22.38 -20.78
N LEU C 56 -11.74 -21.35 -21.59
CA LEU C 56 -10.93 -21.48 -22.80
C LEU C 56 -9.45 -21.32 -22.47
N ILE C 57 -8.63 -22.22 -22.99
CA ILE C 57 -7.19 -22.19 -22.79
C ILE C 57 -6.52 -22.41 -24.14
N GLY C 58 -5.48 -21.62 -24.40
CA GLY C 58 -4.74 -21.76 -25.63
C GLY C 58 -3.58 -20.79 -25.74
N PRO C 59 -2.70 -21.01 -26.73
CA PRO C 59 -1.58 -20.09 -26.89
C PRO C 59 -2.02 -18.73 -27.39
N THR C 60 -1.06 -17.82 -27.56
CA THR C 60 -1.37 -16.49 -28.06
C THR C 60 -1.73 -16.55 -29.54
N GLY C 61 -2.64 -15.69 -29.94
CA GLY C 61 -3.05 -15.62 -31.33
C GLY C 61 -3.69 -16.88 -31.85
N SER C 62 -4.32 -17.67 -30.99
CA SER C 62 -4.97 -18.90 -31.39
C SER C 62 -6.42 -18.71 -31.81
N GLY C 63 -7.05 -17.62 -31.42
CA GLY C 63 -8.43 -17.33 -31.75
C GLY C 63 -9.39 -17.32 -30.58
N LYS C 64 -8.89 -17.18 -29.35
CA LYS C 64 -9.77 -17.17 -28.18
C LYS C 64 -10.67 -15.95 -28.18
N THR C 65 -10.06 -14.77 -28.25
CA THR C 65 -10.84 -13.53 -28.25
C THR C 65 -11.68 -13.38 -29.50
N LEU C 66 -11.27 -14.01 -30.60
CA LEU C 66 -12.03 -13.90 -31.84
C LEU C 66 -13.35 -14.64 -31.78
N LEU C 67 -13.39 -15.77 -31.08
CA LEU C 67 -14.64 -16.53 -30.99
C LEU C 67 -15.70 -15.74 -30.26
N ALA C 68 -15.31 -15.01 -29.22
CA ALA C 68 -16.29 -14.23 -28.46
C ALA C 68 -16.86 -13.10 -29.30
N GLU C 69 -16.05 -12.48 -30.15
CA GLU C 69 -16.53 -11.39 -30.98
C GLU C 69 -17.46 -11.91 -32.07
N THR C 70 -17.05 -12.98 -32.76
CA THR C 70 -17.87 -13.55 -33.82
C THR C 70 -19.17 -14.10 -33.26
N LEU C 71 -19.15 -14.59 -32.03
CA LEU C 71 -20.35 -15.14 -31.42
C LEU C 71 -21.39 -14.04 -31.19
N ALA C 72 -20.96 -12.84 -30.83
CA ALA C 72 -21.89 -11.75 -30.57
C ALA C 72 -22.64 -11.34 -31.83
N ARG C 73 -22.04 -11.54 -33.01
CA ARG C 73 -22.72 -11.17 -34.25
C ARG C 73 -23.96 -12.03 -34.47
N LEU C 74 -23.85 -13.34 -34.25
CA LEU C 74 -24.94 -14.26 -34.45
C LEU C 74 -25.82 -14.44 -33.22
N LEU C 75 -25.33 -14.09 -32.04
CA LEU C 75 -26.11 -14.28 -30.82
C LEU C 75 -27.23 -13.24 -30.72
N ASP C 76 -28.40 -13.71 -30.30
CA ASP C 76 -29.57 -12.85 -30.11
C ASP C 76 -29.58 -12.23 -28.72
N VAL C 77 -29.38 -13.04 -27.69
CA VAL C 77 -29.36 -12.59 -26.30
C VAL C 77 -28.18 -11.64 -26.14
N PRO C 78 -28.17 -10.78 -25.12
CA PRO C 78 -27.05 -9.83 -24.97
C PRO C 78 -25.74 -10.55 -24.69
N PHE C 79 -24.65 -9.86 -25.02
CA PHE C 79 -23.30 -10.38 -24.86
C PHE C 79 -22.39 -9.20 -24.56
N THR C 80 -21.34 -9.45 -23.78
CA THR C 80 -20.37 -8.44 -23.43
C THR C 80 -18.98 -9.02 -23.49
N MET C 81 -17.98 -8.14 -23.44
CA MET C 81 -16.57 -8.53 -23.49
C MET C 81 -15.86 -7.67 -22.44
N ALA C 82 -15.73 -8.22 -21.24
CA ALA C 82 -15.11 -7.54 -20.12
C ALA C 82 -13.68 -8.04 -19.93
N ASP C 83 -13.04 -7.57 -18.85
CA ASP C 83 -11.66 -7.92 -18.54
C ASP C 83 -11.53 -8.12 -17.04
N ALA C 84 -10.50 -8.89 -16.66
CA ALA C 84 -10.21 -9.20 -15.27
C ALA C 84 -9.01 -8.43 -14.73
N THR C 85 -8.21 -7.81 -15.61
CA THR C 85 -7.05 -7.06 -15.16
C THR C 85 -7.45 -5.81 -14.37
N THR C 86 -8.56 -5.18 -14.74
CA THR C 86 -9.00 -3.93 -14.14
C THR C 86 -9.92 -4.12 -12.93
N LEU C 87 -9.90 -5.27 -12.28
CA LEU C 87 -10.77 -5.53 -11.13
C LEU C 87 -9.98 -5.52 -9.83
N THR C 88 -10.65 -5.14 -8.75
CA THR C 88 -10.10 -5.06 -7.41
C THR C 88 -10.96 -5.89 -6.45
N GLU C 89 -10.51 -5.96 -5.20
CA GLU C 89 -11.17 -6.79 -4.18
C GLU C 89 -12.13 -6.02 -3.29
N ALA C 90 -13.31 -5.72 -3.84
CA ALA C 90 -14.45 -5.18 -3.09
C ALA C 90 -14.14 -3.99 -2.19
N GLY C 91 -13.74 -2.86 -2.79
CA GLY C 91 -13.49 -1.67 -2.00
C GLY C 91 -12.31 -0.81 -2.38
N TYR C 92 -11.31 -1.39 -3.03
CA TYR C 92 -10.15 -0.59 -3.40
C TYR C 92 -10.53 0.36 -4.54
N VAL C 93 -9.55 1.16 -4.96
CA VAL C 93 -9.79 2.21 -5.94
C VAL C 93 -9.98 1.74 -7.37
N GLY C 94 -9.46 0.58 -7.75
CA GLY C 94 -9.55 0.18 -9.14
C GLY C 94 -10.92 -0.06 -9.74
N GLU C 95 -11.65 -1.09 -9.30
CA GLU C 95 -12.97 -1.38 -9.84
C GLU C 95 -13.58 -2.52 -9.04
N ASP C 96 -14.91 -2.63 -9.11
CA ASP C 96 -15.65 -3.68 -8.45
C ASP C 96 -16.13 -4.69 -9.50
N VAL C 97 -16.46 -5.89 -9.02
CA VAL C 97 -16.92 -6.95 -9.91
C VAL C 97 -18.28 -6.62 -10.51
N GLU C 98 -19.10 -5.84 -9.81
CA GLU C 98 -20.44 -5.50 -10.29
C GLU C 98 -20.43 -4.68 -11.57
N ASN C 99 -19.29 -4.10 -11.96
CA ASN C 99 -19.24 -3.32 -13.19
C ASN C 99 -19.54 -4.20 -14.41
N ILE C 100 -19.25 -5.50 -14.32
CA ILE C 100 -19.53 -6.41 -15.43
C ILE C 100 -21.02 -6.44 -15.71
N ILE C 101 -21.85 -6.51 -14.66
CA ILE C 101 -23.28 -6.55 -14.85
C ILE C 101 -23.78 -5.21 -15.37
N GLN C 102 -23.14 -4.12 -14.98
CA GLN C 102 -23.57 -2.80 -15.46
C GLN C 102 -23.36 -2.68 -16.97
N LYS C 103 -22.24 -3.22 -17.48
CA LYS C 103 -22.01 -3.16 -18.92
C LYS C 103 -23.03 -3.98 -19.69
N LEU C 104 -23.55 -5.05 -19.07
CA LEU C 104 -24.54 -5.89 -19.72
C LEU C 104 -25.84 -5.14 -19.94
N LEU C 105 -26.22 -4.29 -18.98
CA LEU C 105 -27.48 -3.56 -19.10
C LEU C 105 -27.42 -2.49 -20.18
N GLN C 106 -26.23 -1.97 -20.48
CA GLN C 106 -26.12 -0.95 -21.52
C GLN C 106 -26.53 -1.52 -22.87
N LYS C 107 -26.15 -2.77 -23.14
CA LYS C 107 -26.51 -3.42 -24.39
C LYS C 107 -27.93 -3.97 -24.35
N SER C 108 -28.43 -4.29 -23.17
CA SER C 108 -29.78 -4.82 -23.00
C SER C 108 -30.83 -3.73 -22.83
N ASP C 109 -30.43 -2.46 -22.81
CA ASP C 109 -31.35 -1.33 -22.64
C ASP C 109 -32.04 -1.37 -21.28
N TYR C 110 -31.29 -1.81 -20.26
CA TYR C 110 -31.77 -1.88 -18.89
C TYR C 110 -32.97 -2.81 -18.75
N ASP C 111 -32.95 -3.90 -19.50
CA ASP C 111 -33.99 -4.93 -19.46
C ASP C 111 -33.48 -6.01 -18.52
N VAL C 112 -33.94 -5.99 -17.27
CA VAL C 112 -33.50 -6.94 -16.27
C VAL C 112 -33.90 -8.35 -16.67
N GLN C 113 -35.14 -8.52 -17.15
CA GLN C 113 -35.58 -9.86 -17.55
C GLN C 113 -34.78 -10.36 -18.73
N LYS C 114 -34.32 -9.46 -19.60
CA LYS C 114 -33.51 -9.83 -20.75
C LYS C 114 -32.01 -9.87 -20.41
N ALA C 115 -31.61 -9.29 -19.28
CA ALA C 115 -30.20 -9.29 -18.90
C ALA C 115 -29.82 -10.59 -18.20
N GLN C 116 -30.73 -11.16 -17.41
CA GLN C 116 -30.42 -12.40 -16.70
C GLN C 116 -30.21 -13.54 -17.68
N ARG C 117 -30.85 -13.50 -18.85
CA ARG C 117 -30.71 -14.51 -19.87
C ARG C 117 -29.55 -14.21 -20.84
N GLY C 118 -28.66 -13.30 -20.47
CA GLY C 118 -27.53 -12.95 -21.31
C GLY C 118 -26.34 -13.86 -21.11
N ILE C 119 -25.31 -13.60 -21.90
CA ILE C 119 -24.05 -14.34 -21.87
C ILE C 119 -22.96 -13.35 -21.51
N VAL C 120 -21.93 -13.84 -20.82
CA VAL C 120 -20.82 -13.03 -20.36
C VAL C 120 -19.51 -13.71 -20.75
N TYR C 121 -18.53 -12.88 -21.12
CA TYR C 121 -17.21 -13.35 -21.50
C TYR C 121 -16.16 -12.54 -20.74
N ILE C 122 -15.08 -13.20 -20.35
CA ILE C 122 -13.98 -12.59 -19.63
C ILE C 122 -12.70 -12.97 -20.37
N ASP C 123 -11.78 -12.02 -20.46
CA ASP C 123 -10.52 -12.24 -21.14
C ASP C 123 -9.35 -12.00 -20.18
N GLN C 124 -8.24 -12.68 -20.47
CA GLN C 124 -7.02 -12.57 -19.68
C GLN C 124 -7.26 -12.97 -18.22
N ILE C 125 -7.81 -14.17 -18.03
CA ILE C 125 -8.06 -14.67 -16.68
C ILE C 125 -6.79 -15.07 -15.97
N ASP C 126 -5.71 -15.37 -16.71
CA ASP C 126 -4.47 -15.77 -16.07
C ASP C 126 -3.82 -14.64 -15.27
N LYS C 127 -4.17 -13.39 -15.57
CA LYS C 127 -3.59 -12.23 -14.89
C LYS C 127 -4.02 -12.10 -13.44
N ILE C 128 -4.96 -12.93 -12.97
CA ILE C 128 -5.44 -12.90 -11.60
C ILE C 128 -5.07 -14.22 -10.92
N SER C 129 -3.96 -14.81 -11.35
CA SER C 129 -3.50 -16.08 -10.82
C SER C 129 -2.57 -15.83 -9.64
N ARG C 130 -2.86 -16.48 -8.53
CA ARG C 130 -2.09 -16.35 -7.31
C ARG C 130 -0.64 -16.79 -7.51
N LYS C 131 0.29 -15.97 -7.03
CA LYS C 131 1.71 -16.30 -7.09
C LYS C 131 1.96 -17.37 -6.02
N SER C 132 2.22 -18.60 -6.49
CA SER C 132 2.41 -19.78 -5.64
C SER C 132 3.20 -19.52 -4.36
N ASP C 133 4.40 -18.94 -4.48
CA ASP C 133 5.25 -18.65 -3.31
C ASP C 133 5.47 -17.15 -3.23
N ASN C 134 4.55 -16.47 -2.53
CA ASN C 134 4.61 -15.03 -2.29
C ASN C 134 4.74 -14.81 -0.79
N PRO C 135 5.09 -13.61 -0.32
CA PRO C 135 5.14 -13.39 1.14
C PRO C 135 3.77 -13.60 1.75
N SER C 136 3.73 -14.41 2.82
CA SER C 136 2.46 -14.70 3.48
C SER C 136 1.76 -13.46 3.98
N ILE C 137 2.52 -12.49 4.52
CA ILE C 137 1.94 -11.27 5.07
C ILE C 137 1.81 -10.28 3.91
N THR C 138 0.67 -10.36 3.23
CA THR C 138 0.34 -9.50 2.10
C THR C 138 -1.09 -9.87 1.70
N ARG C 139 -1.66 -9.08 0.80
CA ARG C 139 -3.01 -9.34 0.30
C ARG C 139 -3.00 -9.13 -1.20
N ASP C 140 -3.38 -10.18 -1.93
CA ASP C 140 -3.41 -10.15 -3.39
C ASP C 140 -4.80 -9.69 -3.84
N VAL C 141 -4.98 -8.37 -3.81
CA VAL C 141 -6.28 -7.80 -4.18
C VAL C 141 -6.58 -8.07 -5.65
N SER C 142 -5.56 -7.98 -6.50
CA SER C 142 -5.78 -8.19 -7.93
C SER C 142 -6.08 -9.64 -8.27
N GLY C 143 -5.25 -10.56 -7.80
CA GLY C 143 -5.42 -11.96 -8.15
C GLY C 143 -6.27 -12.83 -7.24
N GLU C 144 -6.00 -12.84 -5.94
CA GLU C 144 -6.78 -13.70 -5.05
C GLU C 144 -8.14 -13.10 -4.76
N GLY C 145 -8.20 -11.78 -4.55
CA GLY C 145 -9.47 -11.14 -4.25
C GLY C 145 -10.48 -11.26 -5.36
N VAL C 146 -10.05 -11.12 -6.61
CA VAL C 146 -10.98 -11.19 -7.73
C VAL C 146 -11.60 -12.57 -7.82
N GLN C 147 -10.82 -13.62 -7.64
CA GLN C 147 -11.36 -14.97 -7.70
C GLN C 147 -12.37 -15.18 -6.59
N GLN C 148 -12.02 -14.78 -5.37
CA GLN C 148 -12.90 -14.90 -4.23
C GLN C 148 -14.23 -14.19 -4.48
N ALA C 149 -14.19 -13.02 -5.11
CA ALA C 149 -15.41 -12.27 -5.39
C ALA C 149 -16.27 -12.97 -6.44
N LEU C 150 -15.63 -13.54 -7.46
CA LEU C 150 -16.37 -14.19 -8.54
C LEU C 150 -17.06 -15.49 -8.13
N LEU C 151 -16.67 -16.07 -6.99
CA LEU C 151 -17.25 -17.34 -6.55
C LEU C 151 -18.78 -17.30 -6.52
N LYS C 152 -19.34 -16.37 -5.74
CA LYS C 152 -20.79 -16.29 -5.64
C LYS C 152 -21.42 -15.85 -6.96
N LEU C 153 -20.68 -15.12 -7.78
CA LEU C 153 -21.23 -14.65 -9.05
C LEU C 153 -21.49 -15.81 -10.01
N ILE C 154 -20.50 -16.68 -10.20
CA ILE C 154 -20.67 -17.81 -11.10
C ILE C 154 -21.74 -18.78 -10.59
N GLU C 155 -21.93 -18.83 -9.27
CA GLU C 155 -22.92 -19.74 -8.70
C GLU C 155 -24.32 -19.20 -8.89
N GLY C 156 -24.52 -17.93 -8.56
CA GLY C 156 -25.78 -17.24 -8.69
C GLY C 156 -26.08 -16.45 -7.43
N THR C 157 -26.33 -15.15 -7.61
CA THR C 157 -26.62 -14.25 -6.51
C THR C 157 -27.35 -13.06 -7.10
N VAL C 158 -27.49 -12.00 -6.30
CA VAL C 158 -28.12 -10.75 -6.72
C VAL C 158 -27.18 -9.63 -6.29
N ALA C 159 -26.89 -8.73 -7.21
CA ALA C 159 -25.96 -7.63 -6.96
C ALA C 159 -26.59 -6.27 -7.26
N ALA C 160 -26.30 -5.33 -6.38
CA ALA C 160 -26.78 -3.96 -6.54
C ALA C 160 -26.08 -3.30 -7.72
N VAL C 161 -26.86 -2.63 -8.57
CA VAL C 161 -26.33 -1.97 -9.76
C VAL C 161 -26.98 -0.59 -9.91
N PRO C 162 -26.26 0.52 -9.80
CA PRO C 162 -26.90 1.84 -9.97
C PRO C 162 -27.45 2.01 -11.38
N PRO C 163 -28.75 2.15 -11.56
CA PRO C 163 -29.27 2.32 -12.93
C PRO C 163 -28.95 3.71 -13.46
N GLN C 164 -28.24 3.75 -14.59
CA GLN C 164 -27.84 4.97 -15.29
C GLN C 164 -26.84 5.81 -14.50
N GLY C 165 -26.37 5.37 -13.33
CA GLY C 165 -25.49 6.13 -12.50
C GLY C 165 -26.19 7.03 -11.51
N GLY C 166 -27.45 7.35 -11.76
CA GLY C 166 -28.24 8.20 -10.88
C GLY C 166 -28.04 9.67 -11.16
N ARG C 167 -29.14 10.44 -11.06
CA ARG C 167 -29.04 11.87 -11.30
C ARG C 167 -28.30 12.57 -10.17
N LYS C 168 -28.58 12.18 -8.93
CA LYS C 168 -27.93 12.76 -7.77
C LYS C 168 -28.12 11.81 -6.59
N HIS C 169 -27.74 12.26 -5.39
CA HIS C 169 -27.90 11.47 -4.17
C HIS C 169 -29.36 11.10 -3.91
N PRO C 170 -30.29 11.92 -4.40
CA PRO C 170 -31.74 11.74 -4.20
C PRO C 170 -32.24 10.30 -4.33
N GLN C 171 -31.90 9.62 -5.43
CA GLN C 171 -32.39 8.26 -5.63
C GLN C 171 -31.84 7.29 -4.58
N GLN C 172 -30.51 7.15 -4.53
CA GLN C 172 -29.84 6.28 -3.55
C GLN C 172 -30.43 4.87 -3.53
N GLU C 173 -30.70 4.32 -4.71
CA GLU C 173 -31.26 2.98 -4.84
C GLU C 173 -30.43 2.16 -5.82
N PHE C 174 -30.64 0.85 -5.78
CA PHE C 174 -29.93 -0.10 -6.63
C PHE C 174 -30.88 -1.19 -7.08
N LEU C 175 -30.59 -1.75 -8.25
CA LEU C 175 -31.39 -2.80 -8.84
C LEU C 175 -30.76 -4.17 -8.58
N GLN C 176 -31.62 -5.16 -8.36
CA GLN C 176 -31.19 -6.53 -8.12
C GLN C 176 -31.27 -7.29 -9.43
N VAL C 177 -30.19 -8.00 -9.76
CA VAL C 177 -30.09 -8.75 -11.02
C VAL C 177 -29.57 -10.14 -10.71
N ASP C 178 -30.43 -11.15 -10.88
CA ASP C 178 -30.01 -12.52 -10.64
C ASP C 178 -28.88 -12.89 -11.60
N THR C 179 -28.09 -13.89 -11.21
CA THR C 179 -26.99 -14.37 -12.03
C THR C 179 -26.89 -15.89 -12.06
N SER C 180 -27.90 -16.61 -11.58
CA SER C 180 -27.83 -18.07 -11.58
C SER C 180 -27.91 -18.63 -12.99
N LYS C 181 -28.65 -17.99 -13.88
CA LYS C 181 -28.81 -18.45 -15.25
C LYS C 181 -27.83 -17.83 -16.23
N ILE C 182 -27.04 -16.85 -15.81
CA ILE C 182 -26.09 -16.21 -16.72
C ILE C 182 -24.91 -17.13 -16.96
N LEU C 183 -24.50 -17.23 -18.21
CA LEU C 183 -23.36 -18.03 -18.62
C LEU C 183 -22.10 -17.17 -18.55
N PHE C 184 -20.97 -17.82 -18.32
CA PHE C 184 -19.68 -17.15 -18.25
C PHE C 184 -18.69 -17.95 -19.08
N ILE C 185 -17.97 -17.25 -19.95
CA ILE C 185 -16.96 -17.86 -20.82
C ILE C 185 -15.65 -17.15 -20.50
N CYS C 186 -14.87 -17.73 -19.59
CA CYS C 186 -13.59 -17.17 -19.22
C CYS C 186 -12.49 -17.75 -20.10
N GLY C 187 -11.50 -16.94 -20.42
CA GLY C 187 -10.41 -17.40 -21.25
C GLY C 187 -9.20 -16.52 -21.09
N GLY C 188 -8.02 -17.13 -21.19
CA GLY C 188 -6.78 -16.41 -21.08
C GLY C 188 -5.58 -17.29 -21.32
N ALA C 189 -4.63 -16.83 -22.13
CA ALA C 189 -3.44 -17.60 -22.40
C ALA C 189 -2.63 -17.75 -21.13
N PHE C 190 -2.50 -18.97 -20.64
CA PHE C 190 -1.72 -19.21 -19.44
C PHE C 190 -0.24 -19.30 -19.80
N ALA C 191 0.60 -18.70 -18.97
CA ALA C 191 2.04 -18.66 -19.17
C ALA C 191 2.71 -19.59 -18.18
N GLY C 192 3.62 -20.42 -18.67
CA GLY C 192 4.35 -21.35 -17.83
C GLY C 192 3.58 -22.60 -17.45
N LEU C 193 2.37 -22.79 -17.97
CA LEU C 193 1.59 -23.97 -17.62
C LEU C 193 2.24 -25.24 -18.18
N ASP C 194 2.95 -25.14 -19.30
CA ASP C 194 3.60 -26.31 -19.88
C ASP C 194 4.63 -26.91 -18.94
N LYS C 195 5.33 -26.05 -18.20
CA LYS C 195 6.35 -26.54 -17.27
C LYS C 195 5.72 -27.33 -16.13
N VAL C 196 4.54 -26.93 -15.68
CA VAL C 196 3.89 -27.60 -14.56
C VAL C 196 3.46 -29.01 -14.95
N ILE C 197 2.89 -29.17 -16.14
CA ILE C 197 2.41 -30.49 -16.56
C ILE C 197 3.57 -31.44 -16.78
N SER C 198 4.72 -30.94 -17.20
CA SER C 198 5.87 -31.82 -17.44
C SER C 198 6.34 -32.48 -16.15
N HIS C 199 6.41 -31.72 -15.06
CA HIS C 199 6.84 -32.27 -13.78
C HIS C 199 5.91 -33.39 -13.33
N ARG C 200 4.60 -33.23 -13.55
CA ARG C 200 3.62 -34.21 -13.15
C ARG C 200 3.57 -35.42 -14.09
N VAL C 201 3.76 -35.19 -15.38
CA VAL C 201 3.63 -36.25 -16.38
C VAL C 201 4.94 -37.00 -16.59
N GLU C 202 6.00 -36.30 -16.94
CA GLU C 202 7.27 -36.98 -17.19
C GLU C 202 7.82 -37.59 -15.91
N THR C 203 7.85 -36.81 -14.82
CA THR C 203 8.36 -37.25 -13.52
C THR C 203 9.75 -37.87 -13.64
N GLY C 204 10.57 -37.27 -14.51
CA GLY C 204 11.92 -37.74 -14.74
C GLY C 204 12.97 -36.77 -14.26
N SER C 205 13.67 -36.15 -15.21
CA SER C 205 14.75 -35.19 -14.92
C SER C 205 15.76 -35.79 -13.94
N GLY C 206 16.02 -37.08 -14.09
CA GLY C 206 16.94 -37.80 -13.23
C GLY C 206 18.31 -37.93 -13.86
N ILE C 207 19.31 -37.32 -13.20
CA ILE C 207 20.69 -37.34 -13.69
C ILE C 207 21.28 -38.75 -13.66
N GLY C 208 20.68 -39.69 -12.93
CA GLY C 208 21.25 -41.02 -12.79
C GLY C 208 21.08 -41.93 -14.00
N PHE C 209 21.62 -43.14 -13.84
CA PHE C 209 21.60 -44.15 -14.90
C PHE C 209 20.21 -44.68 -15.17
N GLY C 210 19.53 -45.18 -14.14
CA GLY C 210 18.21 -45.76 -14.33
C GLY C 210 17.19 -44.76 -14.86
N ALA C 211 17.28 -43.52 -14.42
CA ALA C 211 16.35 -42.49 -14.86
C ALA C 211 16.54 -42.21 -16.35
N THR C 212 15.42 -42.04 -17.05
CA THR C 212 15.45 -41.78 -18.49
C THR C 212 15.61 -40.29 -18.72
N VAL C 213 16.65 -39.92 -19.47
CA VAL C 213 16.96 -38.54 -19.78
C VAL C 213 16.16 -38.12 -21.01
N LYS C 214 15.88 -36.81 -21.10
CA LYS C 214 15.13 -36.25 -22.22
C LYS C 214 15.77 -36.63 -23.54
N ALA C 215 15.01 -37.29 -24.42
CA ALA C 215 15.54 -37.75 -25.69
C ALA C 215 16.01 -36.59 -26.56
N LYS C 216 15.20 -35.54 -26.68
CA LYS C 216 15.52 -34.39 -27.50
C LYS C 216 15.24 -33.11 -26.74
N SER C 217 15.71 -31.98 -27.28
CA SER C 217 15.42 -30.70 -26.65
C SER C 217 13.96 -30.36 -26.80
N ASP C 218 13.40 -30.61 -27.98
CA ASP C 218 11.99 -30.37 -28.27
C ASP C 218 11.17 -31.57 -27.82
N LYS C 219 10.35 -31.39 -26.80
CA LYS C 219 9.50 -32.44 -26.28
C LYS C 219 8.29 -31.81 -25.63
N ALA C 220 7.27 -32.63 -25.38
CA ALA C 220 6.03 -32.19 -24.74
C ALA C 220 5.37 -31.05 -25.52
N SER C 221 4.99 -31.37 -26.76
CA SER C 221 4.31 -30.42 -27.65
C SER C 221 3.18 -29.71 -26.91
N GLU C 222 3.14 -28.37 -27.05
CA GLU C 222 2.16 -27.57 -26.34
C GLU C 222 0.73 -28.02 -26.65
N GLY C 223 0.44 -28.31 -27.92
CA GLY C 223 -0.89 -28.78 -28.26
C GLY C 223 -1.21 -30.10 -27.60
N GLU C 224 -0.28 -31.04 -27.65
CA GLU C 224 -0.47 -32.34 -27.03
C GLU C 224 -0.29 -32.31 -25.52
N LEU C 225 0.39 -31.29 -24.98
CA LEU C 225 0.62 -31.23 -23.55
C LEU C 225 -0.59 -30.62 -22.82
N LEU C 226 -1.18 -29.58 -23.39
CA LEU C 226 -2.35 -28.97 -22.77
C LEU C 226 -3.53 -29.94 -22.74
N ALA C 227 -3.59 -30.87 -23.69
CA ALA C 227 -4.67 -31.85 -23.73
C ALA C 227 -4.70 -32.69 -22.47
N GLN C 228 -3.54 -32.93 -21.85
CA GLN C 228 -3.44 -33.73 -20.64
C GLN C 228 -3.64 -32.90 -19.38
N VAL C 229 -4.23 -31.71 -19.50
CA VAL C 229 -4.43 -30.84 -18.35
C VAL C 229 -5.54 -31.39 -17.47
N GLU C 230 -5.46 -31.06 -16.19
CA GLU C 230 -6.44 -31.47 -15.18
C GLU C 230 -6.56 -30.32 -14.19
N PRO C 231 -7.60 -30.32 -13.35
CA PRO C 231 -7.75 -29.22 -12.39
C PRO C 231 -6.61 -29.12 -11.39
N GLU C 232 -6.03 -30.25 -10.99
CA GLU C 232 -4.95 -30.20 -10.02
C GLU C 232 -3.74 -29.44 -10.55
N ASP C 233 -3.55 -29.40 -11.87
CA ASP C 233 -2.44 -28.65 -12.43
C ASP C 233 -2.62 -27.16 -12.21
N LEU C 234 -3.85 -26.67 -12.35
CA LEU C 234 -4.12 -25.26 -12.17
C LEU C 234 -3.97 -24.81 -10.73
N ILE C 235 -4.08 -25.73 -9.77
CA ILE C 235 -3.91 -25.34 -8.37
C ILE C 235 -2.47 -24.92 -8.13
N LYS C 236 -1.51 -25.64 -8.70
CA LYS C 236 -0.12 -25.24 -8.56
C LYS C 236 0.16 -23.97 -9.32
N PHE C 237 -0.65 -23.66 -10.33
CA PHE C 237 -0.48 -22.42 -11.08
C PHE C 237 -0.83 -21.22 -10.22
N GLY C 238 -1.85 -21.36 -9.37
CA GLY C 238 -2.29 -20.29 -8.49
C GLY C 238 -3.79 -20.19 -8.32
N LEU C 239 -4.57 -20.79 -9.22
CA LEU C 239 -6.01 -20.74 -9.08
C LEU C 239 -6.45 -21.57 -7.89
N ILE C 240 -7.60 -21.20 -7.32
CA ILE C 240 -8.14 -21.87 -6.15
C ILE C 240 -9.08 -22.97 -6.64
N PRO C 241 -9.14 -24.14 -5.98
CA PRO C 241 -10.05 -25.18 -6.48
C PRO C 241 -11.51 -24.76 -6.42
N GLU C 242 -11.88 -23.93 -5.45
CA GLU C 242 -13.26 -23.49 -5.33
C GLU C 242 -13.68 -22.68 -6.55
N PHE C 243 -12.74 -21.96 -7.17
CA PHE C 243 -13.05 -21.17 -8.36
C PHE C 243 -13.15 -22.07 -9.60
N ILE C 244 -12.22 -23.01 -9.73
CA ILE C 244 -12.22 -23.88 -10.90
C ILE C 244 -13.42 -24.82 -10.87
N GLY C 245 -13.91 -25.16 -9.68
CA GLY C 245 -15.08 -26.01 -9.60
C GLY C 245 -16.30 -25.36 -10.23
N ARG C 246 -16.33 -24.02 -10.26
CA ARG C 246 -17.43 -23.30 -10.87
C ARG C 246 -17.40 -23.38 -12.39
N LEU C 247 -16.23 -23.72 -12.98
CA LEU C 247 -16.03 -23.81 -14.42
C LEU C 247 -15.64 -25.25 -14.75
N PRO C 248 -16.59 -26.17 -14.85
CA PRO C 248 -16.23 -27.56 -15.13
C PRO C 248 -15.67 -27.80 -16.52
N VAL C 249 -16.30 -27.23 -17.54
CA VAL C 249 -15.86 -27.44 -18.91
C VAL C 249 -14.55 -26.74 -19.16
N VAL C 250 -13.69 -27.38 -19.95
CA VAL C 250 -12.38 -26.85 -20.31
C VAL C 250 -12.15 -27.16 -21.77
N ALA C 251 -11.58 -26.19 -22.49
CA ALA C 251 -11.29 -26.31 -23.91
C ALA C 251 -9.81 -26.03 -24.14
N THR C 252 -9.14 -26.95 -24.80
CA THR C 252 -7.72 -26.83 -25.11
C THR C 252 -7.58 -26.50 -26.60
N LEU C 253 -7.08 -25.31 -26.89
CA LEU C 253 -6.87 -24.87 -28.26
C LEU C 253 -5.46 -25.19 -28.71
N ASN C 254 -5.33 -25.89 -29.83
CA ASN C 254 -4.03 -26.24 -30.34
C ASN C 254 -3.39 -25.02 -31.00
N GLU C 255 -2.06 -24.99 -31.01
CA GLU C 255 -1.39 -23.87 -31.63
C GLU C 255 -1.55 -23.94 -33.14
N LEU C 256 -1.18 -22.84 -33.81
CA LEU C 256 -1.30 -22.78 -35.25
C LEU C 256 -0.36 -23.77 -35.94
N SER C 257 -0.79 -24.21 -37.11
CA SER C 257 -0.06 -25.12 -37.96
C SER C 257 0.40 -24.39 -39.21
N GLU C 258 1.39 -24.97 -39.90
CA GLU C 258 1.89 -24.35 -41.11
C GLU C 258 0.81 -24.28 -42.18
N GLU C 259 -0.01 -25.31 -42.28
CA GLU C 259 -1.09 -25.31 -43.27
C GLU C 259 -2.26 -24.44 -42.82
N ALA C 260 -2.48 -24.31 -41.51
CA ALA C 260 -3.59 -23.51 -41.02
C ALA C 260 -3.38 -22.02 -41.33
N LEU C 261 -2.13 -21.55 -41.20
CA LEU C 261 -1.86 -20.14 -41.47
C LEU C 261 -2.13 -19.77 -42.91
N ILE C 262 -1.91 -20.71 -43.84
CA ILE C 262 -2.16 -20.43 -45.25
C ILE C 262 -3.65 -20.23 -45.50
N GLN C 263 -4.49 -21.00 -44.80
CA GLN C 263 -5.93 -20.90 -44.99
C GLN C 263 -6.50 -19.63 -44.36
N ILE C 264 -5.86 -19.13 -43.30
CA ILE C 264 -6.35 -17.95 -42.61
C ILE C 264 -6.27 -16.71 -43.50
N LEU C 265 -5.34 -16.69 -44.44
CA LEU C 265 -5.20 -15.52 -45.31
C LEU C 265 -6.11 -15.53 -46.52
N LYS C 266 -6.71 -16.68 -46.86
CA LYS C 266 -7.57 -16.79 -48.04
C LYS C 266 -9.02 -17.15 -47.73
N GLU C 267 -9.26 -18.15 -46.88
CA GLU C 267 -10.63 -18.59 -46.65
C GLU C 267 -11.47 -17.59 -45.86
N PRO C 268 -11.02 -17.02 -44.75
CA PRO C 268 -11.88 -16.07 -44.03
C PRO C 268 -12.17 -14.83 -44.83
N LYS C 269 -13.25 -14.13 -44.42
CA LYS C 269 -13.64 -12.90 -45.10
C LYS C 269 -12.84 -11.71 -44.60
N ASN C 270 -12.49 -11.69 -43.31
CA ASN C 270 -11.74 -10.61 -42.69
C ASN C 270 -10.24 -10.89 -42.66
N ALA C 271 -9.74 -11.69 -43.60
CA ALA C 271 -8.33 -12.02 -43.63
C ALA C 271 -7.48 -10.79 -43.96
N LEU C 272 -6.20 -10.87 -43.61
CA LEU C 272 -5.30 -9.74 -43.85
C LEU C 272 -5.12 -9.48 -45.33
N THR C 273 -5.11 -10.53 -46.15
CA THR C 273 -4.97 -10.34 -47.59
C THR C 273 -6.15 -9.54 -48.13
N LYS C 274 -7.36 -9.84 -47.64
CA LYS C 274 -8.52 -9.10 -48.07
C LYS C 274 -8.50 -7.69 -47.49
N GLN C 275 -7.88 -7.51 -46.33
CA GLN C 275 -7.79 -6.18 -45.74
C GLN C 275 -6.91 -5.28 -46.60
N TYR C 276 -5.70 -5.76 -46.92
CA TYR C 276 -4.80 -4.98 -47.76
C TYR C 276 -5.38 -4.82 -49.16
N GLN C 277 -6.09 -5.83 -49.65
CA GLN C 277 -6.72 -5.72 -50.97
C GLN C 277 -7.72 -4.58 -50.98
N ALA C 278 -8.46 -4.41 -49.89
CA ALA C 278 -9.42 -3.33 -49.78
C ALA C 278 -8.71 -2.01 -49.53
N LEU C 279 -7.53 -2.05 -48.91
CA LEU C 279 -6.77 -0.82 -48.66
C LEU C 279 -6.34 -0.19 -49.98
N PHE C 280 -5.98 -1.03 -50.96
CA PHE C 280 -5.58 -0.55 -52.27
C PHE C 280 -6.75 -0.45 -53.23
N ASN C 281 -7.87 -1.12 -52.93
CA ASN C 281 -9.03 -1.05 -53.81
C ASN C 281 -9.55 0.38 -53.91
N LEU C 282 -9.57 1.09 -52.77
CA LEU C 282 -10.02 2.47 -52.79
C LEU C 282 -9.02 3.37 -53.51
N GLU C 283 -7.75 2.96 -53.55
CA GLU C 283 -6.71 3.68 -54.25
C GLU C 283 -6.68 3.39 -55.74
N GLY C 284 -7.64 2.64 -56.27
CA GLY C 284 -7.64 2.32 -57.68
C GLY C 284 -6.50 1.42 -58.07
N VAL C 285 -6.06 0.54 -57.16
CA VAL C 285 -4.95 -0.37 -57.38
C VAL C 285 -5.33 -1.76 -56.89
N ASP C 286 -4.99 -2.77 -57.68
CA ASP C 286 -5.30 -4.15 -57.34
C ASP C 286 -4.15 -4.76 -56.55
N LEU C 287 -4.25 -6.05 -56.24
CA LEU C 287 -3.22 -6.73 -55.47
C LEU C 287 -3.25 -8.22 -55.77
N GLU C 288 -2.12 -8.87 -55.56
CA GLU C 288 -1.96 -10.31 -55.77
C GLU C 288 -1.09 -10.90 -54.66
N PHE C 289 -1.40 -12.14 -54.31
CA PHE C 289 -0.67 -12.89 -53.29
C PHE C 289 -0.64 -14.33 -53.77
N ARG C 290 0.48 -14.73 -54.36
CA ARG C 290 0.63 -16.08 -54.89
C ARG C 290 0.94 -17.06 -53.77
N ASP C 291 0.43 -18.29 -53.92
CA ASP C 291 0.62 -19.34 -52.93
C ASP C 291 2.10 -19.59 -52.64
N GLU C 292 2.99 -19.31 -53.61
CA GLU C 292 4.41 -19.50 -53.38
C GLU C 292 4.94 -18.56 -52.30
N ALA C 293 4.26 -17.43 -52.07
CA ALA C 293 4.65 -16.48 -51.03
C ALA C 293 3.97 -16.76 -49.70
N LEU C 294 2.75 -17.30 -49.74
CA LEU C 294 2.01 -17.56 -48.51
C LEU C 294 2.67 -18.65 -47.68
N ASP C 295 3.06 -19.76 -48.30
CA ASP C 295 3.70 -20.83 -47.56
C ASP C 295 5.02 -20.37 -46.96
N ALA C 296 5.71 -19.45 -47.63
CA ALA C 296 6.96 -18.93 -47.10
C ALA C 296 6.71 -18.09 -45.86
N ILE C 297 5.59 -17.36 -45.84
CA ILE C 297 5.25 -16.52 -44.69
C ILE C 297 4.94 -17.37 -43.47
N ALA C 298 4.45 -18.60 -43.68
CA ALA C 298 4.12 -19.46 -42.55
C ALA C 298 5.36 -19.79 -41.73
N LYS C 299 6.49 -20.02 -42.40
CA LYS C 299 7.72 -20.32 -41.67
C LYS C 299 8.21 -19.12 -40.88
N LYS C 300 7.98 -17.91 -41.40
CA LYS C 300 8.42 -16.70 -40.71
C LYS C 300 7.59 -16.44 -39.47
N ALA C 301 6.28 -16.72 -39.53
CA ALA C 301 5.41 -16.45 -38.40
C ALA C 301 5.67 -17.42 -37.26
N MET C 302 5.76 -18.71 -37.56
CA MET C 302 5.99 -19.71 -36.51
C MET C 302 7.33 -19.49 -35.82
N ALA C 303 8.31 -18.92 -36.53
CA ALA C 303 9.60 -18.66 -35.90
C ALA C 303 9.47 -17.63 -34.79
N ARG C 304 8.53 -16.69 -34.93
CA ARG C 304 8.33 -15.67 -33.91
C ARG C 304 7.70 -16.27 -32.66
N LYS C 305 6.94 -17.36 -32.80
CA LYS C 305 6.27 -18.02 -31.68
C LYS C 305 5.29 -17.08 -30.98
N THR C 306 4.72 -16.14 -31.73
CA THR C 306 3.77 -15.18 -31.21
C THR C 306 2.33 -15.51 -31.59
N GLY C 307 2.12 -16.23 -32.69
CA GLY C 307 0.80 -16.61 -33.15
C GLY C 307 0.41 -15.86 -34.41
N ALA C 308 -0.88 -15.96 -34.72
CA ALA C 308 -1.41 -15.28 -35.91
C ALA C 308 -1.27 -13.77 -35.81
N ARG C 309 -1.25 -13.22 -34.60
CA ARG C 309 -1.14 -11.79 -34.44
C ARG C 309 0.24 -11.26 -34.81
N GLY C 310 1.24 -12.15 -34.91
CA GLY C 310 2.59 -11.74 -35.29
C GLY C 310 2.82 -11.87 -36.78
N LEU C 311 1.74 -11.85 -37.56
CA LEU C 311 1.82 -11.98 -39.01
C LEU C 311 1.94 -10.62 -39.70
N ARG C 312 1.31 -9.58 -39.15
CA ARG C 312 1.39 -8.26 -39.75
C ARG C 312 2.83 -7.76 -39.83
N SER C 313 3.67 -8.16 -38.88
CA SER C 313 5.06 -7.74 -38.89
C SER C 313 5.77 -8.26 -40.12
N ILE C 314 5.39 -9.44 -40.59
CA ILE C 314 6.00 -10.04 -41.77
C ILE C 314 5.52 -9.36 -43.04
N VAL C 315 4.24 -9.00 -43.08
CA VAL C 315 3.67 -8.37 -44.26
C VAL C 315 4.04 -6.89 -44.33
N GLU C 316 3.75 -6.15 -43.26
CA GLU C 316 4.02 -4.71 -43.27
C GLU C 316 5.51 -4.41 -43.41
N ALA C 317 6.38 -5.28 -42.89
CA ALA C 317 7.81 -5.04 -43.05
C ALA C 317 8.20 -5.16 -44.51
N ALA C 318 7.49 -5.99 -45.27
CA ALA C 318 7.78 -6.17 -46.69
C ALA C 318 7.19 -5.05 -47.53
N LEU C 319 5.90 -4.77 -47.34
CA LEU C 319 5.20 -3.75 -48.10
C LEU C 319 5.47 -2.33 -47.59
N LEU C 320 6.37 -2.15 -46.62
CA LEU C 320 6.66 -0.80 -46.13
C LEU C 320 7.25 0.06 -47.23
N ASP C 321 8.19 -0.51 -48.00
CA ASP C 321 8.81 0.23 -49.08
C ASP C 321 7.80 0.58 -50.19
N THR C 322 6.98 -0.39 -50.57
CA THR C 322 6.02 -0.18 -51.65
C THR C 322 4.97 0.86 -51.26
N MET C 323 4.41 0.75 -50.06
CA MET C 323 3.38 1.70 -49.63
C MET C 323 3.95 3.10 -49.50
N TYR C 324 5.22 3.24 -49.16
CA TYR C 324 5.83 4.54 -48.99
C TYR C 324 5.84 5.35 -50.29
N ASP C 325 6.17 4.72 -51.41
CA ASP C 325 6.25 5.39 -52.70
C ASP C 325 5.09 5.09 -53.64
N LEU C 326 4.13 4.24 -53.22
CA LEU C 326 3.00 3.94 -54.11
C LEU C 326 2.12 5.15 -54.39
N PRO C 327 1.73 5.97 -53.42
CA PRO C 327 0.87 7.12 -53.76
C PRO C 327 1.51 8.11 -54.71
N SER C 328 2.81 8.41 -54.52
CA SER C 328 3.48 9.35 -55.41
C SER C 328 3.51 8.81 -56.84
N MET C 329 3.66 7.51 -56.99
CA MET C 329 3.67 6.91 -58.32
C MET C 329 2.28 6.97 -58.94
N GLU C 330 2.25 7.08 -60.27
CA GLU C 330 1.02 7.18 -61.02
C GLU C 330 1.07 6.21 -62.19
N ASP C 331 -0.10 5.98 -62.78
CA ASP C 331 -0.27 5.07 -63.91
C ASP C 331 0.09 3.64 -63.54
N VAL C 332 -0.20 3.25 -62.30
CA VAL C 332 0.06 1.92 -61.79
C VAL C 332 -1.30 1.33 -61.39
N GLU C 333 -1.67 0.23 -62.03
CA GLU C 333 -2.95 -0.43 -61.80
C GLU C 333 -2.87 -1.68 -60.92
N LYS C 334 -1.89 -2.56 -61.15
CA LYS C 334 -1.77 -3.81 -60.41
C LYS C 334 -0.38 -3.98 -59.81
N VAL C 335 -0.34 -4.74 -58.71
CA VAL C 335 0.88 -5.04 -57.98
C VAL C 335 1.02 -6.55 -57.88
N VAL C 336 2.25 -7.03 -58.09
CA VAL C 336 2.56 -8.46 -58.06
C VAL C 336 3.54 -8.71 -56.91
N ILE C 337 3.26 -9.75 -56.12
CA ILE C 337 4.09 -10.15 -54.99
C ILE C 337 4.73 -11.49 -55.33
N ASP C 338 6.05 -11.57 -55.16
CA ASP C 338 6.82 -12.76 -55.44
C ASP C 338 7.39 -13.35 -54.15
N GLU C 339 7.80 -14.61 -54.24
CA GLU C 339 8.39 -15.30 -53.10
C GLU C 339 9.67 -14.61 -52.64
N SER C 340 10.47 -14.15 -53.60
CA SER C 340 11.73 -13.50 -53.28
C SER C 340 11.54 -12.23 -52.47
N VAL C 341 10.44 -11.50 -52.72
CA VAL C 341 10.19 -10.26 -51.99
C VAL C 341 10.07 -10.53 -50.49
N ILE C 342 9.43 -11.64 -50.13
CA ILE C 342 9.31 -11.99 -48.71
C ILE C 342 10.69 -12.23 -48.11
N ASP C 343 11.57 -12.88 -48.87
CA ASP C 343 12.93 -13.11 -48.41
C ASP C 343 13.69 -11.80 -48.27
N GLY C 344 13.37 -10.82 -49.13
CA GLY C 344 14.02 -9.53 -49.14
C GLY C 344 15.14 -9.39 -50.15
N GLN C 345 15.36 -10.39 -51.00
CA GLN C 345 16.38 -10.35 -52.02
C GLN C 345 15.93 -9.69 -53.30
N SER C 346 14.62 -9.47 -53.48
CA SER C 346 14.06 -8.88 -54.68
C SER C 346 13.06 -7.79 -54.32
N GLU C 347 12.69 -7.01 -55.33
CA GLU C 347 11.74 -5.91 -55.25
C GLU C 347 10.43 -6.31 -55.91
N PRO C 348 9.27 -5.98 -55.32
CA PRO C 348 8.01 -6.37 -55.96
C PRO C 348 7.79 -5.68 -57.29
N LEU C 349 7.22 -6.42 -58.23
CA LEU C 349 6.94 -5.90 -59.56
C LEU C 349 5.67 -5.05 -59.56
N LEU C 350 5.70 -3.95 -60.31
CA LEU C 350 4.57 -3.04 -60.45
C LEU C 350 4.09 -3.07 -61.89
N ILE C 351 2.78 -3.16 -62.07
CA ILE C 351 2.17 -3.19 -63.39
C ILE C 351 1.68 -1.79 -63.73
N TYR C 352 2.19 -1.24 -64.82
CA TYR C 352 1.79 0.09 -65.25
C TYR C 352 0.48 0.02 -66.03
N GLY C 353 -0.22 1.15 -66.06
CA GLY C 353 -1.50 1.24 -66.76
C GLY C 353 -2.15 2.59 -66.62
N SER D 1 -10.29 17.26 -51.68
CA SER D 1 -9.68 17.10 -50.33
C SER D 1 -8.74 15.91 -50.30
N ALA D 2 -7.64 16.02 -51.04
CA ALA D 2 -6.65 14.95 -51.09
C ALA D 2 -5.80 14.94 -49.82
N LEU D 3 -5.50 13.75 -49.34
CA LEU D 3 -4.70 13.59 -48.14
C LEU D 3 -3.21 13.68 -48.49
N PRO D 4 -2.36 13.98 -47.50
CA PRO D 4 -0.93 14.05 -47.79
C PRO D 4 -0.38 12.67 -48.13
N THR D 5 0.85 12.66 -48.63
CA THR D 5 1.54 11.45 -49.04
C THR D 5 2.75 11.20 -48.15
N PRO D 6 3.32 9.99 -48.18
CA PRO D 6 4.52 9.74 -47.36
C PRO D 6 5.68 10.63 -47.75
N HIS D 7 5.87 10.88 -49.05
CA HIS D 7 6.95 11.75 -49.47
C HIS D 7 6.75 13.16 -48.94
N GLU D 8 5.49 13.58 -48.80
CA GLU D 8 5.19 14.92 -48.28
C GLU D 8 5.37 14.98 -46.77
N ILE D 9 4.83 13.99 -46.06
CA ILE D 9 4.93 13.99 -44.61
C ILE D 9 6.38 13.75 -44.17
N ARG D 10 7.14 12.99 -44.96
CA ARG D 10 8.54 12.75 -44.61
C ARG D 10 9.36 14.03 -44.71
N ASN D 11 8.99 14.91 -45.64
CA ASN D 11 9.69 16.18 -45.79
C ASN D 11 9.57 17.03 -44.54
N HIS D 12 8.44 16.93 -43.84
CA HIS D 12 8.26 17.72 -42.63
C HIS D 12 9.16 17.21 -41.50
N LEU D 13 9.12 15.90 -41.25
CA LEU D 13 9.95 15.34 -40.19
C LEU D 13 11.42 15.43 -40.53
N ASP D 14 11.77 15.42 -41.82
CA ASP D 14 13.17 15.53 -42.20
C ASP D 14 13.73 16.89 -41.83
N ASP D 15 12.88 17.92 -41.79
CA ASP D 15 13.33 19.25 -41.42
C ASP D 15 13.76 19.31 -39.97
N TYR D 16 13.19 18.47 -39.11
CA TYR D 16 13.48 18.45 -37.69
C TYR D 16 14.32 17.26 -37.24
N VAL D 17 14.45 16.22 -38.07
CA VAL D 17 15.21 15.03 -37.73
C VAL D 17 16.11 14.68 -38.90
N ILE D 18 17.27 14.08 -38.58
CA ILE D 18 18.28 13.73 -39.57
C ILE D 18 18.81 12.33 -39.31
N GLY D 19 19.09 11.60 -40.39
CA GLY D 19 19.67 10.27 -40.33
C GLY D 19 18.83 9.17 -39.72
N GLN D 20 17.51 9.21 -39.93
CA GLN D 20 16.59 8.19 -39.44
C GLN D 20 15.62 7.80 -40.56
N GLU D 21 16.19 7.57 -41.74
CA GLU D 21 15.40 7.26 -42.93
C GLU D 21 14.55 6.01 -42.76
N GLN D 22 15.05 5.01 -42.04
CA GLN D 22 14.29 3.77 -41.87
C GLN D 22 13.07 3.98 -40.97
N ALA D 23 13.21 4.76 -39.91
CA ALA D 23 12.11 4.97 -38.98
C ALA D 23 11.06 5.92 -39.51
N LYS D 24 11.46 6.94 -40.28
CA LYS D 24 10.48 7.90 -40.78
C LYS D 24 9.53 7.25 -41.77
N LYS D 25 9.97 6.23 -42.49
CA LYS D 25 9.08 5.55 -43.43
C LYS D 25 7.94 4.86 -42.70
N VAL D 26 8.22 4.32 -41.51
CA VAL D 26 7.20 3.61 -40.76
C VAL D 26 6.11 4.56 -40.28
N LEU D 27 6.50 5.70 -39.71
CA LEU D 27 5.51 6.64 -39.23
C LEU D 27 4.70 7.24 -40.38
N ALA D 28 5.31 7.36 -41.55
CA ALA D 28 4.59 7.93 -42.69
C ALA D 28 3.51 6.98 -43.18
N VAL D 29 3.84 5.69 -43.30
CA VAL D 29 2.87 4.73 -43.80
C VAL D 29 1.75 4.53 -42.78
N ALA D 30 2.09 4.49 -41.50
CA ALA D 30 1.07 4.30 -40.47
C ALA D 30 0.11 5.47 -40.44
N VAL D 31 0.64 6.69 -40.41
CA VAL D 31 -0.21 7.88 -40.40
C VAL D 31 -1.00 7.96 -41.69
N TYR D 32 -0.35 7.62 -42.82
CA TYR D 32 -1.03 7.63 -44.10
C TYR D 32 -2.16 6.61 -44.12
N ASN D 33 -1.85 5.37 -43.74
CA ASN D 33 -2.87 4.33 -43.72
C ASN D 33 -3.91 4.55 -42.63
N HIS D 34 -3.58 5.31 -41.59
CA HIS D 34 -4.55 5.57 -40.54
C HIS D 34 -5.71 6.40 -41.09
N TYR D 35 -5.42 7.33 -41.98
CA TYR D 35 -6.48 8.13 -42.57
C TYR D 35 -7.34 7.29 -43.50
N LYS D 36 -6.76 6.27 -44.13
CA LYS D 36 -7.54 5.42 -45.02
C LYS D 36 -8.56 4.62 -44.23
N ARG D 37 -8.13 4.01 -43.12
CA ARG D 37 -9.06 3.25 -42.29
C ARG D 37 -10.12 4.16 -41.70
N LEU D 38 -9.79 5.42 -41.46
CA LEU D 38 -10.76 6.38 -40.96
C LEU D 38 -11.70 6.84 -42.07
N ARG D 39 -11.18 6.93 -43.29
CA ARG D 39 -11.99 7.35 -44.42
C ARG D 39 -13.12 6.36 -44.69
N ASN D 40 -12.83 5.07 -44.55
CA ASN D 40 -13.84 4.04 -44.79
C ASN D 40 -14.78 3.93 -43.60
N GLY D 41 -16.07 3.86 -43.88
CA GLY D 41 -17.08 3.75 -42.85
C GLY D 41 -17.45 2.31 -42.55
N ASP D 42 -16.51 1.39 -42.74
CA ASP D 42 -16.74 -0.03 -42.49
C ASP D 42 -17.85 -0.59 -43.37
N THR D 43 -17.97 -0.06 -44.59
CA THR D 43 -18.99 -0.48 -45.54
C THR D 43 -18.44 -1.27 -46.72
N SER D 44 -17.16 -1.12 -47.04
CA SER D 44 -16.56 -1.84 -48.15
C SER D 44 -16.47 -3.34 -47.83
N ASN D 45 -16.00 -4.11 -48.81
CA ASN D 45 -15.87 -5.55 -48.61
C ASN D 45 -14.87 -5.85 -47.50
N GLY D 46 -13.82 -5.05 -47.39
CA GLY D 46 -12.81 -5.24 -46.35
C GLY D 46 -13.31 -4.76 -45.01
N VAL D 47 -14.31 -5.45 -44.47
CA VAL D 47 -14.87 -5.06 -43.17
C VAL D 47 -13.90 -5.45 -42.07
N GLU D 48 -13.93 -4.71 -40.97
CA GLU D 48 -13.04 -4.92 -39.83
C GLU D 48 -11.58 -4.83 -40.28
N LEU D 49 -11.22 -3.66 -40.77
CA LEU D 49 -9.86 -3.42 -41.24
C LEU D 49 -8.87 -3.57 -40.11
N GLY D 50 -7.74 -4.20 -40.41
CA GLY D 50 -6.74 -4.42 -39.40
C GLY D 50 -6.00 -3.16 -39.00
N LYS D 51 -5.37 -3.25 -37.84
CA LYS D 51 -4.60 -2.18 -37.25
C LYS D 51 -3.16 -2.64 -37.10
N SER D 52 -2.23 -1.69 -37.10
CA SER D 52 -0.80 -1.99 -36.99
C SER D 52 -0.11 -0.90 -36.19
N ASN D 53 0.15 -1.18 -34.92
CA ASN D 53 0.84 -0.24 -34.06
C ASN D 53 2.32 -0.20 -34.42
N ILE D 54 3.08 0.63 -33.72
CA ILE D 54 4.51 0.80 -33.98
C ILE D 54 5.28 0.69 -32.67
N LEU D 55 6.48 0.12 -32.75
CA LEU D 55 7.37 -0.04 -31.61
C LEU D 55 8.71 0.57 -32.00
N LEU D 56 9.00 1.77 -31.51
CA LEU D 56 10.24 2.47 -31.81
C LEU D 56 11.34 2.05 -30.84
N ILE D 57 12.50 1.71 -31.37
CA ILE D 57 13.65 1.30 -30.58
C ILE D 57 14.87 2.04 -31.09
N GLY D 58 15.63 2.62 -30.18
CA GLY D 58 16.83 3.33 -30.56
C GLY D 58 17.73 3.61 -29.38
N PRO D 59 18.95 4.09 -29.64
CA PRO D 59 19.86 4.42 -28.54
C PRO D 59 19.40 5.66 -27.79
N THR D 60 20.15 6.06 -26.78
CA THR D 60 19.80 7.23 -26.00
C THR D 60 20.05 8.50 -26.81
N GLY D 61 19.11 9.44 -26.71
CA GLY D 61 19.25 10.71 -27.39
C GLY D 61 19.29 10.64 -28.89
N SER D 62 18.81 9.55 -29.48
CA SER D 62 18.83 9.41 -30.93
C SER D 62 17.71 10.18 -31.63
N GLY D 63 16.71 10.65 -30.91
CA GLY D 63 15.61 11.40 -31.48
C GLY D 63 14.25 10.74 -31.47
N LYS D 64 14.03 9.74 -30.61
CA LYS D 64 12.73 9.07 -30.57
C LYS D 64 11.64 10.03 -30.11
N THR D 65 11.85 10.68 -28.96
CA THR D 65 10.85 11.59 -28.43
C THR D 65 10.64 12.79 -29.34
N LEU D 66 11.65 13.17 -30.11
CA LEU D 66 11.52 14.33 -30.98
C LEU D 66 10.62 14.04 -32.18
N LEU D 67 10.62 12.80 -32.67
CA LEU D 67 9.79 12.46 -33.81
C LEU D 67 8.31 12.57 -33.45
N ALA D 68 7.92 12.04 -32.29
CA ALA D 68 6.53 12.10 -31.88
C ALA D 68 6.08 13.52 -31.57
N GLU D 69 6.99 14.37 -31.11
CA GLU D 69 6.61 15.74 -30.77
C GLU D 69 6.37 16.56 -32.04
N THR D 70 7.31 16.51 -32.99
CA THR D 70 7.14 17.27 -34.22
C THR D 70 5.98 16.74 -35.06
N LEU D 71 5.68 15.46 -34.91
CA LEU D 71 4.57 14.87 -35.66
C LEU D 71 3.24 15.50 -35.27
N ALA D 72 3.07 15.80 -33.97
CA ALA D 72 1.80 16.34 -33.50
C ALA D 72 1.49 17.72 -34.06
N ARG D 73 2.51 18.47 -34.46
CA ARG D 73 2.28 19.81 -34.99
C ARG D 73 1.49 19.75 -36.29
N LEU D 74 2.03 19.06 -37.30
CA LEU D 74 1.36 18.94 -38.58
C LEU D 74 0.16 18.00 -38.54
N LEU D 75 0.02 17.19 -37.51
CA LEU D 75 -1.08 16.24 -37.44
C LEU D 75 -2.39 16.95 -37.14
N ASP D 76 -3.42 16.64 -37.94
CA ASP D 76 -4.74 17.22 -37.72
C ASP D 76 -5.47 16.51 -36.60
N VAL D 77 -5.49 15.17 -36.62
CA VAL D 77 -6.13 14.37 -35.59
C VAL D 77 -5.43 14.63 -34.27
N PRO D 78 -6.07 14.40 -33.12
CA PRO D 78 -5.40 14.69 -31.84
C PRO D 78 -4.18 13.81 -31.62
N PHE D 79 -3.43 14.17 -30.57
CA PHE D 79 -2.20 13.48 -30.21
C PHE D 79 -1.93 13.73 -28.74
N THR D 80 -1.25 12.78 -28.11
CA THR D 80 -0.90 12.89 -26.69
C THR D 80 0.49 12.30 -26.50
N MET D 81 1.07 12.60 -25.34
CA MET D 81 2.41 12.14 -25.00
C MET D 81 2.40 11.76 -23.52
N ALA D 82 2.21 10.48 -23.24
CA ALA D 82 2.14 9.96 -21.88
C ALA D 82 3.43 9.22 -21.54
N ASP D 83 3.48 8.67 -20.34
CA ASP D 83 4.62 7.94 -19.84
C ASP D 83 4.13 6.68 -19.13
N ALA D 84 4.93 5.62 -19.24
CA ALA D 84 4.59 4.33 -18.65
C ALA D 84 5.15 4.13 -17.25
N THR D 85 6.02 5.02 -16.77
CA THR D 85 6.57 4.86 -15.43
C THR D 85 5.52 5.03 -14.35
N THR D 86 4.57 5.94 -14.57
CA THR D 86 3.53 6.25 -13.60
C THR D 86 2.37 5.27 -13.55
N LEU D 87 2.39 4.20 -14.34
CA LEU D 87 1.27 3.26 -14.37
C LEU D 87 1.41 2.19 -13.30
N THR D 88 0.26 1.60 -12.94
CA THR D 88 0.17 0.58 -11.91
C THR D 88 -0.75 -0.54 -12.37
N GLU D 89 -0.86 -1.59 -11.56
CA GLU D 89 -1.64 -2.78 -11.90
C GLU D 89 -3.08 -2.73 -11.39
N ALA D 90 -3.81 -1.70 -11.81
CA ALA D 90 -5.27 -1.62 -11.58
C ALA D 90 -5.67 -1.70 -10.10
N GLY D 91 -5.26 -0.71 -9.31
CA GLY D 91 -5.63 -0.70 -7.90
C GLY D 91 -4.60 -0.17 -6.94
N TYR D 92 -3.36 0.00 -7.38
CA TYR D 92 -2.34 0.56 -6.51
C TYR D 92 -2.39 2.08 -6.60
N VAL D 93 -1.69 2.73 -5.66
CA VAL D 93 -1.76 4.18 -5.52
C VAL D 93 -1.17 4.97 -6.68
N GLY D 94 -0.34 4.38 -7.52
CA GLY D 94 0.29 5.18 -8.55
C GLY D 94 -0.60 5.79 -9.62
N GLU D 95 -1.22 4.98 -10.48
CA GLU D 95 -2.09 5.51 -11.54
C GLU D 95 -2.70 4.33 -12.27
N ASP D 96 -3.80 4.62 -12.99
CA ASP D 96 -4.49 3.63 -13.80
C ASP D 96 -4.17 3.88 -15.27
N VAL D 97 -4.41 2.84 -16.08
CA VAL D 97 -4.14 2.94 -17.51
C VAL D 97 -5.12 3.88 -18.20
N GLU D 98 -6.34 3.99 -17.69
CA GLU D 98 -7.35 4.82 -18.32
C GLU D 98 -7.01 6.30 -18.30
N ASN D 99 -6.04 6.73 -17.49
CA ASN D 99 -5.67 8.13 -17.45
C ASN D 99 -5.14 8.60 -18.80
N ILE D 100 -4.55 7.69 -19.58
CA ILE D 100 -4.05 8.04 -20.91
C ILE D 100 -5.18 8.54 -21.79
N ILE D 101 -6.34 7.89 -21.70
CA ILE D 101 -7.47 8.31 -22.51
C ILE D 101 -7.99 9.65 -22.03
N GLN D 102 -7.87 9.94 -20.74
CA GLN D 102 -8.34 11.22 -20.22
C GLN D 102 -7.54 12.37 -20.82
N LYS D 103 -6.22 12.21 -20.93
CA LYS D 103 -5.39 13.27 -21.51
C LYS D 103 -5.74 13.49 -22.97
N LEU D 104 -6.17 12.44 -23.66
CA LEU D 104 -6.51 12.56 -25.07
C LEU D 104 -7.74 13.44 -25.27
N LEU D 105 -8.71 13.35 -24.35
CA LEU D 105 -9.92 14.14 -24.49
C LEU D 105 -9.66 15.62 -24.25
N GLN D 106 -8.66 15.96 -23.44
CA GLN D 106 -8.35 17.36 -23.20
C GLN D 106 -7.91 18.04 -24.49
N LYS D 107 -7.25 17.30 -25.38
CA LYS D 107 -6.82 17.85 -26.66
C LYS D 107 -7.97 17.93 -27.65
N SER D 108 -8.96 17.03 -27.52
CA SER D 108 -10.11 16.98 -28.41
C SER D 108 -11.34 17.67 -27.84
N ASP D 109 -11.24 18.27 -26.65
CA ASP D 109 -12.36 18.96 -26.01
C ASP D 109 -13.51 18.02 -25.71
N TYR D 110 -13.17 16.80 -25.26
CA TYR D 110 -14.16 15.78 -24.89
C TYR D 110 -15.04 15.40 -26.07
N ASP D 111 -14.43 15.26 -27.24
CA ASP D 111 -15.12 14.85 -28.46
C ASP D 111 -14.79 13.37 -28.66
N VAL D 112 -15.74 12.51 -28.30
CA VAL D 112 -15.52 11.07 -28.39
C VAL D 112 -15.33 10.65 -29.84
N GLN D 113 -16.22 11.09 -30.73
CA GLN D 113 -16.11 10.72 -32.14
C GLN D 113 -14.81 11.24 -32.75
N LYS D 114 -14.28 12.34 -32.22
CA LYS D 114 -13.03 12.90 -32.71
C LYS D 114 -11.81 12.32 -32.00
N ALA D 115 -11.98 11.83 -30.77
CA ALA D 115 -10.85 11.29 -30.03
C ALA D 115 -10.57 9.83 -30.40
N GLN D 116 -11.59 9.08 -30.81
CA GLN D 116 -11.37 7.69 -31.20
C GLN D 116 -10.44 7.59 -32.39
N ARG D 117 -10.44 8.60 -33.26
CA ARG D 117 -9.58 8.64 -34.42
C ARG D 117 -8.24 9.32 -34.14
N GLY D 118 -7.82 9.36 -32.86
CA GLY D 118 -6.58 9.98 -32.48
C GLY D 118 -5.41 9.01 -32.47
N ILE D 119 -4.24 9.56 -32.13
CA ILE D 119 -3.00 8.82 -32.05
C ILE D 119 -2.48 8.95 -30.63
N VAL D 120 -1.79 7.92 -30.16
CA VAL D 120 -1.23 7.87 -28.82
C VAL D 120 0.24 7.49 -28.90
N TYR D 121 1.05 8.12 -28.04
CA TYR D 121 2.48 7.87 -27.95
C TYR D 121 2.83 7.59 -26.51
N ILE D 122 3.75 6.67 -26.30
CA ILE D 122 4.21 6.27 -24.98
C ILE D 122 5.73 6.33 -24.97
N ASP D 123 6.28 6.78 -23.86
CA ASP D 123 7.73 6.91 -23.70
C ASP D 123 8.17 6.09 -22.49
N GLN D 124 9.45 5.73 -22.50
CA GLN D 124 10.06 4.91 -21.46
C GLN D 124 9.28 3.61 -21.27
N ILE D 125 9.20 2.85 -22.37
CA ILE D 125 8.51 1.57 -22.37
C ILE D 125 9.39 0.46 -21.81
N ASP D 126 10.71 0.60 -21.85
CA ASP D 126 11.59 -0.43 -21.34
C ASP D 126 11.48 -0.59 -19.83
N LYS D 127 10.97 0.42 -19.13
CA LYS D 127 10.84 0.32 -17.68
C LYS D 127 9.88 -0.80 -17.27
N ILE D 128 8.90 -1.11 -18.11
CA ILE D 128 7.92 -2.15 -17.81
C ILE D 128 8.42 -3.43 -18.48
N SER D 129 9.20 -4.20 -17.73
CA SER D 129 9.75 -5.44 -18.23
C SER D 129 10.24 -6.28 -17.06
N ARG D 130 9.99 -7.59 -17.14
CA ARG D 130 10.43 -8.49 -16.09
C ARG D 130 11.95 -8.46 -16.00
N LYS D 131 12.49 -7.94 -14.91
CA LYS D 131 13.93 -7.84 -14.74
C LYS D 131 14.45 -9.21 -14.30
N SER D 132 14.61 -10.10 -15.28
CA SER D 132 15.09 -11.46 -15.07
C SER D 132 14.26 -12.16 -13.99
N ASP D 133 12.94 -12.00 -14.06
CA ASP D 133 12.00 -12.56 -13.09
C ASP D 133 10.93 -13.37 -13.81
N ASN D 134 11.36 -14.20 -14.76
CA ASN D 134 10.41 -15.05 -15.47
C ASN D 134 9.62 -15.98 -14.56
N PRO D 135 10.17 -16.54 -13.47
CA PRO D 135 9.33 -17.37 -12.59
C PRO D 135 8.19 -16.60 -11.94
N SER D 136 8.32 -15.28 -11.83
CA SER D 136 7.29 -14.42 -11.24
C SER D 136 6.96 -14.85 -9.81
N ILE D 137 7.97 -14.81 -8.95
CA ILE D 137 7.78 -15.16 -7.54
C ILE D 137 6.75 -14.23 -6.92
N THR D 138 6.82 -12.95 -7.25
CA THR D 138 5.90 -11.92 -6.78
C THR D 138 5.33 -11.22 -8.00
N ARG D 139 4.35 -10.35 -7.79
CA ARG D 139 3.72 -9.61 -8.86
C ARG D 139 4.33 -8.22 -9.00
N ASP D 140 4.75 -7.90 -10.21
CA ASP D 140 5.31 -6.59 -10.52
C ASP D 140 4.16 -5.64 -10.80
N VAL D 141 3.95 -4.68 -9.92
CA VAL D 141 2.84 -3.75 -10.10
C VAL D 141 3.21 -2.66 -11.10
N SER D 142 4.47 -2.23 -11.10
CA SER D 142 4.94 -1.22 -12.02
C SER D 142 5.50 -1.79 -13.31
N GLY D 143 5.75 -3.10 -13.37
CA GLY D 143 6.30 -3.74 -14.54
C GLY D 143 5.35 -4.63 -15.30
N GLU D 144 5.52 -5.95 -15.12
CA GLU D 144 4.69 -6.96 -15.79
C GLU D 144 3.21 -6.63 -15.75
N GLY D 145 2.72 -6.21 -14.58
CA GLY D 145 1.31 -5.89 -14.43
C GLY D 145 0.83 -4.84 -15.42
N VAL D 146 1.67 -3.84 -15.70
CA VAL D 146 1.29 -2.78 -16.62
C VAL D 146 1.08 -3.33 -18.01
N GLN D 147 1.99 -4.19 -18.47
CA GLN D 147 1.87 -4.77 -19.80
C GLN D 147 0.57 -5.58 -19.91
N GLN D 148 0.24 -6.32 -18.86
CA GLN D 148 -0.98 -7.12 -18.86
C GLN D 148 -2.21 -6.24 -19.06
N ALA D 149 -2.22 -5.06 -18.45
CA ALA D 149 -3.38 -4.17 -18.59
C ALA D 149 -3.46 -3.59 -19.99
N LEU D 150 -2.31 -3.26 -20.58
CA LEU D 150 -2.30 -2.67 -21.92
C LEU D 150 -2.69 -3.65 -23.00
N LEU D 151 -2.61 -4.96 -22.73
CA LEU D 151 -2.94 -6.00 -23.71
C LEU D 151 -4.27 -5.73 -24.40
N LYS D 152 -5.34 -5.59 -23.61
CA LYS D 152 -6.65 -5.35 -24.19
C LYS D 152 -6.81 -3.95 -24.74
N LEU D 153 -6.00 -2.99 -24.28
CA LEU D 153 -6.13 -1.62 -24.76
C LEU D 153 -5.70 -1.51 -26.22
N ILE D 154 -4.66 -2.24 -26.62
CA ILE D 154 -4.19 -2.17 -28.01
C ILE D 154 -5.09 -2.94 -28.96
N GLU D 155 -5.91 -3.88 -28.47
CA GLU D 155 -6.80 -4.64 -29.33
C GLU D 155 -8.07 -3.85 -29.59
N GLY D 156 -8.66 -3.31 -28.53
CA GLY D 156 -9.87 -2.52 -28.60
C GLY D 156 -10.90 -2.93 -27.56
N THR D 157 -11.33 -1.96 -26.77
CA THR D 157 -12.32 -2.16 -25.72
C THR D 157 -12.95 -0.81 -25.43
N VAL D 158 -13.70 -0.74 -24.34
CA VAL D 158 -14.35 0.49 -23.88
C VAL D 158 -13.94 0.70 -22.43
N ALA D 159 -13.49 1.91 -22.11
CA ALA D 159 -13.02 2.25 -20.78
C ALA D 159 -13.75 3.46 -20.22
N ALA D 160 -14.10 3.38 -18.95
CA ALA D 160 -14.76 4.48 -18.25
C ALA D 160 -13.80 5.65 -18.07
N VAL D 161 -14.28 6.86 -18.34
CA VAL D 161 -13.48 8.07 -18.22
C VAL D 161 -14.31 9.15 -17.53
N PRO D 162 -13.97 9.63 -16.34
CA PRO D 162 -14.78 10.68 -15.69
C PRO D 162 -14.76 11.96 -16.50
N PRO D 163 -15.91 12.42 -17.02
CA PRO D 163 -15.90 13.66 -17.80
C PRO D 163 -15.75 14.88 -16.90
N GLN D 164 -14.66 15.62 -17.09
CA GLN D 164 -14.35 16.86 -16.36
C GLN D 164 -13.98 16.64 -14.89
N GLY D 165 -14.00 15.41 -14.39
CA GLY D 165 -13.67 15.16 -13.00
C GLY D 165 -14.69 15.73 -12.04
N GLN D 172 -22.61 11.14 -11.39
CA GLN D 172 -21.91 9.90 -11.17
C GLN D 172 -22.00 8.99 -12.40
N GLU D 173 -21.50 9.49 -13.53
CA GLU D 173 -21.51 8.78 -14.79
C GLU D 173 -20.11 8.80 -15.38
N PHE D 174 -19.90 7.94 -16.37
CA PHE D 174 -18.63 7.82 -17.07
C PHE D 174 -18.90 7.60 -18.54
N LEU D 175 -17.97 8.05 -19.38
CA LEU D 175 -18.09 7.95 -20.83
C LEU D 175 -17.32 6.76 -21.35
N GLN D 176 -17.89 6.11 -22.37
CA GLN D 176 -17.28 4.97 -23.03
C GLN D 176 -16.56 5.48 -24.28
N VAL D 177 -15.31 5.08 -24.44
CA VAL D 177 -14.49 5.52 -25.56
C VAL D 177 -13.80 4.29 -26.16
N ASP D 178 -14.25 3.88 -27.34
CA ASP D 178 -13.63 2.74 -28.00
C ASP D 178 -12.16 3.03 -28.27
N THR D 179 -11.38 1.95 -28.41
CA THR D 179 -9.95 2.07 -28.68
C THR D 179 -9.48 1.08 -29.74
N SER D 180 -10.40 0.47 -30.49
CA SER D 180 -9.99 -0.47 -31.51
C SER D 180 -9.34 0.23 -32.69
N LYS D 181 -9.75 1.46 -33.00
CA LYS D 181 -9.22 2.22 -34.11
C LYS D 181 -8.11 3.19 -33.70
N ILE D 182 -7.74 3.23 -32.42
CA ILE D 182 -6.70 4.14 -31.97
C ILE D 182 -5.33 3.51 -32.19
N LEU D 183 -4.41 4.29 -32.74
CA LEU D 183 -3.05 3.85 -32.99
C LEU D 183 -2.17 4.16 -31.80
N PHE D 184 -1.17 3.33 -31.58
CA PHE D 184 -0.23 3.48 -30.48
C PHE D 184 1.19 3.42 -31.02
N ILE D 185 2.03 4.32 -30.53
CA ILE D 185 3.44 4.38 -30.92
C ILE D 185 4.23 4.37 -29.61
N CYS D 186 4.65 3.18 -29.20
CA CYS D 186 5.42 3.01 -27.98
C CYS D 186 6.91 2.99 -28.32
N GLY D 187 7.70 3.70 -27.53
CA GLY D 187 9.13 3.70 -27.76
C GLY D 187 9.94 4.07 -26.54
N GLY D 188 10.94 3.24 -26.24
CA GLY D 188 11.82 3.46 -25.12
C GLY D 188 13.17 2.84 -25.38
N ALA D 189 14.25 3.60 -25.20
CA ALA D 189 15.58 3.07 -25.41
C ALA D 189 15.83 1.88 -24.49
N PHE D 190 16.06 0.72 -25.08
CA PHE D 190 16.31 -0.47 -24.29
C PHE D 190 17.78 -0.56 -23.92
N ALA D 191 18.03 -0.91 -22.66
CA ALA D 191 19.38 -1.04 -22.14
C ALA D 191 19.75 -2.51 -22.04
N GLY D 192 20.96 -2.84 -22.48
CA GLY D 192 21.42 -4.21 -22.43
C GLY D 192 20.85 -5.13 -23.48
N LEU D 193 20.05 -4.61 -24.42
CA LEU D 193 19.47 -5.48 -25.44
C LEU D 193 20.54 -6.03 -26.37
N ASP D 194 21.63 -5.30 -26.57
CA ASP D 194 22.70 -5.77 -27.45
C ASP D 194 23.34 -7.04 -26.92
N LYS D 195 23.45 -7.18 -25.59
CA LYS D 195 24.09 -8.35 -25.03
C LYS D 195 23.28 -9.62 -25.26
N VAL D 196 21.96 -9.53 -25.13
CA VAL D 196 21.13 -10.73 -25.34
C VAL D 196 21.12 -11.13 -26.81
N ILE D 197 21.09 -10.15 -27.71
CA ILE D 197 21.09 -10.46 -29.13
C ILE D 197 22.41 -11.10 -29.53
N SER D 198 23.49 -10.73 -28.86
CA SER D 198 24.80 -11.28 -29.19
C SER D 198 24.85 -12.78 -28.92
N HIS D 199 24.20 -13.24 -27.85
CA HIS D 199 24.25 -14.66 -27.50
C HIS D 199 23.70 -15.53 -28.61
N ARG D 200 22.61 -15.09 -29.25
CA ARG D 200 22.01 -15.87 -30.32
C ARG D 200 22.88 -15.93 -31.57
N VAL D 201 23.62 -14.87 -31.86
CA VAL D 201 24.42 -14.79 -33.09
C VAL D 201 25.93 -14.94 -32.86
N GLU D 202 26.43 -14.72 -31.64
CA GLU D 202 27.88 -14.81 -31.44
C GLU D 202 28.37 -16.24 -31.61
N THR D 203 27.88 -17.17 -30.79
CA THR D 203 28.30 -18.56 -30.81
C THR D 203 29.83 -18.67 -30.81
N GLY D 204 30.46 -17.85 -29.96
CA GLY D 204 31.90 -17.74 -29.88
C GLY D 204 32.54 -17.87 -28.53
N SER D 205 32.03 -18.74 -27.65
CA SER D 205 32.65 -18.90 -26.33
C SER D 205 34.11 -19.28 -26.47
N GLY D 206 34.40 -20.27 -27.31
CA GLY D 206 35.75 -20.68 -27.62
C GLY D 206 36.75 -20.88 -26.50
N ILE D 207 36.43 -21.70 -25.50
CA ILE D 207 37.33 -21.96 -24.38
C ILE D 207 38.13 -23.25 -24.62
N GLY D 208 37.48 -24.29 -25.13
CA GLY D 208 38.17 -25.52 -25.43
C GLY D 208 39.15 -25.34 -26.58
N PHE D 209 39.73 -26.47 -27.01
CA PHE D 209 40.66 -26.45 -28.12
C PHE D 209 39.93 -26.39 -29.46
N GLY D 210 38.94 -27.26 -29.65
CA GLY D 210 38.20 -27.27 -30.91
C GLY D 210 37.36 -26.03 -31.12
N ALA D 211 36.75 -25.51 -30.05
CA ALA D 211 35.90 -24.33 -30.19
C ALA D 211 36.73 -23.12 -30.57
N THR D 212 36.14 -22.25 -31.40
CA THR D 212 36.80 -21.06 -31.93
C THR D 212 36.36 -19.81 -31.17
N VAL D 213 37.34 -19.04 -30.69
CA VAL D 213 37.11 -17.79 -29.98
C VAL D 213 37.41 -16.64 -30.95
N LYS D 214 36.37 -15.91 -31.34
CA LYS D 214 36.58 -14.79 -32.25
C LYS D 214 37.34 -13.66 -31.54
N ALA D 215 36.74 -13.14 -30.46
CA ALA D 215 37.32 -12.08 -29.63
C ALA D 215 37.89 -10.92 -30.45
N LYS D 216 37.15 -10.52 -31.51
CA LYS D 216 37.59 -9.43 -32.36
C LYS D 216 37.03 -8.07 -31.95
N SER D 217 36.10 -8.03 -31.00
CA SER D 217 35.49 -6.81 -30.49
C SER D 217 34.68 -6.06 -31.53
N ASP D 218 34.34 -6.70 -32.66
CA ASP D 218 33.54 -6.08 -33.71
C ASP D 218 32.07 -6.41 -33.58
N LYS D 219 31.69 -7.36 -32.74
CA LYS D 219 30.29 -7.73 -32.57
C LYS D 219 29.48 -6.59 -32.00
N ALA D 220 30.10 -5.74 -31.17
CA ALA D 220 29.39 -4.62 -30.54
C ALA D 220 29.20 -3.50 -31.56
N SER D 221 28.25 -3.73 -32.46
CA SER D 221 27.86 -2.78 -33.51
C SER D 221 26.36 -2.60 -33.38
N GLU D 222 25.96 -1.64 -32.55
CA GLU D 222 24.54 -1.37 -32.29
C GLU D 222 23.75 -1.16 -33.58
N GLY D 223 24.28 -0.33 -34.48
CA GLY D 223 23.59 -0.06 -35.74
C GLY D 223 23.28 -1.31 -36.53
N GLU D 224 24.21 -2.26 -36.55
CA GLU D 224 24.04 -3.49 -37.30
C GLU D 224 23.46 -4.62 -36.45
N LEU D 225 23.51 -4.50 -35.13
CA LEU D 225 22.98 -5.56 -34.26
C LEU D 225 21.48 -5.44 -34.07
N LEU D 226 20.98 -4.22 -33.84
CA LEU D 226 19.55 -4.03 -33.64
C LEU D 226 18.75 -4.41 -34.88
N ALA D 227 19.35 -4.30 -36.06
CA ALA D 227 18.65 -4.67 -37.29
C ALA D 227 18.27 -6.14 -37.29
N GLN D 228 19.06 -6.99 -36.64
CA GLN D 228 18.82 -8.42 -36.55
C GLN D 228 17.91 -8.80 -35.39
N VAL D 229 17.17 -7.84 -34.84
CA VAL D 229 16.30 -8.14 -33.70
C VAL D 229 15.10 -8.96 -34.16
N GLU D 230 14.42 -9.55 -33.19
CA GLU D 230 13.26 -10.40 -33.43
C GLU D 230 12.43 -10.41 -32.16
N PRO D 231 11.17 -10.87 -32.24
CA PRO D 231 10.35 -10.92 -31.02
C PRO D 231 10.89 -11.83 -29.95
N GLU D 232 11.52 -12.95 -30.32
CA GLU D 232 12.06 -13.87 -29.33
C GLU D 232 13.14 -13.21 -28.49
N ASP D 233 13.86 -12.25 -29.05
CA ASP D 233 14.90 -11.56 -28.29
C ASP D 233 14.30 -10.75 -27.17
N LEU D 234 13.13 -10.15 -27.41
CA LEU D 234 12.46 -9.35 -26.40
C LEU D 234 11.88 -10.17 -25.27
N ILE D 235 11.58 -11.45 -25.50
CA ILE D 235 11.04 -12.28 -24.43
C ILE D 235 12.06 -12.45 -23.32
N LYS D 236 13.32 -12.67 -23.69
CA LYS D 236 14.38 -12.80 -22.71
C LYS D 236 14.64 -11.48 -21.99
N PHE D 237 14.27 -10.36 -22.62
CA PHE D 237 14.47 -9.05 -21.99
C PHE D 237 13.52 -8.86 -20.82
N GLY D 238 12.29 -9.36 -20.95
CA GLY D 238 11.28 -9.21 -19.92
C GLY D 238 9.89 -8.98 -20.48
N LEU D 239 9.79 -8.56 -21.74
CA LEU D 239 8.49 -8.35 -22.34
C LEU D 239 7.78 -9.69 -22.54
N ILE D 240 6.45 -9.63 -22.55
CA ILE D 240 5.62 -10.83 -22.68
C ILE D 240 5.32 -11.02 -24.16
N PRO D 241 5.20 -12.26 -24.67
CA PRO D 241 4.88 -12.42 -26.09
C PRO D 241 3.53 -11.84 -26.47
N GLU D 242 2.56 -11.95 -25.56
CA GLU D 242 1.22 -11.42 -25.80
C GLU D 242 1.26 -9.93 -26.07
N PHE D 243 2.18 -9.21 -25.43
CA PHE D 243 2.31 -7.77 -25.61
C PHE D 243 2.94 -7.43 -26.95
N ILE D 244 3.95 -8.21 -27.36
CA ILE D 244 4.63 -7.93 -28.61
C ILE D 244 3.74 -8.21 -29.81
N GLY D 245 2.86 -9.21 -29.69
CA GLY D 245 1.95 -9.49 -30.79
C GLY D 245 1.04 -8.32 -31.11
N ARG D 246 0.74 -7.50 -30.11
CA ARG D 246 -0.09 -6.32 -30.33
C ARG D 246 0.67 -5.23 -31.08
N LEU D 247 2.00 -5.31 -31.12
CA LEU D 247 2.86 -4.33 -31.78
C LEU D 247 3.69 -5.07 -32.83
N PRO D 248 3.11 -5.38 -34.00
CA PRO D 248 3.87 -6.13 -35.00
C PRO D 248 5.02 -5.35 -35.60
N VAL D 249 4.77 -4.09 -35.96
CA VAL D 249 5.81 -3.29 -36.59
C VAL D 249 6.89 -2.94 -35.56
N VAL D 250 8.13 -2.89 -36.03
CA VAL D 250 9.28 -2.55 -35.21
C VAL D 250 10.16 -1.60 -36.00
N ALA D 251 10.68 -0.59 -35.32
CA ALA D 251 11.55 0.41 -35.92
C ALA D 251 12.86 0.47 -35.16
N THR D 252 13.95 0.22 -35.86
CA THR D 252 15.28 0.25 -35.26
C THR D 252 15.99 1.52 -35.70
N LEU D 253 16.60 2.22 -34.76
CA LEU D 253 17.32 3.46 -35.02
C LEU D 253 18.80 3.26 -34.79
N ASN D 254 19.60 3.86 -35.66
CA ASN D 254 21.05 3.77 -35.56
C ASN D 254 21.60 4.88 -34.69
N GLU D 255 22.82 4.67 -34.19
CA GLU D 255 23.46 5.68 -33.37
C GLU D 255 23.80 6.88 -34.24
N LEU D 256 24.14 7.99 -33.57
CA LEU D 256 24.47 9.22 -34.28
C LEU D 256 25.95 9.21 -34.63
N SER D 257 26.24 9.33 -35.93
CA SER D 257 27.60 9.35 -36.42
C SER D 257 28.15 10.78 -36.36
N GLU D 258 29.45 10.90 -36.61
CA GLU D 258 30.09 12.21 -36.59
C GLU D 258 29.54 13.12 -37.69
N GLU D 259 29.24 12.55 -38.86
CA GLU D 259 28.72 13.36 -39.95
C GLU D 259 27.29 13.81 -39.67
N ALA D 260 26.50 12.94 -39.04
CA ALA D 260 25.11 13.30 -38.74
C ALA D 260 25.02 14.42 -37.72
N LEU D 261 25.95 14.44 -36.75
CA LEU D 261 25.92 15.47 -35.72
C LEU D 261 26.15 16.87 -36.29
N ILE D 262 26.97 16.96 -37.35
CA ILE D 262 27.25 18.27 -37.94
C ILE D 262 25.98 18.84 -38.57
N GLN D 263 25.18 17.98 -39.22
CA GLN D 263 23.96 18.44 -39.86
C GLN D 263 22.93 18.87 -38.83
N ILE D 264 22.95 18.29 -37.63
CA ILE D 264 21.99 18.62 -36.59
C ILE D 264 22.15 20.07 -36.15
N LEU D 265 23.37 20.59 -36.20
CA LEU D 265 23.62 21.96 -35.77
C LEU D 265 23.32 23.01 -36.83
N LYS D 266 23.12 22.61 -38.09
CA LYS D 266 22.88 23.56 -39.18
C LYS D 266 21.52 23.42 -39.84
N GLU D 267 21.13 22.22 -40.26
CA GLU D 267 19.89 22.07 -41.02
C GLU D 267 18.62 22.26 -40.19
N PRO D 268 18.45 21.64 -39.02
CA PRO D 268 17.21 21.84 -38.27
C PRO D 268 17.02 23.28 -37.84
N LYS D 269 15.77 23.73 -37.88
CA LYS D 269 15.46 25.10 -37.49
C LYS D 269 15.62 25.29 -35.98
N ASN D 270 15.35 24.24 -35.19
CA ASN D 270 15.49 24.29 -33.75
C ASN D 270 16.87 23.86 -33.27
N ALA D 271 17.88 23.95 -34.12
CA ALA D 271 19.22 23.54 -33.75
C ALA D 271 19.80 24.45 -32.68
N LEU D 272 20.77 23.93 -31.94
CA LEU D 272 21.38 24.71 -30.86
C LEU D 272 22.11 25.92 -31.38
N THR D 273 22.69 25.84 -32.59
CA THR D 273 23.38 27.00 -33.14
C THR D 273 22.41 28.14 -33.36
N LYS D 274 21.25 27.85 -33.94
CA LYS D 274 20.25 28.89 -34.16
C LYS D 274 19.65 29.36 -32.84
N GLN D 275 19.65 28.50 -31.82
CA GLN D 275 19.12 28.90 -30.52
C GLN D 275 19.98 29.99 -29.91
N TYR D 276 21.29 29.75 -29.80
CA TYR D 276 22.18 30.74 -29.22
C TYR D 276 22.31 31.96 -30.12
N GLN D 277 22.15 31.78 -31.44
CA GLN D 277 22.21 32.92 -32.34
C GLN D 277 21.11 33.91 -32.01
N ALA D 278 19.93 33.42 -31.66
CA ALA D 278 18.82 34.28 -31.27
C ALA D 278 18.98 34.76 -29.83
N LEU D 279 19.66 33.97 -29.00
CA LEU D 279 19.87 34.37 -27.61
C LEU D 279 20.69 35.65 -27.54
N PHE D 280 21.66 35.79 -28.44
CA PHE D 280 22.48 37.00 -28.51
C PHE D 280 21.89 38.04 -29.45
N ASN D 281 20.97 37.65 -30.34
CA ASN D 281 20.36 38.61 -31.26
C ASN D 281 19.58 39.66 -30.48
N LEU D 282 18.87 39.25 -29.43
CA LEU D 282 18.13 40.20 -28.61
C LEU D 282 19.07 41.16 -27.90
N GLU D 283 20.27 40.69 -27.58
CA GLU D 283 21.29 41.50 -26.93
C GLU D 283 22.01 42.43 -27.90
N GLY D 284 21.71 42.33 -29.20
CA GLY D 284 22.38 43.16 -30.18
C GLY D 284 23.77 42.70 -30.52
N VAL D 285 24.01 41.39 -30.51
CA VAL D 285 25.32 40.82 -30.82
C VAL D 285 25.11 39.67 -31.79
N ASP D 286 26.05 39.50 -32.71
CA ASP D 286 26.01 38.43 -33.70
C ASP D 286 26.81 37.24 -33.19
N LEU D 287 26.42 36.05 -33.65
CA LEU D 287 27.08 34.81 -33.29
C LEU D 287 27.45 34.06 -34.56
N GLU D 288 28.57 33.34 -34.51
CA GLU D 288 29.06 32.57 -35.65
C GLU D 288 29.64 31.25 -35.17
N PHE D 289 29.60 30.26 -36.06
CA PHE D 289 30.11 28.92 -35.78
C PHE D 289 30.78 28.41 -37.05
N ARG D 290 32.11 28.34 -37.03
CA ARG D 290 32.84 27.87 -38.19
C ARG D 290 32.84 26.35 -38.24
N ASP D 291 33.09 25.83 -39.44
CA ASP D 291 33.08 24.38 -39.65
C ASP D 291 34.19 23.68 -38.86
N GLU D 292 35.31 24.37 -38.62
CA GLU D 292 36.40 23.74 -37.88
C GLU D 292 35.98 23.38 -36.46
N ALA D 293 35.08 24.17 -35.88
CA ALA D 293 34.62 23.92 -34.52
C ALA D 293 33.59 22.79 -34.47
N LEU D 294 32.79 22.62 -35.52
CA LEU D 294 31.76 21.59 -35.50
C LEU D 294 32.35 20.19 -35.53
N ASP D 295 33.42 19.98 -36.29
CA ASP D 295 34.02 18.65 -36.34
C ASP D 295 34.61 18.26 -34.99
N ALA D 296 35.16 19.24 -34.26
CA ALA D 296 35.74 18.94 -32.95
C ALA D 296 34.65 18.64 -31.92
N ILE D 297 33.51 19.34 -32.03
CA ILE D 297 32.42 19.10 -31.09
C ILE D 297 31.83 17.71 -31.29
N ALA D 298 31.80 17.24 -32.53
CA ALA D 298 31.23 15.91 -32.80
C ALA D 298 32.08 14.82 -32.15
N LYS D 299 33.40 14.95 -32.21
CA LYS D 299 34.28 13.94 -31.62
C LYS D 299 34.16 13.93 -30.10
N LYS D 300 33.98 15.10 -29.50
CA LYS D 300 33.87 15.17 -28.04
C LYS D 300 32.56 14.58 -27.55
N ALA D 301 31.49 14.70 -28.35
CA ALA D 301 30.20 14.16 -27.93
C ALA D 301 30.13 12.64 -28.03
N MET D 302 30.73 12.06 -29.07
CA MET D 302 30.68 10.62 -29.24
C MET D 302 31.41 9.90 -28.11
N ALA D 303 32.49 10.50 -27.58
CA ALA D 303 33.21 9.87 -26.48
C ALA D 303 32.37 9.81 -25.21
N ARG D 304 31.45 10.76 -25.04
CA ARG D 304 30.60 10.80 -23.86
C ARG D 304 29.58 9.68 -23.85
N LYS D 305 29.26 9.08 -25.00
CA LYS D 305 28.29 8.00 -25.09
C LYS D 305 26.92 8.44 -24.57
N THR D 306 26.50 9.62 -25.03
CA THR D 306 25.21 10.20 -24.64
C THR D 306 24.34 10.61 -25.82
N GLY D 307 24.92 10.83 -27.00
CA GLY D 307 24.14 11.21 -28.16
C GLY D 307 24.01 12.72 -28.32
N ALA D 308 22.96 13.10 -29.05
CA ALA D 308 22.70 14.51 -29.32
C ALA D 308 22.42 15.30 -28.04
N ARG D 309 21.82 14.65 -27.04
CA ARG D 309 21.51 15.36 -25.80
C ARG D 309 22.76 15.74 -25.02
N GLY D 310 23.88 15.05 -25.25
CA GLY D 310 25.12 15.36 -24.56
C GLY D 310 25.97 16.36 -25.30
N LEU D 311 25.35 17.16 -26.16
CA LEU D 311 26.06 18.15 -26.96
C LEU D 311 26.09 19.52 -26.29
N ARG D 312 25.02 19.88 -25.58
CA ARG D 312 24.96 21.18 -24.91
C ARG D 312 26.08 21.35 -23.90
N SER D 313 26.51 20.25 -23.27
CA SER D 313 27.58 20.35 -22.29
C SER D 313 28.88 20.83 -22.93
N ILE D 314 29.10 20.49 -24.19
CA ILE D 314 30.31 20.90 -24.89
C ILE D 314 30.24 22.37 -25.27
N VAL D 315 29.05 22.86 -25.64
CA VAL D 315 28.90 24.24 -26.08
C VAL D 315 28.78 25.19 -24.90
N GLU D 316 27.86 24.90 -23.98
CA GLU D 316 27.64 25.80 -22.84
C GLU D 316 28.89 25.95 -21.99
N ALA D 317 29.63 24.87 -21.78
CA ALA D 317 30.86 24.96 -20.99
C ALA D 317 31.87 25.86 -21.69
N ALA D 318 31.98 25.74 -23.01
CA ALA D 318 32.93 26.55 -23.77
C ALA D 318 32.57 28.03 -23.73
N LEU D 319 31.28 28.35 -23.79
CA LEU D 319 30.81 29.74 -23.83
C LEU D 319 30.37 30.27 -22.47
N LEU D 320 30.47 29.47 -21.41
CA LEU D 320 30.07 29.94 -20.09
C LEU D 320 30.80 31.22 -19.69
N ASP D 321 32.11 31.26 -19.88
CA ASP D 321 32.89 32.42 -19.49
C ASP D 321 32.50 33.65 -20.31
N THR D 322 32.29 33.48 -21.61
CA THR D 322 31.93 34.61 -22.46
C THR D 322 30.57 35.18 -22.09
N MET D 323 29.59 34.32 -21.85
CA MET D 323 28.25 34.79 -21.50
C MET D 323 28.24 35.54 -20.17
N TYR D 324 29.13 35.17 -19.26
CA TYR D 324 29.19 35.81 -17.96
C TYR D 324 29.53 37.29 -18.07
N ASP D 325 30.49 37.63 -18.92
CA ASP D 325 30.94 39.02 -19.09
C ASP D 325 30.38 39.71 -20.33
N LEU D 326 29.50 39.04 -21.10
CA LEU D 326 28.98 39.69 -22.29
C LEU D 326 28.01 40.83 -22.00
N PRO D 327 27.05 40.70 -21.08
CA PRO D 327 26.13 41.84 -20.86
C PRO D 327 26.84 43.08 -20.35
N SER D 328 27.84 42.92 -19.48
CA SER D 328 28.59 44.07 -19.00
C SER D 328 29.33 44.75 -20.15
N MET D 329 29.84 43.96 -21.09
CA MET D 329 30.55 44.50 -22.24
C MET D 329 29.62 45.31 -23.13
N GLU D 330 30.17 46.37 -23.71
CA GLU D 330 29.44 47.26 -24.61
C GLU D 330 30.19 47.41 -25.92
N ASP D 331 29.43 47.70 -26.98
CA ASP D 331 29.91 47.91 -28.34
C ASP D 331 30.37 46.63 -29.03
N VAL D 332 30.02 45.46 -28.50
CA VAL D 332 30.39 44.18 -29.10
C VAL D 332 29.26 43.76 -30.02
N GLU D 333 29.56 43.67 -31.32
CA GLU D 333 28.55 43.30 -32.32
C GLU D 333 28.67 41.89 -32.87
N LYS D 334 29.84 41.24 -32.77
CA LYS D 334 29.99 39.90 -33.32
C LYS D 334 30.98 39.10 -32.49
N VAL D 335 30.71 37.79 -32.41
CA VAL D 335 31.54 36.83 -31.69
C VAL D 335 31.84 35.67 -32.63
N VAL D 336 33.12 35.29 -32.71
CA VAL D 336 33.57 34.19 -33.56
C VAL D 336 34.21 33.14 -32.67
N ILE D 337 33.84 31.88 -32.88
CA ILE D 337 34.33 30.75 -32.11
C ILE D 337 35.19 29.87 -33.01
N ASP D 338 36.47 29.74 -32.67
CA ASP D 338 37.41 28.95 -33.44
C ASP D 338 37.54 27.56 -32.82
N GLU D 339 38.21 26.66 -33.54
CA GLU D 339 38.40 25.30 -33.05
C GLU D 339 39.23 25.26 -31.76
N SER D 340 40.19 26.18 -31.64
CA SER D 340 41.04 26.20 -30.44
C SER D 340 40.23 26.50 -29.19
N VAL D 341 39.16 27.30 -29.31
CA VAL D 341 38.34 27.65 -28.16
C VAL D 341 37.77 26.40 -27.51
N ILE D 342 37.32 25.44 -28.32
CA ILE D 342 36.75 24.22 -27.76
C ILE D 342 37.82 23.45 -26.99
N ASP D 343 39.03 23.39 -27.55
CA ASP D 343 40.13 22.70 -26.87
C ASP D 343 40.54 23.44 -25.61
N GLY D 344 40.36 24.76 -25.58
CA GLY D 344 40.74 25.60 -24.45
C GLY D 344 42.06 26.31 -24.64
N GLN D 345 42.72 26.15 -25.79
CA GLN D 345 43.99 26.81 -26.03
C GLN D 345 43.82 28.32 -26.18
N SER D 346 42.76 28.76 -26.83
CA SER D 346 42.48 30.17 -27.08
C SER D 346 41.09 30.53 -26.59
N GLU D 347 40.81 31.83 -26.60
CA GLU D 347 39.54 32.40 -26.18
C GLU D 347 38.77 32.91 -27.40
N PRO D 348 37.43 33.00 -27.31
CA PRO D 348 36.66 33.50 -28.46
C PRO D 348 37.06 34.91 -28.85
N LEU D 349 37.00 35.17 -30.16
CA LEU D 349 37.35 36.47 -30.71
C LEU D 349 36.11 37.35 -30.77
N LEU D 350 36.21 38.53 -30.15
CA LEU D 350 35.12 39.48 -30.09
C LEU D 350 35.40 40.67 -31.01
N ILE D 351 34.37 41.08 -31.75
CA ILE D 351 34.46 42.19 -32.68
C ILE D 351 33.73 43.38 -32.06
N TYR D 352 34.38 44.54 -32.07
CA TYR D 352 33.84 45.76 -31.50
C TYR D 352 33.34 46.67 -32.61
N GLY D 353 32.10 47.14 -32.48
CA GLY D 353 31.52 48.01 -33.48
C GLY D 353 30.00 48.03 -33.41
N SER E 1 12.21 47.86 -16.00
CA SER E 1 12.06 46.41 -16.35
C SER E 1 13.41 45.79 -16.71
N ALA E 2 14.49 46.34 -16.18
CA ALA E 2 15.82 45.82 -16.46
C ALA E 2 16.11 44.62 -15.58
N LEU E 3 16.61 43.55 -16.19
CA LEU E 3 16.93 42.32 -15.49
C LEU E 3 18.33 42.41 -14.90
N PRO E 4 18.63 41.63 -13.86
CA PRO E 4 19.98 41.67 -13.29
C PRO E 4 20.98 41.02 -14.24
N THR E 5 22.23 41.44 -14.10
CA THR E 5 23.33 40.93 -14.92
C THR E 5 24.07 39.84 -14.19
N PRO E 6 24.92 39.07 -14.89
CA PRO E 6 25.70 38.04 -14.20
C PRO E 6 26.66 38.61 -13.18
N HIS E 7 27.20 39.80 -13.44
CA HIS E 7 28.11 40.42 -12.48
C HIS E 7 27.35 40.90 -11.25
N GLU E 8 26.16 41.44 -11.46
CA GLU E 8 25.35 41.94 -10.34
C GLU E 8 24.92 40.81 -9.43
N ILE E 9 24.43 39.72 -10.02
CA ILE E 9 23.97 38.59 -9.20
C ILE E 9 25.16 37.91 -8.53
N ARG E 10 26.33 37.93 -9.16
CA ARG E 10 27.50 37.31 -8.54
C ARG E 10 27.92 38.08 -7.30
N ASN E 11 27.91 39.41 -7.37
CA ASN E 11 28.28 40.22 -6.22
C ASN E 11 27.29 40.04 -5.09
N HIS E 12 26.02 39.78 -5.42
CA HIS E 12 25.01 39.55 -4.39
C HIS E 12 25.29 38.27 -3.63
N LEU E 13 25.78 37.25 -4.32
CA LEU E 13 26.09 35.98 -3.67
C LEU E 13 27.41 36.02 -2.91
N ASP E 14 28.33 36.91 -3.30
CA ASP E 14 29.60 36.99 -2.59
C ASP E 14 29.40 37.42 -1.15
N ASP E 15 28.36 38.19 -0.87
CA ASP E 15 28.06 38.63 0.49
C ASP E 15 27.47 37.52 1.35
N TYR E 16 27.22 36.33 0.78
CA TYR E 16 26.67 35.20 1.51
C TYR E 16 27.41 33.89 1.25
N VAL E 17 28.37 33.87 0.33
CA VAL E 17 29.13 32.67 0.00
C VAL E 17 30.60 33.05 -0.13
N ILE E 18 31.49 32.16 0.31
CA ILE E 18 32.92 32.39 0.26
C ILE E 18 33.63 31.18 -0.32
N GLY E 19 34.66 31.42 -1.11
CA GLY E 19 35.49 30.38 -1.70
C GLY E 19 34.86 29.51 -2.76
N GLN E 20 34.03 30.06 -3.64
CA GLN E 20 33.42 29.28 -4.72
C GLN E 20 33.25 30.23 -5.90
N GLU E 21 34.21 30.20 -6.83
CA GLU E 21 34.21 31.06 -7.99
C GLU E 21 33.60 30.42 -9.24
N GLN E 22 34.03 29.20 -9.57
CA GLN E 22 33.54 28.55 -10.78
C GLN E 22 32.05 28.21 -10.68
N ALA E 23 31.58 27.86 -9.48
CA ALA E 23 30.17 27.50 -9.34
C ALA E 23 29.26 28.72 -9.46
N LYS E 24 29.72 29.90 -9.02
CA LYS E 24 28.90 31.08 -9.11
C LYS E 24 28.61 31.47 -10.56
N LYS E 25 29.60 31.28 -11.44
CA LYS E 25 29.41 31.61 -12.85
C LYS E 25 28.32 30.78 -13.49
N VAL E 26 28.17 29.53 -13.06
CA VAL E 26 27.18 28.64 -13.67
C VAL E 26 25.77 29.08 -13.29
N LEU E 27 25.53 29.31 -12.00
CA LEU E 27 24.19 29.70 -11.57
C LEU E 27 23.81 31.07 -12.10
N ALA E 28 24.78 31.99 -12.18
CA ALA E 28 24.49 33.33 -12.69
C ALA E 28 24.12 33.28 -14.16
N VAL E 29 24.90 32.55 -14.97
CA VAL E 29 24.63 32.46 -16.39
C VAL E 29 23.35 31.68 -16.65
N ALA E 30 23.11 30.62 -15.88
CA ALA E 30 21.92 29.82 -16.08
C ALA E 30 20.67 30.60 -15.71
N VAL E 31 20.69 31.25 -14.54
CA VAL E 31 19.53 32.03 -14.12
C VAL E 31 19.32 33.20 -15.07
N TYR E 32 20.41 33.81 -15.53
CA TYR E 32 20.30 34.91 -16.48
C TYR E 32 19.68 34.42 -17.77
N ASN E 33 20.19 33.32 -18.33
CA ASN E 33 19.65 32.77 -19.55
C ASN E 33 18.22 32.27 -19.35
N HIS E 34 17.87 31.89 -18.12
CA HIS E 34 16.52 31.41 -17.84
C HIS E 34 15.49 32.50 -18.09
N TYR E 35 15.73 33.69 -17.53
CA TYR E 35 14.82 34.81 -17.72
C TYR E 35 14.61 35.12 -19.20
N LYS E 36 15.69 35.06 -19.99
CA LYS E 36 15.58 35.34 -21.41
C LYS E 36 14.71 34.32 -22.12
N ARG E 37 14.88 33.04 -21.79
CA ARG E 37 14.11 31.99 -22.46
C ARG E 37 12.63 32.12 -22.18
N LEU E 38 12.26 32.26 -20.91
CA LEU E 38 10.85 32.39 -20.56
C LEU E 38 10.27 33.70 -21.07
N ARG E 39 11.05 34.78 -21.04
CA ARG E 39 10.56 36.08 -21.49
C ARG E 39 10.20 36.06 -22.97
N ASN E 40 11.04 35.44 -23.79
CA ASN E 40 10.75 35.40 -25.23
C ASN E 40 9.59 34.47 -25.53
N GLY E 41 9.60 33.27 -24.95
CA GLY E 41 8.55 32.28 -25.17
C GLY E 41 8.26 31.97 -26.61
N ASP E 42 9.31 31.64 -27.38
CA ASP E 42 9.21 31.30 -28.79
C ASP E 42 8.44 32.35 -29.61
N THR E 43 8.54 33.62 -29.20
CA THR E 43 7.88 34.71 -29.92
C THR E 43 8.84 35.49 -30.80
N SER E 44 10.13 35.49 -30.48
CA SER E 44 11.13 36.18 -31.26
C SER E 44 11.52 35.31 -32.45
N ASN E 45 12.57 35.71 -33.17
CA ASN E 45 13.05 34.93 -34.31
C ASN E 45 13.53 33.56 -33.87
N GLY E 46 14.00 33.44 -32.63
CA GLY E 46 14.48 32.19 -32.10
C GLY E 46 13.32 31.32 -31.67
N VAL E 47 13.09 30.25 -32.43
CA VAL E 47 11.99 29.33 -32.20
C VAL E 47 12.53 28.08 -31.53
N GLU E 48 11.70 27.47 -30.68
CA GLU E 48 12.04 26.25 -29.95
C GLU E 48 13.30 26.45 -29.09
N LEU E 49 13.20 27.37 -28.14
CA LEU E 49 14.30 27.65 -27.24
C LEU E 49 14.46 26.48 -26.28
N GLY E 50 15.66 25.89 -26.26
CA GLY E 50 15.94 24.75 -25.43
C GLY E 50 16.06 25.11 -23.95
N LYS E 51 16.55 24.13 -23.20
CA LYS E 51 16.74 24.26 -21.76
C LYS E 51 18.05 23.59 -21.38
N SER E 52 18.66 24.10 -20.31
CA SER E 52 19.94 23.60 -19.82
C SER E 52 19.93 23.58 -18.31
N ASN E 53 19.85 22.39 -17.72
CA ASN E 53 19.84 22.25 -16.28
C ASN E 53 21.27 22.30 -15.75
N ILE E 54 21.41 22.20 -14.42
CA ILE E 54 22.69 22.29 -13.75
C ILE E 54 22.87 21.11 -12.81
N LEU E 55 24.12 20.65 -12.70
CA LEU E 55 24.50 19.55 -11.83
C LEU E 55 25.63 20.01 -10.93
N LEU E 56 25.34 20.24 -9.66
CA LEU E 56 26.32 20.68 -8.69
C LEU E 56 26.96 19.48 -8.00
N ILE E 57 28.28 19.54 -7.84
CA ILE E 57 29.04 18.47 -7.21
C ILE E 57 30.04 19.10 -6.24
N GLY E 58 30.10 18.56 -5.03
CA GLY E 58 31.03 19.02 -4.04
C GLY E 58 30.95 18.21 -2.76
N PRO E 59 31.99 18.28 -1.90
CA PRO E 59 31.93 17.53 -0.65
C PRO E 59 30.83 18.03 0.28
N THR E 60 30.64 17.35 1.40
CA THR E 60 29.62 17.76 2.36
C THR E 60 30.06 19.03 3.08
N GLY E 61 29.08 19.86 3.45
CA GLY E 61 29.37 21.10 4.13
C GLY E 61 30.17 22.07 3.29
N SER E 62 30.05 21.99 1.96
CA SER E 62 30.78 22.88 1.06
C SER E 62 30.01 24.14 0.70
N GLY E 63 28.68 24.13 0.85
CA GLY E 63 27.87 25.29 0.55
C GLY E 63 26.91 25.11 -0.61
N LYS E 64 26.61 23.86 -0.97
CA LYS E 64 25.67 23.63 -2.06
C LYS E 64 24.28 24.12 -1.70
N THR E 65 23.81 23.76 -0.49
CA THR E 65 22.49 24.19 -0.06
C THR E 65 22.43 25.70 0.13
N LEU E 66 23.57 26.33 0.42
CA LEU E 66 23.59 27.77 0.63
C LEU E 66 23.33 28.53 -0.66
N LEU E 67 23.92 28.07 -1.76
CA LEU E 67 23.70 28.75 -3.04
C LEU E 67 22.24 28.64 -3.47
N ALA E 68 21.60 27.51 -3.17
CA ALA E 68 20.21 27.32 -3.57
C ALA E 68 19.27 28.23 -2.77
N GLU E 69 19.58 28.46 -1.50
CA GLU E 69 18.72 29.29 -0.66
C GLU E 69 18.97 30.78 -0.89
N THR E 70 20.23 31.19 -0.86
CA THR E 70 20.56 32.60 -1.05
C THR E 70 20.14 33.09 -2.43
N LEU E 71 20.21 32.22 -3.43
CA LEU E 71 19.81 32.61 -4.78
C LEU E 71 18.33 32.92 -4.86
N ALA E 72 17.52 32.23 -4.06
CA ALA E 72 16.07 32.45 -4.08
C ALA E 72 15.67 33.82 -3.57
N ARG E 73 16.51 34.45 -2.75
CA ARG E 73 16.16 35.77 -2.21
C ARG E 73 16.14 36.81 -3.32
N LEU E 74 17.20 36.88 -4.12
CA LEU E 74 17.25 37.82 -5.23
C LEU E 74 16.38 37.37 -6.39
N LEU E 75 16.10 36.07 -6.47
CA LEU E 75 15.29 35.54 -7.56
C LEU E 75 13.86 36.03 -7.47
N ASP E 76 13.30 36.39 -8.62
CA ASP E 76 11.93 36.88 -8.68
C ASP E 76 10.94 35.73 -8.77
N VAL E 77 11.19 34.78 -9.67
CA VAL E 77 10.34 33.61 -9.84
C VAL E 77 10.47 32.77 -8.57
N PRO E 78 9.49 31.92 -8.25
CA PRO E 78 9.58 31.16 -6.99
C PRO E 78 10.73 30.17 -6.94
N PHE E 79 10.88 29.52 -5.78
CA PHE E 79 11.94 28.55 -5.55
C PHE E 79 11.47 27.57 -4.50
N THR E 80 11.99 26.35 -4.57
CA THR E 80 11.64 25.28 -3.64
C THR E 80 12.89 24.46 -3.35
N MET E 81 12.75 23.50 -2.45
CA MET E 81 13.88 22.65 -2.06
C MET E 81 13.33 21.33 -1.56
N ALA E 82 13.72 20.24 -2.22
CA ALA E 82 13.27 18.91 -1.88
C ALA E 82 14.43 17.94 -1.77
N ASP E 83 14.11 16.66 -1.57
CA ASP E 83 15.10 15.60 -1.46
C ASP E 83 14.59 14.40 -2.24
N ALA E 84 15.49 13.72 -2.94
CA ALA E 84 15.14 12.57 -3.75
C ALA E 84 15.34 11.23 -3.03
N THR E 85 15.86 11.25 -1.81
CA THR E 85 16.07 10.00 -1.09
C THR E 85 14.75 9.31 -0.76
N THR E 86 13.68 10.08 -0.56
CA THR E 86 12.38 9.54 -0.21
C THR E 86 11.53 9.15 -1.40
N LEU E 87 11.96 9.44 -2.63
CA LEU E 87 11.15 9.15 -3.80
C LEU E 87 11.17 7.65 -4.13
N THR E 88 10.07 7.19 -4.72
CA THR E 88 9.88 5.81 -5.10
C THR E 88 9.41 5.73 -6.55
N GLU E 89 9.29 4.51 -7.06
CA GLU E 89 8.96 4.29 -8.47
C GLU E 89 7.46 4.06 -8.71
N ALA E 90 6.70 5.12 -8.52
CA ALA E 90 5.28 5.17 -8.91
C ALA E 90 4.42 4.00 -8.42
N GLY E 91 4.28 3.87 -7.11
CA GLY E 91 3.45 2.80 -6.56
C GLY E 91 3.95 2.16 -5.28
N TYR E 92 5.22 2.32 -4.96
CA TYR E 92 5.71 1.76 -3.71
C TYR E 92 5.21 2.62 -2.56
N VAL E 93 5.52 2.20 -1.34
CA VAL E 93 5.01 2.86 -0.15
C VAL E 93 5.64 4.22 0.12
N GLY E 94 6.88 4.45 -0.33
CA GLY E 94 7.54 5.68 0.06
C GLY E 94 6.99 7.03 -0.38
N GLU E 95 7.04 7.37 -1.66
CA GLU E 95 6.58 8.68 -2.13
C GLU E 95 6.32 8.60 -3.63
N ASP E 96 5.90 9.73 -4.19
CA ASP E 96 5.64 9.89 -5.62
C ASP E 96 6.49 11.05 -6.13
N VAL E 97 6.82 11.01 -7.42
CA VAL E 97 7.65 12.05 -8.02
C VAL E 97 6.93 13.38 -8.10
N GLU E 98 5.61 13.38 -8.24
CA GLU E 98 4.87 14.63 -8.39
C GLU E 98 4.78 15.43 -7.09
N ASN E 99 5.27 14.89 -5.96
CA ASN E 99 5.24 15.66 -4.73
C ASN E 99 6.09 16.92 -4.83
N ILE E 100 7.11 16.89 -5.70
CA ILE E 100 7.98 18.06 -5.88
C ILE E 100 7.16 19.23 -6.42
N ILE E 101 6.29 18.96 -7.39
CA ILE E 101 5.48 20.02 -7.97
C ILE E 101 4.48 20.55 -6.95
N GLN E 102 4.04 19.69 -6.02
CA GLN E 102 3.11 20.14 -5.00
C GLN E 102 3.74 21.19 -4.09
N LYS E 103 4.98 20.95 -3.66
CA LYS E 103 5.67 21.91 -2.81
C LYS E 103 5.97 23.20 -3.56
N LEU E 104 6.09 23.11 -4.88
CA LEU E 104 6.39 24.30 -5.68
C LEU E 104 5.22 25.27 -5.70
N LEU E 105 4.00 24.74 -5.78
CA LEU E 105 2.83 25.60 -5.84
C LEU E 105 2.56 26.32 -4.52
N GLN E 106 2.99 25.73 -3.39
CA GLN E 106 2.78 26.39 -2.10
C GLN E 106 3.52 27.71 -2.05
N LYS E 107 4.70 27.78 -2.68
CA LYS E 107 5.48 29.01 -2.71
C LYS E 107 4.88 30.02 -3.67
N SER E 108 4.25 29.54 -4.73
CA SER E 108 3.63 30.39 -5.75
C SER E 108 2.17 30.69 -5.46
N ASP E 109 1.61 30.17 -4.37
CA ASP E 109 0.22 30.39 -4.00
C ASP E 109 -0.74 29.85 -5.06
N TYR E 110 -0.39 28.69 -5.62
CA TYR E 110 -1.21 28.01 -6.63
C TYR E 110 -1.45 28.89 -7.85
N ASP E 111 -0.35 29.28 -8.49
CA ASP E 111 -0.35 30.10 -9.70
C ASP E 111 0.41 29.29 -10.75
N VAL E 112 -0.34 28.59 -11.61
CA VAL E 112 0.27 27.74 -12.63
C VAL E 112 1.09 28.56 -13.62
N GLN E 113 0.57 29.71 -14.03
CA GLN E 113 1.30 30.53 -14.98
C GLN E 113 2.60 31.04 -14.41
N LYS E 114 2.68 31.20 -13.09
CA LYS E 114 3.89 31.66 -12.43
C LYS E 114 4.77 30.51 -11.97
N ALA E 115 4.20 29.33 -11.71
CA ALA E 115 4.99 28.19 -11.26
C ALA E 115 5.83 27.60 -12.38
N GLN E 116 5.32 27.62 -13.61
CA GLN E 116 6.08 27.07 -14.74
C GLN E 116 7.37 27.83 -14.96
N ARG E 117 7.40 29.11 -14.60
CA ARG E 117 8.57 29.96 -14.73
C ARG E 117 9.47 29.92 -13.51
N GLY E 118 9.23 28.97 -12.59
CA GLY E 118 10.00 28.87 -11.37
C GLY E 118 11.25 28.04 -11.49
N ILE E 119 11.90 27.84 -10.35
CA ILE E 119 13.15 27.10 -10.23
C ILE E 119 12.97 26.02 -9.18
N VAL E 120 13.65 24.89 -9.38
CA VAL E 120 13.57 23.75 -8.48
C VAL E 120 14.97 23.25 -8.18
N TYR E 121 15.15 22.74 -6.96
CA TYR E 121 16.42 22.23 -6.47
C TYR E 121 16.20 20.85 -5.87
N ILE E 122 17.20 19.99 -6.04
CA ILE E 122 17.18 18.63 -5.52
C ILE E 122 18.44 18.43 -4.70
N ASP E 123 18.31 17.70 -3.58
CA ASP E 123 19.40 17.45 -2.67
C ASP E 123 19.56 15.95 -2.46
N GLN E 124 20.80 15.54 -2.17
CA GLN E 124 21.15 14.15 -1.94
C GLN E 124 20.81 13.28 -3.16
N ILE E 125 21.38 13.68 -4.29
CA ILE E 125 21.16 12.95 -5.53
C ILE E 125 22.02 11.69 -5.63
N ASP E 126 23.11 11.61 -4.86
CA ASP E 126 23.97 10.44 -4.92
C ASP E 126 23.26 9.18 -4.44
N LYS E 127 22.24 9.33 -3.59
CA LYS E 127 21.48 8.20 -3.08
C LYS E 127 20.66 7.51 -4.17
N ILE E 128 20.53 8.12 -5.35
CA ILE E 128 19.74 7.56 -6.43
C ILE E 128 20.50 6.58 -7.30
N SER E 129 21.83 6.55 -7.20
CA SER E 129 22.85 5.76 -7.88
C SER E 129 22.53 4.28 -7.78
N ARG E 130 22.97 3.51 -8.78
CA ARG E 130 22.73 2.07 -8.77
C ARG E 130 23.30 1.44 -7.52
N LYS E 131 22.47 0.64 -6.85
CA LYS E 131 22.81 -0.02 -5.60
C LYS E 131 23.26 -1.46 -5.78
N SER E 132 22.66 -2.18 -6.72
CA SER E 132 22.91 -3.61 -6.87
C SER E 132 24.03 -3.99 -7.84
N ASP E 133 24.79 -3.05 -8.41
CA ASP E 133 25.92 -3.45 -9.26
C ASP E 133 25.47 -4.30 -10.46
N ASN E 134 24.74 -3.66 -11.41
CA ASN E 134 24.15 -4.38 -12.54
C ASN E 134 23.11 -5.32 -11.93
N PRO E 135 22.00 -4.72 -11.40
CA PRO E 135 20.99 -5.48 -10.64
C PRO E 135 20.47 -6.80 -11.17
N SER E 136 19.99 -7.55 -10.18
CA SER E 136 19.40 -8.87 -10.21
C SER E 136 17.89 -8.75 -10.01
N ILE E 137 17.24 -9.89 -9.87
CA ILE E 137 15.78 -10.03 -9.73
C ILE E 137 15.16 -9.09 -8.70
N THR E 138 15.96 -8.63 -7.71
CA THR E 138 15.45 -7.76 -6.64
C THR E 138 14.68 -6.53 -7.14
N ARG E 139 14.91 -6.08 -8.38
CA ARG E 139 14.17 -4.95 -8.95
C ARG E 139 14.31 -3.69 -8.11
N ASP E 140 15.55 -3.20 -7.99
CA ASP E 140 15.86 -1.97 -7.27
C ASP E 140 14.87 -0.86 -7.56
N VAL E 141 14.33 -0.26 -6.51
CA VAL E 141 13.32 0.80 -6.59
C VAL E 141 13.88 2.14 -6.16
N SER E 142 14.61 2.17 -5.03
CA SER E 142 15.20 3.42 -4.57
C SER E 142 16.25 3.95 -5.53
N GLY E 143 16.87 3.06 -6.30
CA GLY E 143 17.92 3.40 -7.24
C GLY E 143 17.43 3.70 -8.64
N GLU E 144 17.86 2.87 -9.59
CA GLU E 144 17.55 3.00 -11.01
C GLU E 144 16.10 3.42 -11.29
N GLY E 145 15.14 2.76 -10.66
CA GLY E 145 13.74 3.06 -10.86
C GLY E 145 13.33 4.51 -10.67
N VAL E 146 14.10 5.27 -9.90
CA VAL E 146 13.75 6.67 -9.65
C VAL E 146 14.20 7.54 -10.81
N GLN E 147 15.39 7.27 -11.36
CA GLN E 147 15.92 8.06 -12.46
C GLN E 147 14.99 8.02 -13.66
N GLN E 148 14.47 6.85 -14.00
CA GLN E 148 13.59 6.71 -15.15
C GLN E 148 12.36 7.59 -15.06
N ALA E 149 11.85 7.81 -13.84
CA ALA E 149 10.69 8.67 -13.67
C ALA E 149 11.04 10.13 -13.91
N LEU E 150 12.21 10.56 -13.44
CA LEU E 150 12.62 11.95 -13.59
C LEU E 150 12.86 12.33 -15.04
N LEU E 151 13.32 11.37 -15.86
CA LEU E 151 13.62 11.60 -17.27
C LEU E 151 12.61 12.48 -18.01
N LYS E 152 11.33 12.16 -17.90
CA LYS E 152 10.32 12.96 -18.57
C LYS E 152 10.13 14.30 -17.88
N LEU E 153 10.23 14.31 -16.55
CA LEU E 153 10.07 15.55 -15.78
C LEU E 153 11.07 16.60 -16.19
N ILE E 154 12.35 16.24 -16.27
CA ILE E 154 13.40 17.19 -16.61
C ILE E 154 13.26 17.66 -18.05
N GLU E 155 12.75 16.81 -18.94
CA GLU E 155 12.63 17.20 -20.34
C GLU E 155 11.45 18.13 -20.55
N GLY E 156 10.29 17.77 -20.02
CA GLY E 156 9.08 18.57 -20.12
C GLY E 156 7.87 17.77 -20.53
N THR E 157 6.81 17.86 -19.74
CA THR E 157 5.57 17.16 -20.02
C THR E 157 4.55 17.63 -18.99
N VAL E 158 3.28 17.27 -19.24
CA VAL E 158 2.20 17.59 -18.32
C VAL E 158 2.29 16.62 -17.17
N ALA E 159 1.60 16.91 -16.07
CA ALA E 159 1.62 16.04 -14.90
C ALA E 159 0.29 16.15 -14.19
N ALA E 160 0.23 15.63 -12.96
CA ALA E 160 -0.97 15.65 -12.13
C ALA E 160 -0.53 16.05 -10.73
N VAL E 161 -1.26 16.99 -10.15
CA VAL E 161 -0.97 17.51 -8.81
C VAL E 161 -2.24 17.62 -7.99
N PRO E 162 -2.30 17.13 -6.75
CA PRO E 162 -3.53 17.29 -5.97
C PRO E 162 -3.78 18.76 -5.68
N PRO E 163 -5.03 19.22 -5.75
CA PRO E 163 -5.26 20.67 -5.55
C PRO E 163 -5.05 21.16 -4.13
N GLN E 164 -5.53 20.44 -3.11
CA GLN E 164 -5.42 20.91 -1.73
C GLN E 164 -5.03 19.81 -0.74
N GLY E 165 -4.27 18.81 -1.18
CA GLY E 165 -3.81 17.77 -0.26
C GLY E 165 -4.41 16.39 -0.44
N GLY E 166 -4.80 16.04 -1.65
CA GLY E 166 -5.38 14.75 -1.94
C GLY E 166 -4.31 13.73 -2.32
N ARG E 167 -4.78 12.58 -2.77
CA ARG E 167 -3.89 11.48 -3.16
C ARG E 167 -4.46 10.72 -4.35
N GLN E 172 -10.97 13.65 -6.52
CA GLN E 172 -11.02 13.34 -7.94
C GLN E 172 -10.92 14.63 -8.77
N GLU E 173 -9.75 15.25 -8.71
CA GLU E 173 -9.50 16.48 -9.45
C GLU E 173 -7.99 16.67 -9.56
N PHE E 174 -7.49 16.78 -10.79
CA PHE E 174 -6.06 16.96 -11.04
C PHE E 174 -5.87 18.04 -12.09
N LEU E 175 -4.93 18.93 -11.83
CA LEU E 175 -4.60 20.05 -12.71
C LEU E 175 -3.28 19.77 -13.43
N GLN E 176 -3.27 20.05 -14.74
CA GLN E 176 -2.09 19.83 -15.56
C GLN E 176 -1.12 21.01 -15.42
N VAL E 177 0.17 20.69 -15.35
CA VAL E 177 1.22 21.69 -15.20
C VAL E 177 2.42 21.26 -16.02
N ASP E 178 2.75 22.04 -17.06
CA ASP E 178 3.91 21.77 -17.88
C ASP E 178 5.19 21.95 -17.07
N THR E 179 6.26 21.33 -17.55
CA THR E 179 7.56 21.43 -16.88
C THR E 179 8.71 21.64 -17.85
N SER E 180 8.45 21.86 -19.15
CA SER E 180 9.53 22.07 -20.09
C SER E 180 10.29 23.36 -19.79
N LYS E 181 9.60 24.38 -19.29
CA LYS E 181 10.21 25.66 -18.96
C LYS E 181 10.80 25.71 -17.54
N ILE E 182 10.51 24.72 -16.70
CA ILE E 182 11.00 24.72 -15.34
C ILE E 182 12.45 24.27 -15.32
N LEU E 183 13.26 24.96 -14.52
CA LEU E 183 14.67 24.66 -14.35
C LEU E 183 14.86 23.74 -13.16
N PHE E 184 15.91 22.91 -13.22
CA PHE E 184 16.25 21.99 -12.16
C PHE E 184 17.73 22.09 -11.87
N ILE E 185 18.06 22.11 -10.58
CA ILE E 185 19.45 22.19 -10.11
C ILE E 185 19.65 21.00 -9.19
N CYS E 186 20.18 19.91 -9.74
CA CYS E 186 20.43 18.70 -8.97
C CYS E 186 21.82 18.75 -8.37
N GLY E 187 21.91 18.39 -7.09
CA GLY E 187 23.19 18.37 -6.42
C GLY E 187 23.17 17.44 -5.24
N GLY E 188 24.33 16.85 -4.96
CA GLY E 188 24.48 15.93 -3.86
C GLY E 188 25.92 15.51 -3.71
N ALA E 189 26.44 15.50 -2.49
CA ALA E 189 27.81 15.10 -2.27
C ALA E 189 28.02 13.66 -2.70
N PHE E 190 28.88 13.46 -3.70
CA PHE E 190 29.18 12.12 -4.18
C PHE E 190 30.28 11.51 -3.32
N ALA E 191 30.13 10.23 -2.99
CA ALA E 191 31.09 9.51 -2.17
C ALA E 191 31.91 8.58 -3.04
N GLY E 192 33.23 8.67 -2.91
CA GLY E 192 34.12 7.82 -3.66
C GLY E 192 34.27 8.17 -5.11
N LEU E 193 33.66 9.27 -5.58
CA LEU E 193 33.78 9.62 -6.99
C LEU E 193 35.22 9.99 -7.34
N ASP E 194 35.96 10.56 -6.41
CA ASP E 194 37.36 10.91 -6.68
C ASP E 194 38.17 9.67 -7.01
N LYS E 195 37.92 8.57 -6.28
CA LYS E 195 38.64 7.33 -6.53
C LYS E 195 38.36 6.79 -7.92
N VAL E 196 37.10 6.87 -8.36
CA VAL E 196 36.71 6.37 -9.66
C VAL E 196 37.40 7.17 -10.76
N ILE E 197 37.39 8.51 -10.63
CA ILE E 197 38.00 9.34 -11.64
C ILE E 197 39.51 9.14 -11.66
N SER E 198 40.14 9.13 -10.48
CA SER E 198 41.58 8.94 -10.39
C SER E 198 42.00 7.61 -11.00
N HIS E 199 41.27 6.54 -10.67
CA HIS E 199 41.59 5.22 -11.19
C HIS E 199 41.50 5.20 -12.71
N ARG E 200 40.50 5.86 -13.29
CA ARG E 200 40.30 5.84 -14.73
C ARG E 200 41.34 6.69 -15.45
N VAL E 201 41.52 7.93 -15.04
CA VAL E 201 42.41 8.85 -15.75
C VAL E 201 43.87 8.47 -15.56
N GLU E 202 44.32 8.30 -14.32
CA GLU E 202 45.75 8.09 -14.05
C GLU E 202 46.16 6.61 -14.04
N THR E 203 45.88 5.86 -15.10
CA THR E 203 46.39 4.49 -15.16
C THR E 203 46.36 4.01 -16.60
N GLY E 204 47.52 3.64 -17.12
CA GLY E 204 47.66 3.04 -18.43
C GLY E 204 48.69 1.93 -18.34
N SER E 205 48.83 1.32 -17.16
CA SER E 205 49.86 0.33 -16.90
C SER E 205 49.34 -0.97 -16.30
N GLY E 206 49.88 -2.06 -16.82
CA GLY E 206 49.60 -3.38 -16.28
C GLY E 206 50.51 -3.64 -15.10
N ILE E 207 50.42 -4.85 -14.56
CA ILE E 207 51.24 -5.25 -13.41
C ILE E 207 52.50 -6.03 -13.85
N GLY E 208 52.60 -6.43 -15.11
CA GLY E 208 53.75 -7.20 -15.55
C GLY E 208 54.98 -6.35 -15.81
N PHE E 209 56.06 -7.06 -16.15
CA PHE E 209 57.36 -6.42 -16.40
C PHE E 209 57.34 -5.56 -17.65
N GLY E 210 56.91 -6.13 -18.78
CA GLY E 210 56.96 -5.41 -20.03
C GLY E 210 56.10 -4.15 -20.07
N ALA E 211 54.96 -4.16 -19.39
CA ALA E 211 54.10 -2.99 -19.41
C ALA E 211 54.78 -1.80 -18.73
N THR E 212 54.72 -0.64 -19.39
CA THR E 212 55.30 0.57 -18.84
C THR E 212 54.42 1.07 -17.70
N VAL E 213 55.04 1.77 -16.74
CA VAL E 213 54.34 2.28 -15.57
C VAL E 213 54.26 3.79 -15.67
N LYS E 214 53.04 4.32 -15.63
CA LYS E 214 52.78 5.75 -15.69
C LYS E 214 52.82 6.32 -14.28
N ALA E 215 53.68 7.30 -14.06
CA ALA E 215 53.82 7.96 -12.77
C ALA E 215 52.87 9.15 -12.71
N LYS E 216 51.86 9.07 -11.86
CA LYS E 216 50.85 10.12 -11.73
C LYS E 216 50.23 10.01 -10.34
N SER E 217 49.30 10.92 -10.04
CA SER E 217 48.60 10.97 -8.76
C SER E 217 49.57 11.25 -7.62
N ASP E 218 50.41 12.28 -7.81
CA ASP E 218 51.36 12.64 -6.76
C ASP E 218 50.64 13.20 -5.53
N LYS E 219 49.63 14.03 -5.75
CA LYS E 219 48.84 14.66 -4.71
C LYS E 219 47.37 14.29 -4.89
N ALA E 220 46.61 14.43 -3.80
CA ALA E 220 45.18 14.09 -3.84
C ALA E 220 44.45 14.97 -4.86
N SER E 221 44.59 16.29 -4.73
CA SER E 221 43.98 17.24 -5.65
C SER E 221 42.46 17.04 -5.77
N GLU E 222 41.78 17.19 -4.64
CA GLU E 222 40.33 16.99 -4.62
C GLU E 222 39.62 18.03 -5.49
N GLY E 223 40.08 19.28 -5.44
CA GLY E 223 39.45 20.32 -6.25
C GLY E 223 39.74 20.17 -7.74
N GLU E 224 41.00 19.91 -8.08
CA GLU E 224 41.41 19.80 -9.48
C GLU E 224 41.01 18.47 -10.11
N LEU E 225 40.69 17.45 -9.31
CA LEU E 225 40.32 16.16 -9.87
C LEU E 225 38.88 16.16 -10.35
N LEU E 226 37.98 16.76 -9.58
CA LEU E 226 36.58 16.82 -9.99
C LEU E 226 36.41 17.63 -11.27
N ALA E 227 37.30 18.59 -11.52
CA ALA E 227 37.23 19.38 -12.74
C ALA E 227 37.38 18.53 -13.98
N GLN E 228 38.10 17.41 -13.86
CA GLN E 228 38.33 16.49 -14.96
C GLN E 228 37.22 15.45 -15.09
N VAL E 229 36.06 15.68 -14.47
CA VAL E 229 34.98 14.71 -14.53
C VAL E 229 34.36 14.71 -15.92
N GLU E 230 33.58 13.66 -16.20
CA GLU E 230 32.92 13.50 -17.48
C GLU E 230 31.73 12.59 -17.28
N PRO E 231 30.82 12.51 -18.26
CA PRO E 231 29.65 11.63 -18.09
C PRO E 231 30.01 10.16 -17.94
N GLU E 232 31.01 9.68 -18.68
CA GLU E 232 31.39 8.27 -18.58
C GLU E 232 31.86 7.91 -17.18
N ASP E 233 32.46 8.87 -16.47
CA ASP E 233 32.89 8.61 -15.10
C ASP E 233 31.70 8.37 -14.19
N LEU E 234 30.57 9.04 -14.47
CA LEU E 234 29.39 8.87 -13.64
C LEU E 234 28.68 7.55 -13.90
N ILE E 235 28.84 6.97 -15.09
CA ILE E 235 28.19 5.70 -15.39
C ILE E 235 28.72 4.62 -14.46
N LYS E 236 30.04 4.62 -14.22
CA LYS E 236 30.62 3.65 -13.31
C LYS E 236 30.12 3.87 -11.88
N PHE E 237 29.72 5.10 -11.56
CA PHE E 237 29.20 5.39 -10.23
C PHE E 237 27.83 4.75 -10.04
N GLY E 238 27.02 4.73 -11.10
CA GLY E 238 25.69 4.15 -11.04
C GLY E 238 24.65 4.91 -11.83
N LEU E 239 24.95 6.15 -12.20
CA LEU E 239 23.98 6.94 -12.95
C LEU E 239 23.81 6.36 -14.35
N ILE E 240 22.65 6.67 -14.94
CA ILE E 240 22.27 6.18 -16.26
C ILE E 240 22.71 7.23 -17.28
N PRO E 241 23.10 6.84 -18.51
CA PRO E 241 23.48 7.87 -19.48
C PRO E 241 22.35 8.80 -19.85
N GLU E 242 21.12 8.29 -19.86
CA GLU E 242 19.97 9.12 -20.21
C GLU E 242 19.78 10.25 -19.20
N PHE E 243 19.92 9.94 -17.92
CA PHE E 243 19.75 10.96 -16.88
C PHE E 243 20.83 12.03 -16.98
N ILE E 244 22.05 11.64 -17.32
CA ILE E 244 23.13 12.62 -17.44
C ILE E 244 22.89 13.53 -18.61
N GLY E 245 22.28 13.02 -19.68
CA GLY E 245 21.99 13.86 -20.83
C GLY E 245 21.04 14.98 -20.48
N ARG E 246 20.14 14.75 -19.52
CA ARG E 246 19.22 15.79 -19.09
C ARG E 246 19.94 16.88 -18.32
N LEU E 247 21.14 16.59 -17.79
CA LEU E 247 21.94 17.53 -17.01
C LEU E 247 23.28 17.70 -17.73
N PRO E 248 23.32 18.51 -18.80
CA PRO E 248 24.60 18.66 -19.51
C PRO E 248 25.64 19.45 -18.74
N VAL E 249 25.23 20.52 -18.09
CA VAL E 249 26.16 21.38 -17.35
C VAL E 249 26.59 20.69 -16.07
N VAL E 250 27.84 20.94 -15.67
CA VAL E 250 28.43 20.36 -14.48
C VAL E 250 29.16 21.47 -13.73
N ALA E 251 29.19 21.35 -12.40
CA ALA E 251 29.87 22.30 -11.54
C ALA E 251 30.64 21.54 -10.48
N THR E 252 31.88 21.95 -10.25
CA THR E 252 32.78 21.33 -9.28
C THR E 252 33.09 22.32 -8.17
N LEU E 253 32.76 21.96 -6.94
CA LEU E 253 33.00 22.80 -5.77
C LEU E 253 34.14 22.23 -4.94
N ASN E 254 35.11 23.09 -4.63
CA ASN E 254 36.25 22.68 -3.82
C ASN E 254 35.85 22.64 -2.35
N GLU E 255 36.61 21.86 -1.57
CA GLU E 255 36.32 21.75 -0.16
C GLU E 255 36.68 23.05 0.55
N LEU E 256 36.44 23.09 1.85
CA LEU E 256 36.72 24.26 2.67
C LEU E 256 38.13 24.18 3.26
N SER E 257 38.85 25.29 3.17
CA SER E 257 40.19 25.40 3.72
C SER E 257 40.14 26.05 5.10
N GLU E 258 41.27 26.02 5.80
CA GLU E 258 41.33 26.61 7.13
C GLU E 258 41.12 28.12 7.08
N GLU E 259 41.86 28.81 6.21
CA GLU E 259 41.71 30.26 6.10
C GLU E 259 40.34 30.64 5.59
N ALA E 260 39.70 29.75 4.81
CA ALA E 260 38.37 30.05 4.28
C ALA E 260 37.36 30.19 5.40
N LEU E 261 37.53 29.40 6.48
CA LEU E 261 36.60 29.47 7.59
C LEU E 261 36.67 30.83 8.28
N ILE E 262 37.86 31.43 8.34
CA ILE E 262 38.01 32.73 8.97
C ILE E 262 37.23 33.78 8.18
N GLN E 263 37.27 33.68 6.85
CA GLN E 263 36.57 34.62 6.01
C GLN E 263 35.06 34.49 6.15
N ILE E 264 34.58 33.28 6.43
CA ILE E 264 33.14 33.06 6.55
C ILE E 264 32.57 33.79 7.76
N LEU E 265 33.37 33.98 8.80
CA LEU E 265 32.91 34.66 10.00
C LEU E 265 33.09 36.18 9.94
N LYS E 266 33.75 36.70 8.91
CA LYS E 266 34.03 38.14 8.80
C LYS E 266 33.40 38.80 7.58
N GLU E 267 33.52 38.18 6.40
CA GLU E 267 33.03 38.83 5.18
C GLU E 267 31.50 38.84 5.06
N PRO E 268 30.79 37.73 5.16
CA PRO E 268 29.34 37.78 4.94
C PRO E 268 28.60 38.48 6.06
N LYS E 269 27.47 39.10 5.68
CA LYS E 269 26.65 39.82 6.64
C LYS E 269 25.95 38.89 7.62
N ASN E 270 25.72 37.64 7.24
CA ASN E 270 25.05 36.68 8.12
C ASN E 270 26.03 35.92 9.01
N ALA E 271 27.31 36.27 8.98
CA ALA E 271 28.32 35.65 9.83
C ALA E 271 27.88 35.67 11.29
N LEU E 272 28.25 34.62 12.02
CA LEU E 272 27.86 34.54 13.43
C LEU E 272 28.48 35.65 14.26
N THR E 273 29.65 36.14 13.86
CA THR E 273 30.27 37.24 14.59
C THR E 273 29.38 38.48 14.53
N LYS E 274 28.80 38.75 13.36
CA LYS E 274 27.91 39.89 13.23
C LYS E 274 26.59 39.65 13.96
N GLN E 275 26.17 38.38 14.04
CA GLN E 275 24.93 38.07 14.75
C GLN E 275 25.08 38.34 16.24
N TYR E 276 26.14 37.79 16.85
CA TYR E 276 26.36 38.04 18.26
C TYR E 276 26.72 39.50 18.52
N GLN E 277 27.42 40.13 17.58
CA GLN E 277 27.73 41.54 17.73
C GLN E 277 26.45 42.37 17.77
N ALA E 278 25.50 42.03 16.90
CA ALA E 278 24.22 42.72 16.88
C ALA E 278 23.33 42.26 18.02
N LEU E 279 23.54 41.04 18.52
CA LEU E 279 22.75 40.55 19.64
C LEU E 279 22.98 41.40 20.88
N PHE E 280 24.20 41.89 21.05
CA PHE E 280 24.54 42.76 22.17
C PHE E 280 24.40 44.23 21.81
N ASN E 281 24.31 44.56 20.53
CA ASN E 281 24.17 45.95 20.13
C ASN E 281 22.83 46.51 20.60
N LEU E 282 21.79 45.68 20.59
CA LEU E 282 20.48 46.13 21.07
C LEU E 282 20.52 46.42 22.56
N GLU E 283 21.39 45.72 23.29
CA GLU E 283 21.55 45.92 24.73
C GLU E 283 22.46 47.10 25.05
N GLY E 284 22.94 47.83 24.05
CA GLY E 284 23.85 48.94 24.32
C GLY E 284 25.19 48.45 24.81
N VAL E 285 25.68 47.35 24.26
CA VAL E 285 26.96 46.76 24.64
C VAL E 285 27.73 46.41 23.38
N ASP E 286 29.04 46.57 23.43
CA ASP E 286 29.93 46.27 22.32
C ASP E 286 30.49 44.87 22.46
N LEU E 287 30.91 44.30 21.33
CA LEU E 287 31.49 42.97 21.27
C LEU E 287 32.72 43.02 20.38
N GLU E 288 33.65 42.11 20.64
CA GLU E 288 34.89 42.03 19.88
C GLU E 288 35.27 40.57 19.66
N PHE E 289 35.98 40.32 18.57
CA PHE E 289 36.44 38.99 18.21
C PHE E 289 37.81 39.13 17.56
N ARG E 290 38.86 38.77 18.29
CA ARG E 290 40.21 38.91 17.76
C ARG E 290 40.57 37.75 16.84
N ASP E 291 41.54 38.01 15.96
CA ASP E 291 41.99 36.98 15.03
C ASP E 291 42.61 35.81 15.76
N GLU E 292 43.16 36.04 16.95
CA GLU E 292 43.76 34.96 17.73
C GLU E 292 42.74 33.89 18.08
N ALA E 293 41.47 34.26 18.16
CA ALA E 293 40.40 33.32 18.48
C ALA E 293 39.78 32.68 17.25
N LEU E 294 39.71 33.42 16.13
CA LEU E 294 39.07 32.88 14.93
C LEU E 294 39.92 31.76 14.32
N ASP E 295 41.23 31.98 14.21
CA ASP E 295 42.10 30.94 13.65
C ASP E 295 42.09 29.69 14.52
N ALA E 296 41.90 29.87 15.83
CA ALA E 296 41.86 28.72 16.74
C ALA E 296 40.56 27.95 16.57
N ILE E 297 39.46 28.65 16.30
CA ILE E 297 38.17 28.00 16.12
C ILE E 297 38.21 27.11 14.88
N ALA E 298 38.93 27.53 13.84
CA ALA E 298 39.04 26.73 12.64
C ALA E 298 39.74 25.41 12.94
N LYS E 299 40.75 25.44 13.81
CA LYS E 299 41.47 24.23 14.16
C LYS E 299 40.57 23.27 14.93
N LYS E 300 39.73 23.81 15.81
CA LYS E 300 38.82 22.95 16.56
C LYS E 300 37.78 22.33 15.64
N ALA E 301 37.36 23.04 14.61
CA ALA E 301 36.38 22.50 13.67
C ALA E 301 36.97 21.37 12.85
N MET E 302 38.14 21.61 12.23
CA MET E 302 38.78 20.57 11.45
C MET E 302 39.22 19.42 12.33
N ALA E 303 39.54 19.69 13.60
CA ALA E 303 39.94 18.62 14.51
C ALA E 303 38.78 17.66 14.75
N ARG E 304 37.56 18.18 14.79
CA ARG E 304 36.38 17.37 14.99
C ARG E 304 35.81 16.80 13.70
N LYS E 305 36.41 17.11 12.55
CA LYS E 305 35.96 16.62 11.25
C LYS E 305 34.47 16.85 11.05
N THR E 306 33.99 18.02 11.47
CA THR E 306 32.58 18.37 11.37
C THR E 306 32.30 19.47 10.35
N GLY E 307 33.29 20.29 10.02
CA GLY E 307 33.09 21.34 9.04
C GLY E 307 32.46 22.59 9.64
N ALA E 308 32.14 23.51 8.73
CA ALA E 308 31.54 24.78 9.11
C ALA E 308 30.13 24.63 9.67
N ARG E 309 29.45 23.52 9.38
CA ARG E 309 28.09 23.35 9.87
C ARG E 309 28.06 23.19 11.38
N GLY E 310 29.06 22.51 11.95
CA GLY E 310 29.14 22.29 13.39
C GLY E 310 30.00 23.33 14.07
N LEU E 311 29.93 24.56 13.58
CA LEU E 311 30.73 25.66 14.11
C LEU E 311 30.04 26.39 15.26
N ARG E 312 28.71 26.42 15.29
CA ARG E 312 27.99 27.11 16.36
C ARG E 312 28.28 26.50 17.73
N SER E 313 28.57 25.20 17.78
CA SER E 313 28.84 24.56 19.06
C SER E 313 30.06 25.14 19.74
N ILE E 314 31.05 25.58 18.97
CA ILE E 314 32.27 26.15 19.54
C ILE E 314 31.99 27.56 20.08
N VAL E 315 31.16 28.32 19.39
CA VAL E 315 30.87 29.68 19.82
C VAL E 315 29.96 29.70 21.03
N GLU E 316 28.81 29.04 20.94
CA GLU E 316 27.86 29.03 22.04
C GLU E 316 28.43 28.38 23.29
N ALA E 317 29.34 27.42 23.13
CA ALA E 317 29.94 26.77 24.29
C ALA E 317 30.81 27.75 25.10
N ALA E 318 31.38 28.75 24.42
CA ALA E 318 32.25 29.71 25.09
C ALA E 318 31.44 30.84 25.73
N LEU E 319 30.55 31.45 24.97
CA LEU E 319 29.76 32.58 25.46
C LEU E 319 28.55 32.16 26.29
N LEU E 320 28.47 30.90 26.72
CA LEU E 320 27.34 30.47 27.54
C LEU E 320 27.33 31.21 28.87
N ASP E 321 28.45 31.21 29.57
CA ASP E 321 28.53 31.87 30.87
C ASP E 321 28.39 33.38 30.74
N THR E 322 29.02 33.97 29.72
CA THR E 322 28.96 35.42 29.55
C THR E 322 27.54 35.88 29.24
N MET E 323 26.83 35.16 28.39
CA MET E 323 25.45 35.55 28.06
C MET E 323 24.51 35.40 29.24
N TYR E 324 24.84 34.53 30.21
CA TYR E 324 23.96 34.34 31.35
C TYR E 324 24.00 35.55 32.29
N ASP E 325 25.19 36.06 32.59
CA ASP E 325 25.33 37.20 33.50
C ASP E 325 25.34 38.56 32.80
N LEU E 326 25.33 38.60 31.47
CA LEU E 326 25.34 39.88 30.77
C LEU E 326 24.07 40.70 30.99
N PRO E 327 22.86 40.13 30.91
CA PRO E 327 21.67 40.97 31.14
C PRO E 327 21.65 41.59 32.53
N SER E 328 21.96 40.81 33.57
CA SER E 328 21.99 41.35 34.91
C SER E 328 23.12 42.37 35.07
N MET E 329 24.25 42.14 34.38
CA MET E 329 25.38 43.04 34.45
C MET E 329 24.99 44.43 33.95
N GLU E 330 25.47 45.45 34.64
CA GLU E 330 25.22 46.84 34.30
C GLU E 330 26.54 47.58 34.20
N ASP E 331 26.51 48.68 33.45
CA ASP E 331 27.69 49.53 33.23
C ASP E 331 28.79 48.78 32.50
N VAL E 332 28.42 47.89 31.58
CA VAL E 332 29.34 47.11 30.77
C VAL E 332 29.13 47.54 29.33
N GLU E 333 30.13 48.22 28.76
CA GLU E 333 30.03 48.75 27.40
C GLU E 333 30.72 47.88 26.35
N LYS E 334 31.74 47.11 26.69
CA LYS E 334 32.42 46.28 25.71
C LYS E 334 32.93 45.00 26.35
N VAL E 335 32.94 43.94 25.54
CA VAL E 335 33.39 42.61 25.93
C VAL E 335 34.42 42.15 24.90
N VAL E 336 35.58 41.70 25.36
CA VAL E 336 36.66 41.25 24.50
C VAL E 336 36.91 39.77 24.74
N ILE E 337 36.97 39.00 23.66
CA ILE E 337 37.22 37.57 23.69
C ILE E 337 38.63 37.31 23.16
N ASP E 338 39.36 36.44 23.84
CA ASP E 338 40.73 36.08 23.49
C ASP E 338 40.82 34.61 23.12
N GLU E 339 41.98 34.22 22.61
CA GLU E 339 42.20 32.84 22.20
C GLU E 339 42.07 31.89 23.39
N SER E 340 42.52 32.32 24.57
CA SER E 340 42.43 31.47 25.76
C SER E 340 40.98 31.15 26.10
N VAL E 341 40.06 32.09 25.82
CA VAL E 341 38.65 31.88 26.14
C VAL E 341 38.11 30.67 25.39
N ILE E 342 38.54 30.48 24.15
CA ILE E 342 38.05 29.33 23.37
C ILE E 342 38.51 28.03 24.00
N ASP E 343 39.75 28.00 24.50
CA ASP E 343 40.24 26.79 25.16
C ASP E 343 39.47 26.53 26.45
N GLY E 344 39.03 27.60 27.13
CA GLY E 344 38.31 27.51 28.38
C GLY E 344 39.15 27.77 29.60
N GLN E 345 40.44 28.03 29.44
CA GLN E 345 41.31 28.30 30.58
C GLN E 345 40.95 29.63 31.25
N SER E 346 40.63 30.65 30.45
CA SER E 346 40.31 31.98 30.94
C SER E 346 38.91 32.39 30.53
N GLU E 347 38.45 33.50 31.13
CA GLU E 347 37.15 34.11 30.90
C GLU E 347 37.29 35.36 30.04
N PRO E 348 36.32 35.67 29.18
CA PRO E 348 36.45 36.86 28.33
C PRO E 348 36.50 38.14 29.13
N LEU E 349 37.46 38.99 28.79
CA LEU E 349 37.62 40.27 29.47
C LEU E 349 36.41 41.17 29.23
N LEU E 350 35.99 41.86 30.27
CA LEU E 350 34.83 42.76 30.23
C LEU E 350 35.30 44.19 30.50
N ILE E 351 34.74 45.12 29.74
CA ILE E 351 35.06 46.54 29.85
C ILE E 351 33.88 47.24 30.51
N TYR E 352 34.17 47.96 31.60
CA TYR E 352 33.14 48.68 32.33
C TYR E 352 33.11 50.15 31.91
N LEU F 3 11.15 39.81 28.45
CA LEU F 3 10.96 40.46 29.77
C LEU F 3 11.70 39.75 30.91
N PRO F 4 11.59 38.40 31.03
CA PRO F 4 12.33 37.72 32.11
C PRO F 4 13.83 37.79 31.88
N THR F 5 14.60 37.26 32.83
CA THR F 5 16.05 37.22 32.76
C THR F 5 16.53 35.80 33.01
N PRO F 6 17.79 35.49 32.68
CA PRO F 6 18.28 34.13 32.95
C PRO F 6 18.29 33.78 34.43
N HIS F 7 18.54 34.76 35.30
CA HIS F 7 18.55 34.48 36.73
C HIS F 7 17.13 34.29 37.25
N GLU F 8 16.19 35.08 36.74
CA GLU F 8 14.81 34.97 37.19
C GLU F 8 14.20 33.65 36.75
N ILE F 9 14.42 33.26 35.49
CA ILE F 9 13.84 32.01 35.00
C ILE F 9 14.51 30.81 35.67
N ARG F 10 15.78 30.95 36.05
CA ARG F 10 16.47 29.85 36.74
C ARG F 10 15.78 29.52 38.06
N ASN F 11 15.35 30.54 38.80
CA ASN F 11 14.71 30.31 40.08
C ASN F 11 13.35 29.63 39.89
N HIS F 12 12.58 30.07 38.90
CA HIS F 12 11.27 29.45 38.66
C HIS F 12 11.43 27.98 38.28
N LEU F 13 12.40 27.67 37.42
CA LEU F 13 12.65 26.29 37.04
C LEU F 13 13.08 25.47 38.25
N ASP F 14 13.88 26.08 39.13
CA ASP F 14 14.36 25.40 40.33
C ASP F 14 13.20 24.96 41.21
N ASP F 15 12.13 25.75 41.27
CA ASP F 15 10.97 25.42 42.10
C ASP F 15 10.36 24.08 41.72
N TYR F 16 10.31 23.76 40.43
CA TYR F 16 9.70 22.53 39.94
C TYR F 16 10.72 21.47 39.52
N VAL F 17 11.98 21.83 39.32
CA VAL F 17 13.02 20.89 38.91
C VAL F 17 14.24 21.09 39.79
N ILE F 18 14.95 20.00 40.06
CA ILE F 18 16.12 20.01 40.91
C ILE F 18 17.13 18.98 40.41
N GLY F 19 18.36 19.08 40.89
CA GLY F 19 19.43 18.18 40.53
C GLY F 19 20.01 18.35 39.14
N GLN F 20 19.56 19.35 38.38
CA GLN F 20 20.07 19.63 37.03
C GLN F 20 20.37 21.12 36.98
N GLU F 21 21.61 21.49 37.32
CA GLU F 21 22.03 22.88 37.36
C GLU F 21 22.53 23.40 36.02
N GLN F 22 23.38 22.62 35.34
CA GLN F 22 23.93 23.07 34.06
C GLN F 22 22.84 23.20 33.00
N ALA F 23 21.83 22.33 33.04
CA ALA F 23 20.77 22.39 32.03
C ALA F 23 19.97 23.68 32.13
N LYS F 24 19.84 24.24 33.34
CA LYS F 24 19.06 25.47 33.49
C LYS F 24 19.71 26.65 32.78
N LYS F 25 21.03 26.80 32.93
CA LYS F 25 21.72 27.90 32.27
C LYS F 25 21.65 27.79 30.76
N VAL F 26 21.64 26.56 30.24
CA VAL F 26 21.60 26.35 28.79
C VAL F 26 20.27 26.84 28.22
N LEU F 27 19.16 26.38 28.78
CA LEU F 27 17.85 26.76 28.28
C LEU F 27 17.54 28.23 28.55
N ALA F 28 18.08 28.79 29.63
CA ALA F 28 17.80 30.17 29.98
C ALA F 28 18.36 31.13 28.92
N VAL F 29 19.65 31.02 28.64
CA VAL F 29 20.26 31.90 27.65
C VAL F 29 19.71 31.61 26.26
N ALA F 30 19.38 30.34 25.98
CA ALA F 30 18.86 29.97 24.68
C ALA F 30 17.49 30.59 24.45
N VAL F 31 16.56 30.37 25.39
CA VAL F 31 15.22 30.92 25.24
C VAL F 31 15.24 32.44 25.31
N TYR F 32 16.14 33.01 26.11
CA TYR F 32 16.21 34.47 26.20
C TYR F 32 16.60 35.07 24.86
N ASN F 33 17.70 34.61 24.28
CA ASN F 33 18.14 35.13 23.00
C ASN F 33 17.21 34.71 21.87
N HIS F 34 16.51 33.58 22.03
CA HIS F 34 15.60 33.13 20.99
C HIS F 34 14.44 34.11 20.82
N TYR F 35 13.83 34.52 21.93
CA TYR F 35 12.72 35.46 21.85
C TYR F 35 13.20 36.88 21.54
N LYS F 36 14.46 37.17 21.83
CA LYS F 36 15.00 38.49 21.50
C LYS F 36 14.94 38.72 19.99
N ARG F 37 15.14 37.66 19.21
CA ARG F 37 15.07 37.77 17.76
C ARG F 37 13.66 38.08 17.29
N LEU F 38 12.65 37.64 18.05
CA LEU F 38 11.27 37.92 17.67
C LEU F 38 10.91 39.37 17.99
N ARG F 39 11.40 39.89 19.12
CA ARG F 39 11.14 41.28 19.47
C ARG F 39 11.77 42.21 18.46
N ASN F 40 12.93 41.83 17.93
CA ASN F 40 13.67 42.60 16.93
C ASN F 40 14.21 41.61 15.93
N GLY F 41 13.68 41.63 14.71
CA GLY F 41 14.09 40.70 13.67
C GLY F 41 15.24 41.20 12.83
N ASP F 42 15.03 41.28 11.52
CA ASP F 42 16.06 41.70 10.59
C ASP F 42 16.15 43.22 10.46
N THR F 43 15.50 43.98 11.34
CA THR F 43 15.58 45.44 11.23
C THR F 43 16.97 45.94 11.61
N SER F 44 17.67 45.23 12.48
CA SER F 44 19.01 45.62 12.90
C SER F 44 20.01 45.29 11.78
N ASN F 45 21.27 45.66 12.01
CA ASN F 45 22.31 45.38 11.02
C ASN F 45 22.50 43.88 10.82
N GLY F 46 22.28 43.08 11.87
CA GLY F 46 22.42 41.65 11.78
C GLY F 46 21.20 41.00 11.17
N VAL F 47 21.00 41.21 9.87
CA VAL F 47 19.85 40.65 9.18
C VAL F 47 19.96 39.13 9.12
N GLU F 48 18.81 38.47 9.07
CA GLU F 48 18.70 37.02 9.00
C GLU F 48 19.41 36.34 10.18
N LEU F 49 18.91 36.63 11.38
CA LEU F 49 19.45 36.03 12.59
C LEU F 49 19.07 34.57 12.63
N GLY F 50 20.07 33.70 12.69
CA GLY F 50 19.81 32.26 12.71
C GLY F 50 19.30 31.78 14.05
N LYS F 51 18.57 30.67 13.99
CA LYS F 51 17.99 30.03 15.16
C LYS F 51 18.95 28.97 15.69
N SER F 52 18.93 28.81 17.02
CA SER F 52 19.78 27.85 17.71
C SER F 52 18.87 26.80 18.36
N ASN F 53 18.86 25.60 17.78
CA ASN F 53 18.04 24.51 18.31
C ASN F 53 18.69 23.97 19.58
N ILE F 54 17.94 23.08 20.26
CA ILE F 54 18.37 22.49 21.53
C ILE F 54 18.25 20.97 21.44
N LEU F 55 19.22 20.27 22.03
CA LEU F 55 19.27 18.82 22.04
C LEU F 55 19.51 18.35 23.47
N LEU F 56 18.55 17.61 24.02
CA LEU F 56 18.62 17.08 25.37
C LEU F 56 19.07 15.63 25.36
N ILE F 57 19.99 15.29 26.25
CA ILE F 57 20.52 13.93 26.37
C ILE F 57 20.46 13.53 27.83
N GLY F 58 19.72 12.46 28.13
CA GLY F 58 19.63 11.96 29.48
C GLY F 58 18.90 10.63 29.54
N PRO F 59 18.98 9.93 30.66
CA PRO F 59 18.27 8.65 30.79
C PRO F 59 16.76 8.85 30.74
N THR F 60 16.05 7.74 30.66
CA THR F 60 14.59 7.81 30.62
C THR F 60 14.05 8.20 31.99
N GLY F 61 12.99 9.00 31.98
CA GLY F 61 12.41 9.48 33.22
C GLY F 61 13.32 10.38 34.02
N SER F 62 14.26 11.05 33.34
CA SER F 62 15.20 11.96 33.99
C SER F 62 14.73 13.40 34.00
N GLY F 63 13.42 13.63 33.79
CA GLY F 63 12.88 14.97 33.77
C GLY F 63 13.06 15.72 32.47
N LYS F 64 13.32 15.01 31.38
CA LYS F 64 13.47 15.67 30.09
C LYS F 64 12.18 16.35 29.67
N THR F 65 11.05 15.66 29.83
CA THR F 65 9.76 16.23 29.45
C THR F 65 9.32 17.34 30.38
N LEU F 66 9.64 17.23 31.67
CA LEU F 66 9.22 18.24 32.63
C LEU F 66 9.86 19.58 32.35
N LEU F 67 11.13 19.58 31.91
CA LEU F 67 11.81 20.84 31.64
C LEU F 67 11.11 21.60 30.51
N ALA F 68 10.63 20.88 29.52
CA ALA F 68 9.91 21.51 28.41
C ALA F 68 8.48 21.83 28.81
N GLU F 69 7.81 20.89 29.50
CA GLU F 69 6.42 21.10 29.91
C GLU F 69 6.32 22.21 30.94
N THR F 70 7.15 22.17 31.99
CA THR F 70 7.09 23.20 33.03
C THR F 70 7.47 24.55 32.48
N LEU F 71 8.46 24.60 31.58
CA LEU F 71 8.86 25.87 30.99
C LEU F 71 7.70 26.48 30.21
N ALA F 72 6.95 25.65 29.51
CA ALA F 72 5.81 26.14 28.73
C ALA F 72 4.78 26.81 29.63
N ARG F 73 4.52 26.24 30.81
CA ARG F 73 3.56 26.85 31.72
C ARG F 73 4.04 28.22 32.19
N LEU F 74 5.32 28.33 32.54
CA LEU F 74 5.88 29.60 33.02
C LEU F 74 5.75 30.69 31.97
N LEU F 75 6.12 30.40 30.73
CA LEU F 75 6.07 31.37 29.64
C LEU F 75 4.71 31.30 28.94
N ASP F 76 4.03 32.43 28.84
CA ASP F 76 2.69 32.45 28.26
C ASP F 76 2.77 32.32 26.74
N VAL F 77 3.01 31.09 26.31
CA VAL F 77 3.09 30.74 24.90
C VAL F 77 2.61 29.29 24.75
N PRO F 78 2.17 28.86 23.57
CA PRO F 78 1.73 27.48 23.42
C PRO F 78 2.89 26.50 23.36
N PHE F 79 2.59 25.24 23.62
CA PHE F 79 3.59 24.19 23.58
C PHE F 79 2.92 22.84 23.42
N THR F 80 3.48 22.01 22.54
CA THR F 80 2.98 20.67 22.26
C THR F 80 4.09 19.66 22.52
N MET F 81 3.73 18.38 22.39
CA MET F 81 4.65 17.27 22.60
C MET F 81 4.58 16.36 21.40
N ALA F 82 5.71 16.15 20.73
CA ALA F 82 5.82 15.28 19.58
C ALA F 82 6.55 14.00 19.97
N ASP F 83 6.62 13.07 19.03
CA ASP F 83 7.26 11.79 19.25
C ASP F 83 7.98 11.34 17.99
N ALA F 84 9.15 10.74 18.16
CA ALA F 84 9.93 10.24 17.03
C ALA F 84 9.30 9.01 16.39
N THR F 85 8.26 8.44 17.01
CA THR F 85 7.62 7.25 16.45
C THR F 85 6.74 7.60 15.26
N THR F 86 6.05 8.73 15.32
CA THR F 86 5.18 9.17 14.24
C THR F 86 6.00 9.63 13.04
N GLY F 94 4.56 9.10 4.45
CA GLY F 94 5.89 8.68 4.85
C GLY F 94 6.56 9.67 5.79
N GLU F 95 6.51 10.96 5.43
CA GLU F 95 7.13 11.99 6.27
C GLU F 95 6.43 12.08 7.62
N ASP F 96 5.10 12.16 7.61
CA ASP F 96 4.27 12.29 8.82
C ASP F 96 4.79 13.42 9.72
N VAL F 97 5.01 14.58 9.11
CA VAL F 97 5.48 15.76 9.81
C VAL F 97 4.42 16.86 9.89
N GLU F 98 3.31 16.72 9.17
CA GLU F 98 2.26 17.73 9.23
C GLU F 98 1.43 17.63 10.52
N ASN F 99 1.40 16.45 11.13
CA ASN F 99 0.63 16.27 12.37
C ASN F 99 1.18 17.13 13.50
N ILE F 100 2.49 17.36 13.51
CA ILE F 100 3.11 18.14 14.58
C ILE F 100 2.69 19.60 14.51
N ILE F 101 2.49 20.14 13.31
CA ILE F 101 2.12 21.54 13.18
C ILE F 101 0.69 21.76 13.63
N GLN F 102 -0.25 20.98 13.08
CA GLN F 102 -1.65 21.14 13.46
C GLN F 102 -1.89 20.84 14.94
N LYS F 103 -1.04 19.99 15.53
CA LYS F 103 -1.17 19.66 16.94
C LYS F 103 -0.93 20.88 17.82
N LEU F 104 -0.10 21.82 17.35
CA LEU F 104 0.19 23.02 18.11
C LEU F 104 -0.91 24.07 17.97
N LEU F 105 -1.57 24.13 16.83
CA LEU F 105 -2.62 25.12 16.61
C LEU F 105 -3.83 24.89 17.50
N GLN F 106 -4.01 23.67 18.01
CA GLN F 106 -5.17 23.40 18.87
C GLN F 106 -5.08 24.19 20.17
N LYS F 107 -3.91 24.22 20.79
CA LYS F 107 -3.72 24.95 22.03
C LYS F 107 -3.71 26.46 21.79
N SER F 108 -3.20 26.89 20.65
CA SER F 108 -3.11 28.31 20.31
C SER F 108 -4.39 28.85 19.67
N ASP F 109 -5.43 28.02 19.55
CA ASP F 109 -6.71 28.45 18.96
C ASP F 109 -6.53 28.83 17.48
N TYR F 110 -5.65 28.13 16.79
CA TYR F 110 -5.39 28.35 15.37
C TYR F 110 -4.92 29.78 15.10
N ASP F 111 -3.81 30.14 15.73
CA ASP F 111 -3.20 31.46 15.58
C ASP F 111 -1.86 31.30 14.88
N VAL F 112 -1.59 32.19 13.93
CA VAL F 112 -0.35 32.13 13.16
C VAL F 112 0.81 32.70 13.95
N GLN F 113 0.69 33.95 14.38
CA GLN F 113 1.78 34.62 15.09
C GLN F 113 2.05 34.00 16.45
N LYS F 114 1.00 33.72 17.23
CA LYS F 114 1.21 33.15 18.55
C LYS F 114 1.82 31.76 18.47
N ALA F 115 1.37 30.94 17.52
CA ALA F 115 1.92 29.60 17.38
C ALA F 115 3.39 29.65 16.95
N GLN F 116 3.72 30.53 16.00
CA GLN F 116 5.09 30.65 15.49
C GLN F 116 6.12 30.82 16.58
N ARG F 117 5.75 31.43 17.71
CA ARG F 117 6.68 31.61 18.82
C ARG F 117 6.64 30.45 19.81
N GLY F 118 5.84 29.41 19.53
CA GLY F 118 5.75 28.27 20.41
C GLY F 118 6.95 27.35 20.30
N ILE F 119 6.97 26.35 21.18
CA ILE F 119 8.05 25.38 21.26
C ILE F 119 7.45 23.99 21.10
N VAL F 120 8.30 23.06 20.65
CA VAL F 120 7.91 21.68 20.41
C VAL F 120 8.97 20.77 21.00
N TYR F 121 8.53 19.63 21.52
CA TYR F 121 9.39 18.64 22.15
C TYR F 121 9.23 17.29 21.46
N ILE F 122 10.35 16.57 21.35
CA ILE F 122 10.40 15.26 20.70
C ILE F 122 10.99 14.27 21.70
N ASP F 123 10.46 13.05 21.70
CA ASP F 123 10.90 11.98 22.59
C ASP F 123 11.45 10.81 21.77
N GLN F 124 12.42 10.11 22.36
CA GLN F 124 13.07 8.96 21.73
C GLN F 124 13.72 9.34 20.41
N ILE F 125 14.58 10.36 20.45
CA ILE F 125 15.24 10.81 19.24
C ILE F 125 16.29 9.80 18.79
N ASP F 126 16.86 9.03 19.71
CA ASP F 126 17.86 8.04 19.34
C ASP F 126 17.27 6.79 18.70
N LYS F 127 15.95 6.59 18.78
CA LYS F 127 15.34 5.41 18.20
C LYS F 127 15.45 5.35 16.68
N ILE F 128 15.67 6.50 16.02
CA ILE F 128 15.75 6.52 14.56
C ILE F 128 17.18 6.43 14.04
N SER F 129 18.18 6.64 14.90
CA SER F 129 19.57 6.58 14.46
C SER F 129 19.97 5.13 14.22
N ARG F 130 20.95 4.95 13.33
CA ARG F 130 21.46 3.63 12.98
C ARG F 130 22.93 3.71 12.64
N ASP F 140 14.60 2.34 4.16
CA ASP F 140 13.73 2.56 5.30
C ASP F 140 13.26 4.01 5.35
N VAL F 141 11.94 4.20 5.44
CA VAL F 141 11.34 5.53 5.50
C VAL F 141 10.95 5.93 6.92
N SER F 142 10.97 5.00 7.88
CA SER F 142 10.64 5.27 9.26
C SER F 142 11.85 5.18 10.19
N GLY F 143 13.05 4.97 9.65
CA GLY F 143 14.27 4.89 10.42
C GLY F 143 15.15 6.09 10.12
N GLU F 144 16.19 5.89 9.32
CA GLU F 144 17.06 7.00 8.96
C GLU F 144 16.36 8.00 8.06
N GLY F 145 15.28 7.59 7.38
CA GLY F 145 14.52 8.50 6.53
C GLY F 145 13.90 9.66 7.27
N VAL F 146 13.77 9.56 8.59
CA VAL F 146 13.15 10.64 9.36
C VAL F 146 14.14 11.76 9.61
N GLN F 147 15.40 11.43 9.88
CA GLN F 147 16.41 12.46 10.10
C GLN F 147 16.55 13.35 8.88
N GLN F 148 16.61 12.74 7.69
CA GLN F 148 16.75 13.49 6.45
C GLN F 148 15.59 14.46 6.24
N ALA F 149 14.37 14.03 6.60
CA ALA F 149 13.19 14.87 6.41
C ALA F 149 13.19 16.03 7.40
N LEU F 150 13.63 15.79 8.64
CA LEU F 150 13.61 16.82 9.66
C LEU F 150 14.54 17.99 9.33
N LEU F 151 15.66 17.72 8.63
CA LEU F 151 16.65 18.73 8.28
C LEU F 151 16.04 20.05 7.81
N LYS F 152 15.09 19.99 6.88
CA LYS F 152 14.44 21.21 6.41
C LYS F 152 13.49 21.76 7.46
N LEU F 153 12.82 20.89 8.21
CA LEU F 153 11.89 21.33 9.24
C LEU F 153 12.61 22.11 10.33
N ILE F 154 13.81 21.64 10.73
CA ILE F 154 14.59 22.32 11.77
C ILE F 154 15.31 23.56 11.25
N GLU F 155 15.16 23.89 9.97
CA GLU F 155 15.79 25.06 9.36
C GLU F 155 14.79 26.13 8.97
N GLY F 156 13.59 25.72 8.56
CA GLY F 156 12.53 26.65 8.19
C GLY F 156 11.80 26.24 6.93
N THR F 157 10.47 26.20 7.01
CA THR F 157 9.60 25.86 5.89
C THR F 157 8.18 26.22 6.30
N VAL F 158 7.23 25.89 5.43
CA VAL F 158 5.82 26.13 5.68
C VAL F 158 5.06 24.85 5.37
N ALA F 159 4.07 24.53 6.20
CA ALA F 159 3.25 23.34 6.05
C ALA F 159 1.78 23.73 6.01
N ALA F 160 1.03 23.10 5.11
CA ALA F 160 -0.41 23.36 5.01
C ALA F 160 -1.12 22.75 6.22
N VAL F 161 -2.01 23.53 6.83
CA VAL F 161 -2.77 23.09 7.99
C VAL F 161 -4.22 23.54 7.82
N PRO F 162 -5.20 22.66 7.68
CA PRO F 162 -6.60 23.12 7.52
C PRO F 162 -7.08 23.86 8.76
N PRO F 163 -7.41 25.16 8.65
CA PRO F 163 -7.89 25.86 9.85
C PRO F 163 -9.31 25.43 10.20
N GLN F 164 -9.48 24.94 11.42
CA GLN F 164 -10.75 24.46 11.98
C GLN F 164 -11.22 23.15 11.37
N GLY F 165 -10.50 22.57 10.40
CA GLY F 165 -10.89 21.34 9.75
C GLY F 165 -11.77 21.52 8.53
N GLY F 166 -12.43 22.66 8.39
CA GLY F 166 -13.29 22.91 7.26
C GLY F 166 -14.65 22.25 7.38
N GLN F 171 -14.46 26.64 2.60
CA GLN F 171 -13.26 27.46 2.71
C GLN F 171 -12.23 27.05 1.65
N GLN F 172 -11.88 25.77 1.63
CA GLN F 172 -10.93 25.21 0.67
C GLN F 172 -9.62 26.01 0.61
N GLU F 173 -9.16 26.46 1.78
CA GLU F 173 -7.93 27.23 1.90
C GLU F 173 -7.08 26.68 3.04
N PHE F 174 -5.83 27.12 3.09
CA PHE F 174 -4.88 26.71 4.11
C PHE F 174 -4.07 27.91 4.57
N LEU F 175 -3.64 27.86 5.83
CA LEU F 175 -2.83 28.91 6.42
C LEU F 175 -1.37 28.51 6.40
N GLN F 176 -0.50 29.48 6.17
CA GLN F 176 0.95 29.27 6.12
C GLN F 176 1.54 29.62 7.48
N VAL F 177 2.35 28.71 8.02
CA VAL F 177 2.99 28.90 9.31
C VAL F 177 4.46 28.52 9.17
N ASP F 178 5.33 29.54 9.14
CA ASP F 178 6.76 29.32 9.06
C ASP F 178 7.24 28.42 10.19
N THR F 179 8.39 27.78 9.98
CA THR F 179 8.98 26.89 10.98
C THR F 179 10.39 27.36 11.38
N SER F 180 10.71 28.63 11.12
CA SER F 180 11.99 29.19 11.52
C SER F 180 11.90 29.82 12.89
N LYS F 181 10.72 30.31 13.27
CA LYS F 181 10.52 30.91 14.58
C LYS F 181 10.23 29.88 15.66
N ILE F 182 9.72 28.70 15.29
CA ILE F 182 9.39 27.67 16.26
C ILE F 182 10.66 26.92 16.65
N LEU F 183 10.98 26.94 17.94
CA LEU F 183 12.14 26.24 18.46
C LEU F 183 11.81 24.76 18.67
N PHE F 184 12.82 23.91 18.49
CA PHE F 184 12.67 22.47 18.62
C PHE F 184 13.65 21.95 19.66
N ILE F 185 13.18 20.99 20.45
CA ILE F 185 13.97 20.38 21.53
C ILE F 185 13.90 18.86 21.31
N CYS F 186 14.96 18.29 20.75
CA CYS F 186 15.01 16.85 20.47
C CYS F 186 15.46 16.11 21.73
N GLY F 187 14.50 15.52 22.44
CA GLY F 187 14.79 14.75 23.62
C GLY F 187 14.96 13.27 23.34
N GLY F 188 15.69 12.60 24.22
CA GLY F 188 15.92 11.17 24.06
C GLY F 188 16.94 10.67 25.04
N ALA F 189 17.28 9.38 24.90
CA ALA F 189 18.23 8.71 25.77
C ALA F 189 19.11 7.81 24.91
N PHE F 190 20.38 8.19 24.77
CA PHE F 190 21.32 7.42 23.96
C PHE F 190 21.79 6.19 24.75
N ALA F 191 21.81 5.04 24.10
CA ALA F 191 22.22 3.78 24.69
C ALA F 191 23.56 3.36 24.11
N GLY F 192 24.51 3.01 24.98
CA GLY F 192 25.82 2.57 24.56
C GLY F 192 26.74 3.70 24.13
N LEU F 193 26.32 4.96 24.27
CA LEU F 193 27.17 6.08 23.88
C LEU F 193 28.40 6.19 24.78
N ASP F 194 28.31 5.71 26.02
CA ASP F 194 29.44 5.83 26.95
C ASP F 194 30.65 5.06 26.45
N LYS F 195 30.43 3.90 25.82
CA LYS F 195 31.56 3.12 25.31
C LYS F 195 32.26 3.83 24.16
N VAL F 196 31.52 4.57 23.34
CA VAL F 196 32.10 5.26 22.20
C VAL F 196 33.04 6.37 22.66
N ILE F 197 32.62 7.15 23.67
CA ILE F 197 33.42 8.27 24.13
C ILE F 197 34.61 7.81 24.98
N SER F 198 34.47 6.68 25.68
CA SER F 198 35.55 6.20 26.54
C SER F 198 36.81 5.91 25.74
N HIS F 199 36.68 5.12 24.67
CA HIS F 199 37.84 4.78 23.85
C HIS F 199 38.40 5.99 23.11
N ARG F 200 37.56 6.96 22.78
CA ARG F 200 38.02 8.12 22.02
C ARG F 200 38.71 9.18 22.87
N VAL F 201 38.16 9.50 24.05
CA VAL F 201 38.66 10.58 24.89
C VAL F 201 39.37 10.09 26.14
N GLU F 202 38.68 9.33 26.98
CA GLU F 202 39.27 8.96 28.26
C GLU F 202 40.35 7.90 28.12
N THR F 203 40.01 6.71 27.62
CA THR F 203 41.02 5.67 27.47
C THR F 203 40.43 4.50 26.71
N GLY F 204 41.29 3.82 25.95
CA GLY F 204 40.89 2.61 25.25
C GLY F 204 41.15 1.46 26.19
N SER F 205 40.10 0.87 26.76
CA SER F 205 40.28 -0.19 27.73
C SER F 205 38.96 -0.92 27.91
N GLY F 206 38.92 -1.85 28.88
CA GLY F 206 37.74 -2.63 29.18
C GLY F 206 37.91 -4.13 28.96
N ILE F 207 38.91 -4.54 28.18
CA ILE F 207 39.13 -5.96 27.89
C ILE F 207 40.47 -6.48 28.40
N GLY F 208 41.48 -5.64 28.61
CA GLY F 208 42.77 -6.11 29.06
C GLY F 208 42.88 -6.24 30.57
N PHE F 209 44.02 -6.78 31.01
CA PHE F 209 44.25 -6.98 32.44
C PHE F 209 44.51 -5.64 33.12
N GLY F 210 45.57 -4.94 32.71
CA GLY F 210 45.86 -3.64 33.27
C GLY F 210 44.82 -2.61 32.91
N ALA F 211 44.20 -2.77 31.74
CA ALA F 211 43.19 -1.83 31.27
C ALA F 211 42.00 -1.78 32.22
N THR F 212 41.51 -0.55 32.44
CA THR F 212 40.36 -0.34 33.31
C THR F 212 39.11 -1.01 32.75
N VAL F 213 38.46 -1.82 33.58
CA VAL F 213 37.24 -2.52 33.17
C VAL F 213 36.17 -1.52 32.77
N SER F 221 30.40 7.75 37.92
CA SER F 221 29.16 7.59 37.18
C SER F 221 29.34 8.01 35.72
N GLU F 222 28.48 7.49 34.84
CA GLU F 222 28.56 7.83 33.43
C GLU F 222 28.35 9.32 33.19
N GLY F 223 27.63 10.01 34.08
CA GLY F 223 27.36 11.43 33.99
C GLY F 223 28.54 12.30 33.63
N GLU F 224 29.65 12.12 34.34
CA GLU F 224 30.85 12.91 34.09
C GLU F 224 31.32 12.76 32.64
N LEU F 225 31.17 11.57 32.06
CA LEU F 225 31.60 11.35 30.69
C LEU F 225 30.72 12.11 29.71
N LEU F 226 29.41 12.17 29.98
CA LEU F 226 28.50 12.86 29.07
C LEU F 226 28.81 14.34 28.96
N ALA F 227 29.40 14.92 30.00
CA ALA F 227 29.75 16.34 29.94
C ALA F 227 30.80 16.61 28.87
N GLN F 228 31.69 15.65 28.65
CA GLN F 228 32.75 15.74 27.65
C GLN F 228 32.28 15.25 26.27
N VAL F 229 30.97 15.19 26.04
CA VAL F 229 30.47 14.72 24.76
C VAL F 229 30.71 15.75 23.67
N GLU F 230 30.91 15.27 22.45
CA GLU F 230 31.15 16.09 21.28
C GLU F 230 30.37 15.52 20.11
N PRO F 231 30.17 16.29 19.04
CA PRO F 231 29.41 15.76 17.89
C PRO F 231 30.10 14.63 17.16
N GLU F 232 31.43 14.54 17.22
CA GLU F 232 32.13 13.47 16.50
C GLU F 232 31.72 12.09 17.02
N ASP F 233 31.47 11.97 18.32
CA ASP F 233 31.05 10.69 18.87
C ASP F 233 29.65 10.33 18.39
N LEU F 234 28.79 11.33 18.20
CA LEU F 234 27.43 11.07 17.73
C LEU F 234 27.42 10.50 16.33
N ILE F 235 28.46 10.75 15.53
CA ILE F 235 28.50 10.21 14.17
C ILE F 235 28.66 8.71 14.23
N LYS F 236 29.55 8.22 15.09
CA LYS F 236 29.72 6.78 15.22
C LYS F 236 28.48 6.12 15.81
N PHE F 237 27.71 6.87 16.59
CA PHE F 237 26.49 6.34 17.17
C PHE F 237 25.48 5.98 16.09
N GLY F 238 25.44 6.76 15.01
CA GLY F 238 24.51 6.51 13.93
C GLY F 238 23.90 7.78 13.33
N LEU F 239 23.97 8.88 14.07
CA LEU F 239 23.37 10.12 13.61
C LEU F 239 24.09 10.67 12.37
N ILE F 240 23.40 11.57 11.69
CA ILE F 240 23.88 12.22 10.48
C ILE F 240 24.57 13.53 10.88
N PRO F 241 25.72 13.89 10.31
CA PRO F 241 26.33 15.18 10.72
C PRO F 241 25.47 16.37 10.34
N GLU F 242 24.79 16.29 9.19
CA GLU F 242 23.91 17.38 8.78
C GLU F 242 22.79 17.58 9.80
N PHE F 243 22.35 16.49 10.43
CA PHE F 243 21.29 16.58 11.43
C PHE F 243 21.80 17.20 12.72
N ILE F 244 23.04 16.89 13.09
CA ILE F 244 23.61 17.39 14.34
C ILE F 244 24.04 18.84 14.22
N GLY F 245 24.37 19.30 13.01
CA GLY F 245 24.80 20.68 12.85
C GLY F 245 23.72 21.70 13.21
N ARG F 246 22.46 21.35 13.02
CA ARG F 246 21.37 22.26 13.32
C ARG F 246 21.13 22.44 14.81
N LEU F 247 21.69 21.57 15.67
CA LEU F 247 21.50 21.63 17.12
C LEU F 247 22.85 21.83 17.80
N PRO F 248 23.40 23.04 17.76
CA PRO F 248 24.70 23.27 18.43
C PRO F 248 24.58 23.19 19.94
N VAL F 249 23.45 23.59 20.50
CA VAL F 249 23.26 23.54 21.95
C VAL F 249 23.18 22.09 22.40
N VAL F 250 23.79 21.80 23.55
CA VAL F 250 23.82 20.46 24.12
C VAL F 250 23.50 20.55 25.61
N ALA F 251 22.68 19.62 26.09
CA ALA F 251 22.25 19.55 27.47
C ALA F 251 22.57 18.15 27.98
N THR F 252 23.02 18.07 29.24
CA THR F 252 23.45 16.82 29.85
C THR F 252 22.68 16.55 31.15
N LEU F 253 21.55 15.86 31.01
CA LEU F 253 20.73 15.46 32.16
C LEU F 253 21.21 14.06 32.52
N ASN F 254 22.37 14.03 33.17
CA ASN F 254 23.06 12.78 33.48
C ASN F 254 22.22 11.82 34.33
N GLU F 255 21.86 12.23 35.55
CA GLU F 255 21.15 11.33 36.44
C GLU F 255 20.44 12.12 37.54
N LEU F 256 19.62 11.40 38.30
CA LEU F 256 18.87 11.93 39.42
C LEU F 256 19.29 11.18 40.68
N SER F 257 19.61 11.92 41.73
CA SER F 257 20.07 11.32 42.98
C SER F 257 18.92 10.73 43.77
N GLU F 258 19.27 9.81 44.67
CA GLU F 258 18.27 9.16 45.52
C GLU F 258 17.58 10.19 46.40
N GLU F 259 18.35 11.10 47.00
CA GLU F 259 17.76 12.15 47.83
C GLU F 259 16.88 13.05 46.99
N ALA F 260 17.29 13.31 45.75
CA ALA F 260 16.49 14.15 44.85
C ALA F 260 15.09 13.57 44.67
N LEU F 261 15.00 12.24 44.56
CA LEU F 261 13.70 11.59 44.43
C LEU F 261 12.83 11.92 45.64
N ILE F 262 13.41 11.88 46.83
CA ILE F 262 12.68 12.27 48.04
C ILE F 262 12.30 13.73 47.94
N GLN F 263 13.23 14.56 47.48
CA GLN F 263 12.94 15.99 47.31
C GLN F 263 11.88 16.18 46.24
N ILE F 264 11.91 15.35 45.19
CA ILE F 264 10.91 15.43 44.12
C ILE F 264 9.52 15.26 44.68
N LEU F 265 9.37 14.42 45.70
CA LEU F 265 8.08 14.22 46.34
C LEU F 265 7.80 15.20 47.46
N LYS F 266 8.77 16.04 47.85
CA LYS F 266 8.59 17.00 48.93
C LYS F 266 8.73 18.45 48.49
N GLU F 267 9.77 18.79 47.72
CA GLU F 267 9.97 20.18 47.33
C GLU F 267 8.91 20.68 46.34
N PRO F 268 8.60 19.97 45.25
CA PRO F 268 7.57 20.47 44.34
C PRO F 268 6.20 20.50 45.01
N LYS F 269 5.47 21.60 44.77
CA LYS F 269 4.13 21.73 45.35
C LYS F 269 3.17 20.73 44.75
N ASN F 270 3.42 20.27 43.52
CA ASN F 270 2.55 19.30 42.87
C ASN F 270 3.03 17.87 43.07
N ALA F 271 3.77 17.60 44.15
CA ALA F 271 4.24 16.26 44.42
C ALA F 271 3.07 15.34 44.71
N LEU F 272 3.25 14.06 44.39
CA LEU F 272 2.19 13.08 44.63
C LEU F 272 1.93 12.91 46.12
N THR F 273 2.97 13.04 46.95
CA THR F 273 2.78 12.94 48.39
C THR F 273 1.84 14.03 48.87
N LYS F 274 1.96 15.23 48.29
CA LYS F 274 1.06 16.32 48.66
C LYS F 274 -0.30 16.15 48.03
N GLN F 275 -0.40 15.44 46.91
CA GLN F 275 -1.69 15.21 46.28
C GLN F 275 -2.55 14.31 47.15
N TYR F 276 -1.99 13.19 47.60
CA TYR F 276 -2.74 12.30 48.48
C TYR F 276 -3.04 12.98 49.80
N GLN F 277 -2.10 13.80 50.29
CA GLN F 277 -2.34 14.55 51.52
C GLN F 277 -3.52 15.49 51.32
N ALA F 278 -3.60 16.14 50.16
CA ALA F 278 -4.71 17.03 49.88
C ALA F 278 -5.98 16.26 49.56
N LEU F 279 -5.83 15.03 49.05
CA LEU F 279 -6.99 14.21 48.76
C LEU F 279 -7.77 13.90 50.03
N PHE F 280 -7.06 13.58 51.11
CA PHE F 280 -7.71 13.26 52.38
C PHE F 280 -7.99 14.47 53.25
N ASN F 281 -7.48 15.66 52.90
CA ASN F 281 -7.80 16.85 53.71
C ASN F 281 -9.29 17.14 53.65
N LEU F 282 -9.87 17.08 52.46
CA LEU F 282 -11.30 17.30 52.33
C LEU F 282 -12.08 16.18 53.00
N GLU F 283 -11.50 14.98 53.02
CA GLU F 283 -12.12 13.85 53.69
C GLU F 283 -12.07 14.00 55.21
N GLY F 284 -11.22 14.88 55.73
CA GLY F 284 -11.09 15.07 57.15
C GLY F 284 -10.18 14.07 57.82
N VAL F 285 -9.14 13.61 57.11
CA VAL F 285 -8.18 12.65 57.64
C VAL F 285 -6.78 13.13 57.31
N ASP F 286 -5.85 12.87 58.22
CA ASP F 286 -4.46 13.27 58.07
C ASP F 286 -3.66 12.16 57.40
N LEU F 287 -2.62 12.56 56.67
CA LEU F 287 -1.73 11.64 55.97
C LEU F 287 -0.29 11.95 56.36
N GLU F 288 0.56 10.92 56.32
CA GLU F 288 1.96 11.07 56.68
C GLU F 288 2.82 10.17 55.81
N PHE F 289 4.07 10.58 55.60
CA PHE F 289 5.02 9.82 54.79
C PHE F 289 6.40 10.01 55.42
N ARG F 290 6.86 8.99 56.13
CA ARG F 290 8.15 9.04 56.80
C ARG F 290 9.28 8.87 55.79
N ASP F 291 10.45 9.39 56.17
CA ASP F 291 11.62 9.31 55.29
C ASP F 291 12.10 7.88 55.12
N GLU F 292 11.87 7.02 56.11
CA GLU F 292 12.30 5.63 55.99
C GLU F 292 11.47 4.85 54.96
N ALA F 293 10.32 5.40 54.55
CA ALA F 293 9.47 4.77 53.54
C ALA F 293 9.76 5.28 52.13
N LEU F 294 10.24 6.53 52.02
CA LEU F 294 10.51 7.13 50.72
C LEU F 294 11.77 6.56 50.09
N ASP F 295 12.79 6.24 50.89
CA ASP F 295 14.03 5.69 50.33
C ASP F 295 13.77 4.36 49.63
N ALA F 296 12.81 3.58 50.12
CA ALA F 296 12.49 2.31 49.49
C ALA F 296 11.94 2.54 48.09
N ILE F 297 11.18 3.62 47.88
CA ILE F 297 10.62 3.92 46.57
C ILE F 297 11.74 4.18 45.57
N ALA F 298 12.85 4.76 46.04
CA ALA F 298 13.98 5.03 45.14
C ALA F 298 14.57 3.73 44.61
N LYS F 299 14.65 2.70 45.47
CA LYS F 299 15.20 1.43 45.04
C LYS F 299 14.30 0.77 44.00
N LYS F 300 12.98 0.80 44.22
CA LYS F 300 12.06 0.21 43.25
C LYS F 300 12.09 0.98 41.94
N ALA F 301 12.28 2.30 42.00
CA ALA F 301 12.34 3.10 40.79
C ALA F 301 13.59 2.76 39.99
N MET F 302 14.75 2.73 40.65
CA MET F 302 15.98 2.39 39.96
C MET F 302 15.99 0.94 39.51
N ALA F 303 15.32 0.06 40.25
CA ALA F 303 15.26 -1.34 39.86
C ALA F 303 14.51 -1.50 38.55
N ARG F 304 13.53 -0.65 38.29
CA ARG F 304 12.78 -0.68 37.04
C ARG F 304 13.49 0.06 35.91
N LYS F 305 14.53 0.83 36.22
CA LYS F 305 15.30 1.60 35.23
C LYS F 305 14.38 2.45 34.36
N THR F 306 13.40 3.10 35.01
CA THR F 306 12.44 3.96 34.35
C THR F 306 12.43 5.39 34.86
N GLY F 307 13.00 5.65 36.03
CA GLY F 307 13.04 6.99 36.57
C GLY F 307 11.76 7.38 37.30
N ALA F 308 11.41 8.66 37.17
CA ALA F 308 10.23 9.20 37.84
C ALA F 308 8.91 8.79 37.19
N ARG F 309 8.94 8.34 35.93
CA ARG F 309 7.69 7.96 35.27
C ARG F 309 7.05 6.74 35.93
N GLY F 310 7.86 5.80 36.39
CA GLY F 310 7.36 4.60 37.04
C GLY F 310 7.22 4.75 38.53
N LEU F 311 6.71 5.90 38.98
CA LEU F 311 6.55 6.18 40.40
C LEU F 311 5.13 5.95 40.90
N ARG F 312 4.11 6.34 40.13
CA ARG F 312 2.73 6.16 40.57
C ARG F 312 2.39 4.69 40.74
N SER F 313 3.00 3.81 39.95
CA SER F 313 2.73 2.38 40.09
C SER F 313 3.12 1.88 41.47
N ILE F 314 4.18 2.43 42.05
CA ILE F 314 4.62 1.98 43.37
C ILE F 314 3.72 2.55 44.45
N VAL F 315 3.26 3.79 44.28
CA VAL F 315 2.41 4.43 45.27
C VAL F 315 0.98 3.91 45.16
N GLU F 316 0.40 3.96 43.95
CA GLU F 316 -0.98 3.54 43.77
C GLU F 316 -1.17 2.07 44.10
N ALA F 317 -0.16 1.23 43.84
CA ALA F 317 -0.29 -0.18 44.18
C ALA F 317 -0.27 -0.41 45.68
N ALA F 318 0.41 0.47 46.41
CA ALA F 318 0.49 0.36 47.86
C ALA F 318 -0.77 0.88 48.52
N LEU F 319 -1.15 2.12 48.21
CA LEU F 319 -2.33 2.74 48.80
C LEU F 319 -3.65 2.22 48.25
N LEU F 320 -3.64 1.26 47.33
CA LEU F 320 -4.90 0.73 46.80
C LEU F 320 -5.69 0.06 47.92
N ASP F 321 -5.01 -0.71 48.77
CA ASP F 321 -5.70 -1.39 49.86
C ASP F 321 -6.24 -0.38 50.86
N THR F 322 -5.42 0.62 51.22
CA THR F 322 -5.85 1.62 52.19
C THR F 322 -7.01 2.44 51.67
N MET F 323 -6.94 2.88 50.41
CA MET F 323 -8.02 3.69 49.85
C MET F 323 -9.29 2.89 49.70
N TYR F 324 -9.19 1.59 49.43
CA TYR F 324 -10.38 0.76 49.24
C TYR F 324 -11.23 0.70 50.50
N ASP F 325 -10.61 0.55 51.67
CA ASP F 325 -11.34 0.42 52.93
C ASP F 325 -11.34 1.69 53.78
N LEU F 326 -10.70 2.77 53.34
CA LEU F 326 -10.69 3.99 54.16
C LEU F 326 -12.08 4.60 54.33
N PRO F 327 -12.91 4.76 53.29
CA PRO F 327 -14.25 5.33 53.55
C PRO F 327 -15.09 4.46 54.45
N SER F 328 -15.01 3.14 54.30
CA SER F 328 -15.75 2.23 55.16
C SER F 328 -15.34 2.40 56.61
N MET F 329 -14.05 2.59 56.86
CA MET F 329 -13.55 2.77 58.21
C MET F 329 -13.94 4.13 58.75
N GLU F 330 -14.26 4.17 60.05
CA GLU F 330 -14.67 5.38 60.73
C GLU F 330 -13.77 5.63 61.94
N ASP F 331 -13.79 6.88 62.40
CA ASP F 331 -13.02 7.31 63.57
C ASP F 331 -11.52 7.14 63.35
N VAL F 332 -11.06 7.44 62.14
CA VAL F 332 -9.65 7.38 61.78
C VAL F 332 -9.25 8.78 61.36
N GLU F 333 -8.35 9.40 62.12
CA GLU F 333 -7.91 10.77 61.85
C GLU F 333 -6.54 10.87 61.20
N LYS F 334 -5.67 9.88 61.36
CA LYS F 334 -4.33 9.93 60.78
C LYS F 334 -3.92 8.54 60.32
N VAL F 335 -3.04 8.51 59.32
CA VAL F 335 -2.52 7.28 58.73
C VAL F 335 -1.02 7.43 58.57
N VAL F 336 -0.28 6.35 58.88
CA VAL F 336 1.17 6.32 58.79
C VAL F 336 1.59 5.16 57.90
N ILE F 337 2.53 5.43 57.00
CA ILE F 337 3.05 4.44 56.06
C ILE F 337 4.51 4.17 56.41
N ASP F 338 4.83 2.90 56.67
CA ASP F 338 6.18 2.48 57.03
C ASP F 338 6.89 1.88 55.83
N GLU F 339 8.18 1.60 56.00
CA GLU F 339 8.96 1.01 54.92
C GLU F 339 8.43 -0.37 54.53
N SER F 340 8.01 -1.15 55.53
CA SER F 340 7.46 -2.48 55.25
C SER F 340 6.21 -2.41 54.38
N VAL F 341 5.43 -1.34 54.53
CA VAL F 341 4.19 -1.19 53.76
C VAL F 341 4.48 -1.20 52.27
N ILE F 342 5.59 -0.60 51.85
CA ILE F 342 5.93 -0.55 50.43
C ILE F 342 6.15 -1.97 49.90
N ASP F 343 6.81 -2.81 50.69
CA ASP F 343 7.02 -4.20 50.27
C ASP F 343 5.70 -4.95 50.22
N GLY F 344 4.76 -4.61 51.10
CA GLY F 344 3.48 -5.26 51.19
C GLY F 344 3.39 -6.33 52.26
N GLN F 345 4.49 -6.62 52.94
CA GLN F 345 4.47 -7.62 54.00
C GLN F 345 3.64 -7.17 55.19
N SER F 346 3.68 -5.88 55.52
CA SER F 346 2.97 -5.31 56.66
C SER F 346 1.82 -4.42 56.19
N GLU F 347 0.99 -4.04 57.16
CA GLU F 347 -0.18 -3.19 56.98
C GLU F 347 0.10 -1.79 57.50
N PRO F 348 -0.30 -0.73 56.79
CA PRO F 348 -0.03 0.63 57.29
C PRO F 348 -0.71 0.90 58.62
N LEU F 349 0.08 1.39 59.58
CA LEU F 349 -0.43 1.73 60.90
C LEU F 349 -1.54 2.76 60.80
N LEU F 350 -2.57 2.60 61.64
CA LEU F 350 -3.72 3.47 61.68
C LEU F 350 -3.80 4.18 63.02
N ILE F 351 -4.42 5.35 63.02
CA ILE F 351 -4.58 6.18 64.20
C ILE F 351 -6.06 6.48 64.38
N TYR F 352 -6.56 6.29 65.59
CA TYR F 352 -7.97 6.54 65.92
C TYR F 352 -8.11 7.81 66.73
N UNK G 1 11.02 -1.83 0.25
CA UNK G 1 10.83 -3.21 -0.31
C UNK G 1 9.45 -3.74 0.05
N UNK G 2 8.42 -2.96 -0.28
CA UNK G 2 7.05 -3.33 -0.01
C UNK G 2 6.08 -2.47 -0.80
N UNK G 3 5.10 -3.09 -1.43
CA UNK G 3 4.13 -2.35 -2.23
C UNK G 3 3.18 -1.57 -1.30
N UNK G 4 2.23 -0.87 -1.91
CA UNK G 4 1.26 -0.07 -1.15
C UNK G 4 -0.05 -0.02 -1.90
N UNK G 5 -1.04 -0.77 -1.42
CA UNK G 5 -2.35 -0.78 -2.04
C UNK G 5 -3.12 0.47 -1.64
N UNK G 6 -4.00 0.91 -2.53
CA UNK G 6 -4.79 2.10 -2.27
C UNK G 6 -5.94 1.78 -1.32
N UNK G 7 -6.72 2.80 -0.98
CA UNK G 7 -7.86 2.64 -0.08
C UNK G 7 -8.88 3.72 -0.40
N UNK G 8 -9.97 3.35 -1.05
CA UNK G 8 -11.00 4.31 -1.40
C UNK G 8 -11.87 4.63 -0.20
N UNK G 9 -12.16 5.92 -0.03
CA UNK G 9 -12.98 6.43 1.06
C UNK G 9 -14.23 7.08 0.50
N UNK G 10 -15.37 6.81 1.13
CA UNK G 10 -16.63 7.39 0.69
C UNK G 10 -16.58 8.91 0.83
N UNK G 11 -17.20 9.60 -0.13
CA UNK G 11 -17.21 11.06 -0.11
C UNK G 11 -17.90 11.59 1.14
N UNK G 12 -19.09 11.08 1.44
CA UNK G 12 -19.84 11.53 2.61
C UNK G 12 -21.04 10.62 2.85
PG AGS H . -14.99 -8.60 25.02
S1G AGS H . -16.36 -7.74 23.95
O2G AGS H . -13.87 -9.13 24.09
O3G AGS H . -14.40 -7.57 26.03
PB AGS H . -15.28 -9.97 27.36
O1B AGS H . -13.96 -10.60 27.53
O2B AGS H . -15.37 -8.56 27.96
O3B AGS H . -15.61 -9.78 25.82
PA AGS H . -17.83 -10.15 28.27
O1A AGS H . -18.37 -9.71 26.96
O2A AGS H . -17.68 -9.03 29.30
O3A AGS H . -16.41 -10.81 28.07
O5' AGS H . -18.75 -11.32 28.78
C5' AGS H . -19.49 -12.11 27.83
C4' AGS H . -20.15 -13.26 28.55
O4' AGS H . -19.13 -14.13 29.09
C3' AGS H . -21.02 -12.87 29.73
O3' AGS H . -22.35 -12.61 29.31
C2' AGS H . -20.94 -14.12 30.62
O2' AGS H . -21.84 -15.13 30.21
C1' AGS H . -19.49 -14.56 30.40
N9 AGS H . -18.52 -14.01 31.34
C8 AGS H . -17.41 -13.25 31.05
N7 AGS H . -16.72 -12.89 32.09
C5 AGS H . -17.42 -13.45 33.16
C6 AGS H . -17.20 -13.43 34.55
N6 AGS H . -16.18 -12.81 35.12
N1 AGS H . -18.09 -14.09 35.33
C2 AGS H . -19.12 -14.71 34.75
N3 AGS H . -19.43 -14.79 33.46
C4 AGS H . -18.53 -14.14 32.70
H5'1 AGS H . -18.88 -12.45 27.16
H5'2 AGS H . -20.17 -11.55 27.42
H4' AGS H . -20.68 -13.76 27.91
H3' AGS H . -20.65 -12.11 30.20
HO3' AGS H . -22.34 -12.36 28.47
H2' AGS H . -21.08 -13.87 31.55
HO2' AGS H . -21.48 -15.60 29.55
H1' AGS H . -19.45 -15.53 30.42
H8 AGS H . -17.18 -13.02 30.14
HN61 AGS H . -15.49 -12.50 34.62
HN62 AGS H . -16.16 -12.70 36.02
H2 AGS H . -19.73 -15.17 35.35
PG AGS I . -18.20 -23.93 -1.57
S1G AGS I . -16.47 -23.76 -2.45
O2G AGS I . -18.08 -23.51 -0.09
O3G AGS I . -19.23 -23.01 -2.28
PB AGS I . -19.97 -25.84 -0.87
O1B AGS I . -19.62 -26.45 0.43
O2B AGS I . -20.84 -24.59 -0.76
O3B AGS I . -18.68 -25.40 -1.66
PA AGS I . -22.14 -26.29 -2.39
O1A AGS I . -21.84 -25.06 -3.12
O2A AGS I . -23.16 -26.17 -1.26
O3A AGS I . -20.82 -26.86 -1.74
O5' AGS I . -22.57 -27.38 -3.45
C5' AGS I . -22.56 -27.04 -4.84
C4' AGS I . -23.14 -28.18 -5.62
O4' AGS I . -22.46 -29.41 -5.27
C3' AGS I . -24.61 -28.46 -5.36
O3' AGS I . -25.45 -27.62 -6.14
C2' AGS I . -24.73 -29.93 -5.74
O2' AGS I . -24.92 -30.11 -7.14
C1' AGS I . -23.37 -30.49 -5.31
N9 AGS I . -23.37 -31.12 -4.00
C8 AGS I . -22.56 -30.82 -2.94
N7 AGS I . -22.77 -31.56 -1.88
C5 AGS I . -23.80 -32.42 -2.26
C6 AGS I . -24.48 -33.44 -1.59
N6 AGS I . -24.22 -33.81 -0.33
N1 AGS I . -25.44 -34.10 -2.27
C2 AGS I . -25.70 -33.74 -3.54
N3 AGS I . -25.12 -32.79 -4.27
C4 AGS I . -24.17 -32.15 -3.58
H5'1 AGS I . -21.65 -26.87 -5.13
H5'2 AGS I . -23.10 -26.25 -4.98
H4' AGS I . -23.02 -28.01 -6.58
H3' AGS I . -24.80 -28.34 -4.41
HO3' AGS I . -25.10 -27.55 -6.96
H2' AGS I . -25.46 -30.35 -5.25
HO2' AGS I . -24.13 -30.05 -7.55
H1' AGS I . -23.08 -31.13 -5.97
H8 AGS I . -21.89 -30.13 -2.97
HN61 AGS I . -23.81 -33.22 0.23
HN62 AGS I . -24.46 -34.64 -0.04
H2 AGS I . -26.41 -34.24 -3.98
PG AGS J . -4.92 -13.37 -26.23
S1G AGS J . -3.22 -14.10 -25.62
O2G AGS J . -6.10 -14.16 -25.59
O3G AGS J . -5.05 -11.88 -25.82
PB AGS J . -5.95 -14.64 -28.38
O1B AGS J . -5.52 -15.98 -27.92
O2B AGS J . -7.37 -14.29 -27.94
O3B AGS J . -5.02 -13.51 -27.78
PA AGS J . -7.09 -13.65 -30.61
O1A AGS J . -7.06 -12.31 -30.00
O2A AGS J . -8.40 -14.42 -30.44
O3A AGS J . -5.96 -14.55 -29.96
O5' AGS J . -6.68 -13.50 -32.12
C5' AGS J . -6.38 -12.19 -32.64
C4' AGS J . -6.25 -12.26 -34.13
O4' AGS J . -5.59 -13.48 -34.52
C3' AGS J . -7.56 -12.27 -34.90
O3' AGS J . -8.07 -10.96 -35.08
C2' AGS J . -7.17 -12.93 -36.22
O2' AGS J . -6.63 -11.99 -37.13
C1' AGS J . -6.09 -13.92 -35.77
N9 AGS J . -6.55 -15.30 -35.60
C8 AGS J . -6.40 -16.09 -34.49
N7 AGS J . -6.90 -17.28 -34.60
C5 AGS J . -7.45 -17.29 -35.88
C6 AGS J . -8.14 -18.27 -36.61
N6 AGS J . -8.42 -19.48 -36.15
N1 AGS J . -8.54 -17.94 -37.86
C2 AGS J . -8.27 -16.73 -38.33
N3 AGS J . -7.62 -15.73 -37.73
C4 AGS J . -7.23 -16.06 -36.50
H5'1 AGS J . -5.55 -11.88 -32.24
H5'2 AGS J . -7.10 -11.59 -32.41
H4' AGS J . -5.73 -11.50 -34.44
H3' AGS J . -8.21 -12.83 -34.42
HO3' AGS J . -7.41 -10.44 -35.39
H2' AGS J . -7.93 -13.38 -36.61
HO2' AGS J . -5.77 -11.85 -36.95
H1' AGS J . -5.37 -13.92 -36.41
H8 AGS J . -5.94 -15.78 -33.69
HN61 AGS J . -8.48 -19.62 -35.25
HN62 AGS J . -8.54 -20.17 -36.72
H2 AGS J . -8.58 -16.54 -39.24
PG AGS K . 15.20 9.08 -24.56
S1G AGS K . 16.27 8.83 -22.97
O2G AGS K . 14.63 7.72 -25.03
O3G AGS K . 14.02 10.05 -24.26
PB AGS K . 15.45 9.74 -27.15
O1B AGS K . 15.79 8.50 -27.90
O2B AGS K . 13.95 9.94 -26.95
O3B AGS K . 16.06 9.69 -25.71
PA AGS K . 15.05 12.31 -27.82
O1A AGS K . 14.59 12.50 -26.43
O2A AGS K . 13.93 12.14 -28.86
O3A AGS K . 15.95 11.02 -27.92
O5' AGS K . 15.99 13.52 -28.19
C5' AGS K . 16.19 14.56 -27.22
C4' AGS K . 16.90 15.71 -27.87
O4' AGS K . 18.02 15.24 -28.64
C3' AGS K . 16.06 16.52 -28.84
O3' AGS K . 15.26 17.48 -28.17
C2' AGS K . 17.14 17.17 -29.71
O2' AGS K . 17.67 18.35 -29.13
C1' AGS K . 18.21 16.07 -29.77
N9 AGS K . 18.17 15.24 -30.97
C8 AGS K . 18.11 13.87 -31.01
N7 AGS K . 18.08 13.38 -32.23
C5 AGS K . 18.13 14.50 -33.04
C6 AGS K . 18.13 14.66 -34.43
N6 AGS K . 18.08 13.64 -35.30
N1 AGS K . 18.18 15.92 -34.92
C2 AGS K . 18.23 16.94 -34.06
N3 AGS K . 18.23 16.91 -32.74
C4 AGS K . 18.19 15.65 -32.28
H5'1 AGS K . 16.71 14.22 -26.48
H5'2 AGS K . 15.32 14.86 -26.89
H4' AGS K . 17.23 16.31 -27.17
H3' AGS K . 15.52 15.93 -29.38
HO3' AGS K . 14.75 17.06 -27.57
H2' AGS K . 16.78 17.37 -30.59
HO2' AGS K . 18.31 18.14 -28.55
H1' AGS K . 19.09 16.49 -29.71
H8 AGS K . 18.09 13.32 -30.22
HN61 AGS K . 17.62 12.90 -35.08
HN62 AGS K . 18.52 13.70 -36.10
H2 AGS K . 18.27 17.82 -34.47
PG AGS L . 24.98 18.91 2.20
S1G AGS L . 25.86 17.69 0.98
O2G AGS L . 23.84 19.66 1.46
O3G AGS L . 24.36 18.11 3.40
PB AGS L . 26.50 21.12 1.83
O1B AGS L . 27.78 20.78 1.16
O2B AGS L . 25.34 21.40 0.86
O3B AGS L . 26.01 19.94 2.75
PA AGS L . 25.37 23.33 2.88
O1A AGS L . 24.27 22.53 3.44
O2A AGS L . 25.08 23.95 1.52
O3A AGS L . 26.65 22.42 2.69
O5' AGS L . 25.80 24.40 3.95
C5' AGS L . 25.51 24.20 5.35
C4' AGS L . 26.07 25.36 6.12
O4' AGS L . 27.49 25.41 5.96
C3' AGS L . 25.58 26.73 5.68
O3' AGS L . 24.34 27.07 6.31
C2' AGS L . 26.70 27.65 6.14
O2' AGS L . 26.56 28.03 7.50
C1' AGS L . 27.94 26.76 5.96
N9 AGS L . 28.68 27.00 4.72
C8 AGS L . 29.03 26.05 3.78
N7 AGS L . 29.70 26.54 2.77
C5 AGS L . 29.81 27.89 3.07
C6 AGS L . 30.42 28.96 2.38
N6 AGS L . 31.05 28.83 1.21
N1 AGS L . 30.34 30.19 2.94
C2 AGS L . 29.70 30.32 4.11
N3 AGS L . 29.10 29.39 4.84
C4 AGS L . 29.19 28.18 4.27
H5'1 AGS L . 25.91 23.37 5.65
H5'2 AGS L . 24.53 24.16 5.47
H4' AGS L . 25.86 25.24 7.07
H3' AGS L . 25.49 26.76 4.71
HO3' AGS L . 24.47 27.75 6.87
H2' AGS L . 26.74 28.44 5.57
HO2' AGS L . 26.33 27.33 7.98
H1' AGS L . 28.54 26.89 6.71
H8 AGS L . 28.80 25.12 3.86
HN61 AGS L . 30.90 28.09 0.70
HN62 AGS L . 31.63 29.47 0.94
H2 AGS L . 29.68 31.22 4.47
PB ADP M . 10.87 10.73 29.78
O1B ADP M . 11.86 11.88 29.71
O2B ADP M . 9.73 10.84 28.78
O3B ADP M . 11.49 9.37 29.87
PA ADP M . 9.34 12.30 31.47
O1A ADP M . 10.33 13.43 31.49
O2A ADP M . 8.18 12.35 30.50
O3A ADP M . 10.15 10.94 31.20
O5' ADP M . 8.74 12.12 32.95
C5' ADP M . 7.90 13.16 33.45
C4' ADP M . 7.54 12.93 34.92
O4' ADP M . 8.72 12.72 35.70
C3' ADP M . 6.82 14.15 35.49
O3' ADP M . 5.54 13.76 36.00
C2' ADP M . 7.71 14.67 36.58
O2' ADP M . 6.98 14.99 37.77
C1' ADP M . 8.74 13.58 36.84
N9 ADP M . 10.10 14.14 37.04
C8 ADP M . 11.21 13.71 36.40
N7 ADP M . 12.30 14.41 36.79
C5 ADP M . 11.89 15.31 37.70
C6 ADP M . 12.54 16.36 38.52
N6 ADP M . 13.87 16.58 38.42
N1 ADP M . 11.76 17.08 39.36
C2 ADP M . 10.44 16.87 39.46
N3 ADP M . 9.79 15.92 38.74
C4 ADP M . 10.45 15.12 37.87
H5'1 ADP M . 6.98 13.21 32.86
H5'2 ADP M . 8.42 14.11 33.35
H4' ADP M . 6.88 12.05 34.98
H3' ADP M . 6.70 14.90 34.70
HO3' ADP M . 5.02 14.56 36.21
H2' ADP M . 8.22 15.57 36.20
HO2' ADP M . 6.45 15.78 37.63
H1' ADP M . 8.43 13.03 37.75
H8 ADP M . 11.22 12.91 35.67
HN61 ADP M . 14.43 16.03 37.78
HN62 ADP M . 14.31 17.30 38.97
H2 ADP M . 9.87 17.47 40.16
#